data_6UL2
#
_entry.id   6UL2
#
_cell.length_a   73.480
_cell.length_b   157.920
_cell.length_c   113.250
_cell.angle_alpha   90.000
_cell.angle_beta   104.060
_cell.angle_gamma   90.000
#
_symmetry.space_group_name_H-M   'P 1 21 1'
#
loop_
_entity.id
_entity.type
_entity.pdbx_description
1 polymer 'Tryptophan 6-halogenase'
2 non-polymer TRYPTOPHAN
3 non-polymer 'SULFATE ION'
4 water water
#
_entity_poly.entity_id   1
_entity_poly.type   'polypeptide(L)'
_entity_poly.pdbx_seq_one_letter_code
;MDNRINRIVILGGGTAGWMTASYLAKALGDTVTITLLEAPAIGRIGVGEATVPNLQRVFFDFLGLREEEWMPECNAAFKT
AVKFINWRTPGPGEAKARTIDGRPDHFYHPFGLLPEHGQVPLSHYWAYNRAAGTTDEPFDYACFAETAAMDAVRAPKWLD
GRPATRYAWHFDAHLVAEFLRRHATERLNVEHVQGEMQQVLRDERGFITALRTVEGRDLEGDLFIDCSGFRGLLINKAME
EPFIDMNDQLLCNRAVATAIKHDDDAHGVEPYTSAIAMRSGWSWKIPMLGRFGTGYVYSSRFAEKDEATLDFCRMWGLDP
ENTPLNQVAFRVGRNRRAWVKNCVSIGLASCFLEPLESTGIYFITAAIYQLTQHFPDRTFALALSDAFNHEIEAMFDDTR
DFIQAHFYVSPRTDTPFWKANKDLHLPEQMREKIAMYKAGLPINAPVTDESTYYGRFEAEFRNFWTNGSYYCIFAGLGLR
PDNPLPMLRHRPEQVREAQALFAGVKDKQRELVETLPSNLEFLRSLHGK
;
_entity_poly.pdbx_strand_id   A,B,C,D
#
loop_
_chem_comp.id
_chem_comp.type
_chem_comp.name
_chem_comp.formula
SO4 non-polymer 'SULFATE ION' 'O4 S -2'
#
# COMPACT_ATOMS: atom_id res chain seq x y z
N ASP A 2 39.14 46.06 1.84
CA ASP A 2 38.10 45.03 1.90
C ASP A 2 38.49 43.79 1.11
N ASN A 3 39.16 42.86 1.77
CA ASN A 3 39.65 41.66 1.10
C ASN A 3 38.91 40.37 1.40
N ARG A 4 37.88 40.40 2.23
CA ARG A 4 37.27 39.12 2.64
C ARG A 4 36.44 38.44 1.56
N ILE A 5 36.39 37.10 1.65
CA ILE A 5 35.62 36.27 0.74
C ILE A 5 34.14 36.65 0.83
N ASN A 6 33.49 36.85 -0.31
CA ASN A 6 32.08 37.22 -0.35
C ASN A 6 31.20 36.11 -0.92
N ARG A 7 31.78 35.31 -1.82
CA ARG A 7 31.02 34.28 -2.52
C ARG A 7 31.81 32.97 -2.62
N ILE A 8 31.12 31.88 -2.29
CA ILE A 8 31.67 30.53 -2.37
C ILE A 8 30.82 29.68 -3.29
N VAL A 9 31.45 28.91 -4.17
CA VAL A 9 30.70 28.00 -5.04
C VAL A 9 31.23 26.57 -4.86
N ILE A 10 30.32 25.64 -4.60
CA ILE A 10 30.68 24.25 -4.39
C ILE A 10 30.21 23.40 -5.57
N LEU A 11 31.09 22.55 -6.08
CA LEU A 11 30.74 21.67 -7.19
C LEU A 11 30.54 20.25 -6.68
N GLY A 12 29.29 19.80 -6.69
CA GLY A 12 28.98 18.43 -6.31
C GLY A 12 28.03 18.35 -5.14
N GLY A 13 27.00 17.52 -5.26
CA GLY A 13 25.94 17.47 -4.29
C GLY A 13 25.74 16.12 -3.62
N GLY A 14 26.84 15.46 -3.28
CA GLY A 14 26.78 14.26 -2.48
C GLY A 14 27.09 14.63 -1.04
N THR A 15 27.50 13.64 -0.27
CA THR A 15 27.86 13.82 1.14
C THR A 15 28.87 14.96 1.34
N ALA A 16 29.94 14.96 0.56
CA ALA A 16 30.98 15.97 0.74
C ALA A 16 30.43 17.36 0.47
N GLY A 17 29.70 17.49 -0.63
CA GLY A 17 29.18 18.78 -1.05
C GLY A 17 28.28 19.40 0.02
N TRP A 18 27.32 18.62 0.51
CA TRP A 18 26.35 19.17 1.45
C TRP A 18 26.89 19.26 2.87
N MET A 19 27.85 18.41 3.23
CA MET A 19 28.53 18.63 4.50
C MET A 19 29.30 19.94 4.44
N THR A 20 29.98 20.19 3.33
CA THR A 20 30.72 21.43 3.16
C THR A 20 29.79 22.64 3.16
N ALA A 21 28.67 22.54 2.44
CA ALA A 21 27.74 23.67 2.34
C ALA A 21 27.14 24.00 3.69
N SER A 22 26.69 22.98 4.40
CA SER A 22 26.07 23.14 5.70
C SER A 22 27.03 23.78 6.70
N TYR A 23 28.23 23.23 6.81
CA TYR A 23 29.21 23.68 7.80
C TYR A 23 29.66 25.10 7.52
N LEU A 24 30.06 25.36 6.29
CA LEU A 24 30.56 26.68 5.94
C LEU A 24 29.46 27.73 6.08
N ALA A 25 28.22 27.37 5.72
CA ALA A 25 27.13 28.32 5.84
C ALA A 25 26.86 28.61 7.32
N LYS A 26 27.03 27.61 8.17
CA LYS A 26 26.81 27.83 9.58
C LYS A 26 27.94 28.68 10.14
N ALA A 27 29.15 28.44 9.67
CA ALA A 27 30.34 29.16 10.16
C ALA A 27 30.36 30.63 9.73
N LEU A 28 29.95 30.89 8.48
CA LEU A 28 30.09 32.21 7.87
C LEU A 28 28.81 33.06 7.93
N GLY A 29 27.67 32.40 8.10
CA GLY A 29 26.40 33.08 8.15
C GLY A 29 26.10 33.95 6.94
N ASP A 30 25.74 35.20 7.20
CA ASP A 30 25.31 36.11 6.15
C ASP A 30 26.47 36.82 5.48
N THR A 31 27.70 36.58 5.97
CA THR A 31 28.85 37.29 5.45
C THR A 31 29.26 36.80 4.07
N VAL A 32 28.76 35.62 3.69
CA VAL A 32 29.14 34.98 2.43
C VAL A 32 27.94 34.30 1.77
N THR A 33 27.81 34.44 0.46
CA THR A 33 26.80 33.68 -0.26
C THR A 33 27.39 32.32 -0.66
N ILE A 34 26.63 31.26 -0.41
CA ILE A 34 27.05 29.91 -0.75
C ILE A 34 26.14 29.33 -1.82
N THR A 35 26.74 28.84 -2.89
CA THR A 35 26.00 28.24 -3.99
C THR A 35 26.58 26.85 -4.30
N LEU A 36 25.71 25.84 -4.38
CA LEU A 36 26.15 24.50 -4.72
C LEU A 36 25.55 24.07 -6.05
N LEU A 37 26.44 23.69 -6.97
CA LEU A 37 26.02 23.17 -8.28
C LEU A 37 26.00 21.65 -8.23
N GLU A 38 24.85 21.07 -8.53
CA GLU A 38 24.58 19.65 -8.25
C GLU A 38 25.59 18.72 -8.92
N ALA A 39 25.81 18.93 -10.22
CA ALA A 39 26.71 18.06 -11.00
C ALA A 39 26.36 16.60 -10.73
N PRO A 40 25.16 16.18 -11.17
CA PRO A 40 24.55 14.90 -10.81
C PRO A 40 25.52 13.71 -10.89
N ALA A 41 25.62 12.97 -9.80
CA ALA A 41 26.47 11.79 -9.75
C ALA A 41 25.68 10.55 -10.14
N ILE A 42 26.39 9.49 -10.51
CA ILE A 42 25.78 8.21 -10.86
C ILE A 42 25.04 7.62 -9.65
N GLY A 43 23.86 7.05 -9.91
CA GLY A 43 23.01 6.53 -8.86
C GLY A 43 23.35 5.11 -8.41
N ARG A 44 23.86 4.99 -7.20
CA ARG A 44 24.29 3.70 -6.67
C ARG A 44 23.34 3.15 -5.61
N ILE A 45 23.34 1.83 -5.45
CA ILE A 45 22.68 1.19 -4.31
C ILE A 45 23.27 1.74 -3.02
N GLY A 46 22.43 1.96 -2.01
CA GLY A 46 22.91 2.45 -0.73
C GLY A 46 23.60 1.35 0.04
N VAL A 47 24.92 1.29 -0.05
CA VAL A 47 25.66 0.14 0.47
C VAL A 47 26.29 0.40 1.82
N GLY A 48 25.94 1.55 2.41
CA GLY A 48 26.28 1.83 3.79
C GLY A 48 27.62 2.53 3.99
N GLU A 49 27.70 3.28 5.08
CA GLU A 49 28.93 4.00 5.41
C GLU A 49 29.11 4.05 6.93
N ALA A 50 30.35 3.91 7.37
CA ALA A 50 30.68 3.89 8.79
C ALA A 50 31.43 5.17 9.16
N THR A 51 31.38 5.55 10.44
CA THR A 51 31.99 6.79 10.89
C THR A 51 32.81 6.61 12.18
N VAL A 52 33.34 7.71 12.70
CA VAL A 52 34.12 7.72 13.95
C VAL A 52 33.46 8.75 14.88
N PRO A 53 33.60 8.57 16.22
CA PRO A 53 32.89 9.37 17.22
C PRO A 53 32.89 10.89 17.04
N ASN A 54 33.96 11.48 16.50
CA ASN A 54 34.05 12.93 16.45
C ASN A 54 33.02 13.55 15.51
N LEU A 55 32.34 12.73 14.71
CA LEU A 55 31.37 13.22 13.76
C LEU A 55 30.27 14.06 14.42
N GLN A 56 29.78 13.60 15.56
CA GLN A 56 28.71 14.32 16.25
C GLN A 56 29.21 15.64 16.81
N ARG A 57 30.36 15.62 17.47
CA ARG A 57 30.87 16.81 18.15
C ARG A 57 31.42 17.87 17.20
N VAL A 58 32.14 17.42 16.17
CA VAL A 58 32.75 18.34 15.23
C VAL A 58 31.73 18.91 14.26
N PHE A 59 30.84 18.04 13.78
CA PHE A 59 29.95 18.39 12.68
C PHE A 59 28.50 18.65 13.11
N PHE A 60 27.79 17.61 13.56
CA PHE A 60 26.36 17.78 13.86
C PHE A 60 26.09 18.78 15.00
N ASP A 61 26.91 18.74 16.05
CA ASP A 61 26.77 19.69 17.15
C ASP A 61 26.99 21.11 16.68
N PHE A 62 27.87 21.29 15.71
CA PHE A 62 28.13 22.61 15.15
C PHE A 62 26.89 23.11 14.46
N LEU A 63 26.20 22.22 13.76
CA LEU A 63 24.95 22.58 13.08
C LEU A 63 23.77 22.67 14.05
N GLY A 64 23.94 22.18 15.27
CA GLY A 64 22.88 22.24 16.26
C GLY A 64 21.87 21.11 16.16
N LEU A 65 22.31 19.99 15.58
CA LEU A 65 21.43 18.86 15.32
C LEU A 65 21.74 17.66 16.23
N ARG A 66 20.79 17.30 17.09
CA ARG A 66 20.98 16.16 17.99
C ARG A 66 20.79 14.84 17.23
N GLU A 67 21.41 13.77 17.72
CA GLU A 67 21.27 12.45 17.09
C GLU A 67 19.80 12.04 17.06
N GLU A 68 19.08 12.39 18.12
CA GLU A 68 17.66 12.09 18.20
C GLU A 68 16.91 12.69 17.01
N GLU A 69 17.48 13.74 16.42
CA GLU A 69 16.84 14.39 15.27
C GLU A 69 17.37 13.85 13.93
N TRP A 70 18.68 13.76 13.76
CA TRP A 70 19.20 13.40 12.44
C TRP A 70 19.23 11.89 12.16
N MET A 71 19.42 11.06 13.19
CA MET A 71 19.49 9.60 12.98
C MET A 71 18.24 8.99 12.36
N PRO A 72 17.01 9.39 12.80
CA PRO A 72 15.83 8.82 12.16
C PRO A 72 15.66 9.22 10.71
N GLU A 73 16.22 10.36 10.33
CA GLU A 73 16.08 10.85 8.95
C GLU A 73 16.99 10.13 7.96
N CYS A 74 18.00 9.42 8.46
CA CYS A 74 19.00 8.78 7.60
CA CYS A 74 18.93 8.75 7.55
C CYS A 74 19.14 7.28 7.88
N ASN A 75 18.17 6.70 8.58
CA ASN A 75 18.20 5.30 9.02
C ASN A 75 19.53 4.91 9.68
N ALA A 76 20.07 5.80 10.49
CA ALA A 76 21.37 5.58 11.10
C ALA A 76 21.32 4.48 12.18
N ALA A 77 22.45 3.81 12.38
CA ALA A 77 22.56 2.81 13.43
C ALA A 77 23.90 3.00 14.13
N PHE A 78 24.23 2.14 15.08
CA PHE A 78 25.39 2.37 15.92
C PHE A 78 26.60 1.51 15.56
N LYS A 79 27.78 2.09 15.74
CA LYS A 79 29.06 1.43 15.55
C LYS A 79 29.90 1.55 16.83
N THR A 80 30.28 0.41 17.39
CA THR A 80 31.09 0.37 18.61
C THR A 80 32.54 0.03 18.29
N ALA A 81 32.75 -0.60 17.14
CA ALA A 81 34.08 -1.02 16.74
C ALA A 81 34.06 -1.46 15.28
N VAL A 82 35.25 -1.79 14.76
CA VAL A 82 35.36 -2.61 13.57
C VAL A 82 35.73 -4.02 14.03
N LYS A 83 35.07 -5.04 13.49
CA LYS A 83 35.35 -6.42 13.84
C LYS A 83 36.02 -7.09 12.66
N PHE A 84 37.25 -7.55 12.88
CA PHE A 84 38.05 -8.14 11.84
C PHE A 84 37.87 -9.65 11.88
N ILE A 85 37.43 -10.22 10.76
CA ILE A 85 37.10 -11.64 10.69
C ILE A 85 38.00 -12.38 9.71
N ASN A 86 38.64 -13.44 10.20
CA ASN A 86 39.49 -14.34 9.41
C ASN A 86 40.77 -13.75 8.83
N TRP A 87 41.37 -12.79 9.53
CA TRP A 87 42.61 -12.20 9.04
C TRP A 87 43.85 -13.03 9.42
N ARG A 88 43.65 -14.08 10.22
CA ARG A 88 44.78 -14.90 10.66
C ARG A 88 44.75 -16.31 10.05
N THR A 89 43.60 -16.72 9.55
CA THR A 89 43.44 -18.09 9.05
C THR A 89 43.18 -18.16 7.55
N PRO A 90 43.72 -19.20 6.91
CA PRO A 90 43.52 -19.34 5.47
C PRO A 90 42.14 -19.88 5.16
N GLY A 91 41.68 -19.68 3.94
CA GLY A 91 40.40 -20.26 3.56
C GLY A 91 39.60 -19.35 2.65
N PRO A 92 38.36 -19.75 2.38
CA PRO A 92 37.51 -19.01 1.44
C PRO A 92 37.01 -17.74 2.05
N GLY A 93 36.37 -16.88 1.26
CA GLY A 93 35.72 -15.69 1.78
C GLY A 93 34.39 -16.10 2.39
N GLU A 94 34.33 -16.17 3.70
CA GLU A 94 33.09 -16.60 4.36
C GLU A 94 32.72 -15.64 5.50
N ALA A 95 31.43 -15.52 5.77
CA ALA A 95 30.94 -14.54 6.74
C ALA A 95 31.26 -14.94 8.17
N LYS A 96 31.41 -16.24 8.40
CA LYS A 96 31.62 -16.75 9.74
C LYS A 96 33.11 -16.92 10.06
N ALA A 97 33.49 -16.57 11.27
CA ALA A 97 34.88 -16.71 11.72
C ALA A 97 35.32 -18.17 11.78
N ARG A 98 36.51 -18.46 11.26
CA ARG A 98 37.09 -19.78 11.42
C ARG A 98 37.63 -19.92 12.85
N THR A 99 37.99 -21.15 13.21
CA THR A 99 38.52 -21.46 14.53
C THR A 99 40.04 -21.41 14.53
N ILE A 100 40.60 -20.74 15.53
CA ILE A 100 42.05 -20.77 15.71
C ILE A 100 42.39 -20.83 17.20
N ASP A 101 43.14 -21.87 17.57
CA ASP A 101 43.48 -22.15 18.96
C ASP A 101 42.22 -22.17 19.83
N GLY A 102 41.20 -22.88 19.34
CA GLY A 102 39.97 -23.08 20.09
C GLY A 102 39.12 -21.83 20.25
N ARG A 103 39.47 -20.76 19.55
CA ARG A 103 38.67 -19.55 19.57
C ARG A 103 38.31 -19.13 18.15
N PRO A 104 37.19 -18.43 17.99
CA PRO A 104 36.90 -17.86 16.67
C PRO A 104 37.98 -16.86 16.24
N ASP A 105 38.32 -16.87 14.97
CA ASP A 105 39.30 -15.94 14.42
C ASP A 105 38.63 -14.60 14.19
N HIS A 106 38.48 -13.83 15.25
CA HIS A 106 38.06 -12.45 15.09
C HIS A 106 38.68 -11.60 16.18
N PHE A 107 38.82 -10.30 15.91
CA PHE A 107 39.27 -9.36 16.94
C PHE A 107 38.64 -8.02 16.67
N TYR A 108 38.53 -7.21 17.73
CA TYR A 108 37.84 -5.93 17.64
C TYR A 108 38.79 -4.77 17.68
N HIS A 109 38.39 -3.65 17.07
CA HIS A 109 39.09 -2.38 17.16
C HIS A 109 38.09 -1.31 17.62
N PRO A 110 37.90 -1.17 18.94
CA PRO A 110 36.91 -0.25 19.50
C PRO A 110 37.46 1.16 19.62
N PHE A 111 36.57 2.09 19.99
CA PHE A 111 36.95 3.47 20.18
C PHE A 111 37.36 3.70 21.63
N GLY A 112 37.64 4.95 21.97
CA GLY A 112 38.02 5.30 23.33
C GLY A 112 39.51 5.17 23.57
N LEU A 113 39.93 5.44 24.81
CA LEU A 113 41.35 5.40 25.16
C LEU A 113 41.56 4.35 26.24
N LEU A 114 42.66 3.60 26.19
CA LEU A 114 42.95 2.63 27.24
C LEU A 114 43.28 3.32 28.56
N PRO A 115 42.77 2.77 29.66
CA PRO A 115 43.18 3.31 30.96
C PRO A 115 44.64 2.99 31.24
N GLU A 116 45.20 3.67 32.23
CA GLU A 116 46.60 3.55 32.54
C GLU A 116 46.80 3.32 34.03
N HIS A 117 47.89 2.64 34.37
CA HIS A 117 48.30 2.51 35.76
C HIS A 117 49.79 2.78 35.85
N GLY A 118 50.18 3.71 36.72
CA GLY A 118 51.56 4.16 36.79
C GLY A 118 51.96 4.82 35.48
N GLN A 119 50.95 5.40 34.82
CA GLN A 119 51.06 6.04 33.51
C GLN A 119 51.53 5.10 32.40
N VAL A 120 51.35 3.80 32.61
CA VAL A 120 51.60 2.81 31.57
C VAL A 120 50.25 2.29 31.09
N PRO A 121 50.04 2.23 29.76
CA PRO A 121 48.75 1.78 29.21
C PRO A 121 48.41 0.36 29.62
N LEU A 122 47.13 0.04 29.75
CA LEU A 122 46.69 -1.29 30.12
C LEU A 122 47.22 -2.36 29.16
N SER A 123 47.41 -1.98 27.89
CA SER A 123 47.98 -2.87 26.88
C SER A 123 49.31 -3.52 27.32
N HIS A 124 50.12 -2.77 28.03
CA HIS A 124 51.45 -3.23 28.39
C HIS A 124 51.40 -4.21 29.55
N TYR A 125 50.43 -4.03 30.43
CA TYR A 125 50.18 -4.97 31.49
C TYR A 125 49.61 -6.27 30.91
N TRP A 126 48.78 -6.16 29.87
CA TRP A 126 48.29 -7.36 29.20
C TRP A 126 49.46 -8.12 28.58
N ALA A 127 50.37 -7.39 27.94
CA ALA A 127 51.52 -8.02 27.29
C ALA A 127 52.44 -8.70 28.33
N TYR A 128 52.59 -8.05 29.48
CA TYR A 128 53.34 -8.61 30.58
C TYR A 128 52.76 -9.95 31.06
N ASN A 129 51.45 -10.03 31.19
CA ASN A 129 50.80 -11.24 31.68
C ASN A 129 50.91 -12.36 30.65
N ARG A 130 50.81 -12.02 29.37
CA ARG A 130 50.94 -13.02 28.31
C ARG A 130 52.35 -13.58 28.32
N ALA A 131 53.34 -12.69 28.45
CA ALA A 131 54.74 -13.10 28.54
C ALA A 131 55.00 -13.99 29.74
N ALA A 132 54.37 -13.64 30.87
CA ALA A 132 54.53 -14.40 32.11
C ALA A 132 53.80 -15.74 32.05
N GLY A 133 52.88 -15.86 31.10
CA GLY A 133 52.17 -17.09 30.85
C GLY A 133 51.03 -17.34 31.82
N THR A 134 50.57 -16.30 32.50
CA THR A 134 49.47 -16.44 33.45
C THR A 134 48.10 -16.13 32.85
N THR A 135 48.07 -15.68 31.61
CA THR A 135 46.80 -15.52 30.90
C THR A 135 46.99 -15.92 29.45
N ASP A 136 45.91 -16.41 28.83
CA ASP A 136 45.92 -16.66 27.40
C ASP A 136 44.82 -15.85 26.71
N GLU A 137 44.25 -14.88 27.45
CA GLU A 137 43.16 -14.06 26.93
C GLU A 137 43.63 -13.11 25.81
N PRO A 138 42.82 -13.01 24.74
CA PRO A 138 43.14 -12.06 23.66
C PRO A 138 43.17 -10.63 24.19
N PHE A 139 44.00 -9.80 23.58
CA PHE A 139 44.14 -8.41 24.00
C PHE A 139 42.79 -7.68 24.09
N ASP A 140 41.93 -7.84 23.07
CA ASP A 140 40.74 -7.01 23.01
C ASP A 140 39.73 -7.41 24.09
N TYR A 141 39.62 -8.70 24.40
CA TYR A 141 38.73 -9.16 25.46
C TYR A 141 39.25 -8.85 26.87
N ALA A 142 40.56 -8.67 27.00
CA ALA A 142 41.15 -8.36 28.31
C ALA A 142 41.01 -6.87 28.64
N CYS A 143 41.17 -6.03 27.62
CA CYS A 143 41.33 -4.60 27.83
C CYS A 143 40.12 -3.73 27.47
N PHE A 144 39.16 -4.26 26.73
CA PHE A 144 37.96 -3.49 26.36
C PHE A 144 36.67 -4.16 26.85
N ALA A 145 35.86 -3.45 27.62
CA ALA A 145 34.58 -3.98 28.06
C ALA A 145 33.62 -4.09 26.88
N GLU A 146 33.85 -3.26 25.86
CA GLU A 146 33.00 -3.23 24.66
C GLU A 146 32.90 -4.58 23.95
N THR A 147 33.95 -5.38 24.03
CA THR A 147 33.96 -6.68 23.34
C THR A 147 32.76 -7.53 23.77
N ALA A 148 32.56 -7.65 25.08
CA ALA A 148 31.42 -8.38 25.62
C ALA A 148 30.07 -7.81 25.15
N ALA A 149 29.92 -6.49 25.23
CA ALA A 149 28.73 -5.80 24.73
C ALA A 149 28.41 -6.17 23.28
N MET A 150 29.43 -6.10 22.43
CA MET A 150 29.26 -6.37 21.01
C MET A 150 28.90 -7.84 20.70
N ASP A 151 29.48 -8.79 21.44
CA ASP A 151 29.16 -10.20 21.20
C ASP A 151 27.69 -10.47 21.55
N ALA A 152 27.17 -9.74 22.55
CA ALA A 152 25.76 -9.86 22.93
C ALA A 152 24.87 -8.87 22.16
N VAL A 153 25.40 -8.30 21.09
CA VAL A 153 24.74 -7.29 20.25
C VAL A 153 23.94 -6.21 21.02
N ARG A 154 24.58 -5.65 22.06
CA ARG A 154 23.97 -4.57 22.85
C ARG A 154 24.06 -3.21 22.17
N ALA A 155 23.15 -2.32 22.53
CA ALA A 155 23.24 -0.92 22.11
C ALA A 155 24.40 -0.27 22.87
N PRO A 156 24.90 0.88 22.37
CA PRO A 156 25.96 1.55 23.12
C PRO A 156 25.41 2.44 24.24
N LYS A 157 24.09 2.47 24.39
CA LYS A 157 23.43 3.31 25.40
C LYS A 157 22.23 2.58 26.00
N TRP A 158 21.84 2.97 27.20
CA TRP A 158 20.53 2.57 27.71
C TRP A 158 19.46 3.36 26.95
N LEU A 159 18.24 2.84 26.94
CA LEU A 159 17.16 3.38 26.11
C LEU A 159 16.84 4.85 26.39
N ASP A 160 17.08 5.30 27.62
CA ASP A 160 16.73 6.65 28.03
C ASP A 160 17.89 7.62 27.86
N GLY A 161 18.89 7.19 27.09
CA GLY A 161 19.98 8.06 26.71
C GLY A 161 21.28 7.86 27.48
N ARG A 162 21.19 7.23 28.65
CA ARG A 162 22.37 6.97 29.47
C ARG A 162 23.48 6.33 28.67
N PRO A 163 24.62 7.03 28.56
CA PRO A 163 25.79 6.53 27.85
C PRO A 163 26.41 5.31 28.52
N ALA A 164 27.00 4.42 27.74
CA ALA A 164 27.70 3.26 28.30
C ALA A 164 29.10 3.14 27.71
N THR A 165 29.20 3.26 26.39
CA THR A 165 30.46 3.10 25.70
C THR A 165 30.61 4.11 24.55
N ARG A 166 31.85 4.44 24.21
CA ARG A 166 32.13 5.35 23.11
C ARG A 166 31.63 4.74 21.80
N TYR A 167 30.98 5.52 20.95
CA TYR A 167 30.42 4.96 19.72
C TYR A 167 30.36 5.95 18.57
N ALA A 168 30.14 5.41 17.37
CA ALA A 168 29.90 6.22 16.19
C ALA A 168 28.71 5.62 15.42
N TRP A 169 28.66 5.85 14.10
CA TRP A 169 27.40 5.58 13.40
C TRP A 169 27.56 4.80 12.10
N HIS A 170 26.53 4.04 11.77
CA HIS A 170 26.33 3.50 10.43
C HIS A 170 25.19 4.29 9.79
N PHE A 171 25.35 4.68 8.53
CA PHE A 171 24.17 5.17 7.82
C PHE A 171 24.29 5.05 6.31
N ASP A 172 23.19 5.33 5.64
CA ASP A 172 23.14 5.42 4.18
C ASP A 172 23.53 6.83 3.81
N ALA A 173 24.67 6.99 3.12
CA ALA A 173 25.20 8.33 2.87
C ALA A 173 24.30 9.18 1.98
N HIS A 174 23.46 8.54 1.17
CA HIS A 174 22.58 9.30 0.30
C HIS A 174 21.48 9.96 1.11
N LEU A 175 20.97 9.26 2.12
CA LEU A 175 19.96 9.84 3.00
C LEU A 175 20.51 11.01 3.81
N VAL A 176 21.76 10.91 4.23
CA VAL A 176 22.40 11.97 4.99
C VAL A 176 22.58 13.22 4.12
N ALA A 177 23.02 12.99 2.89
CA ALA A 177 23.21 14.07 1.92
C ALA A 177 21.89 14.79 1.68
N GLU A 178 20.82 14.01 1.56
CA GLU A 178 19.50 14.57 1.33
C GLU A 178 19.01 15.35 2.54
N PHE A 179 19.23 14.80 3.73
CA PHE A 179 18.88 15.48 4.97
C PHE A 179 19.64 16.81 5.09
N LEU A 180 20.92 16.77 4.76
CA LEU A 180 21.76 17.98 4.83
C LEU A 180 21.42 18.99 3.75
N ARG A 181 21.03 18.49 2.58
CA ARG A 181 20.58 19.38 1.51
C ARG A 181 19.37 20.19 1.97
N ARG A 182 18.37 19.49 2.50
CA ARG A 182 17.19 20.15 3.04
C ARG A 182 17.58 21.13 4.14
N HIS A 183 18.45 20.72 5.05
CA HIS A 183 18.89 21.60 6.13
C HIS A 183 19.56 22.88 5.64
N ALA A 184 20.52 22.74 4.73
CA ALA A 184 21.30 23.89 4.24
C ALA A 184 20.46 24.88 3.44
N THR A 185 19.57 24.37 2.60
CA THR A 185 18.75 25.21 1.74
C THR A 185 17.58 25.86 2.48
N GLU A 186 16.96 25.12 3.39
CA GLU A 186 15.81 25.62 4.13
C GLU A 186 16.21 26.50 5.31
N ARG A 187 17.35 26.18 5.93
CA ARG A 187 17.74 26.83 7.19
C ARG A 187 19.00 27.69 7.10
N LEU A 188 19.88 27.40 6.15
CA LEU A 188 21.17 28.11 6.10
C LEU A 188 21.32 28.94 4.83
N ASN A 189 20.24 29.03 4.07
CA ASN A 189 20.16 29.88 2.88
C ASN A 189 21.26 29.61 1.84
N VAL A 190 21.64 28.35 1.69
CA VAL A 190 22.50 27.91 0.60
C VAL A 190 21.62 27.76 -0.66
N GLU A 191 22.09 28.25 -1.80
CA GLU A 191 21.33 28.09 -3.05
C GLU A 191 21.74 26.82 -3.80
N HIS A 192 20.77 25.92 -3.98
CA HIS A 192 20.98 24.71 -4.76
C HIS A 192 20.74 24.98 -6.24
N VAL A 193 21.75 24.79 -7.07
CA VAL A 193 21.55 24.90 -8.52
C VAL A 193 21.66 23.52 -9.19
N GLN A 194 20.60 23.14 -9.89
CA GLN A 194 20.58 21.84 -10.56
C GLN A 194 21.40 21.88 -11.84
N GLY A 195 21.92 20.73 -12.26
CA GLY A 195 22.52 20.61 -13.57
C GLY A 195 24.01 20.40 -13.64
N GLU A 196 24.52 20.40 -14.87
CA GLU A 196 25.91 20.09 -15.15
C GLU A 196 26.73 21.36 -15.32
N MET A 197 28.02 21.26 -15.07
CA MET A 197 28.93 22.37 -15.33
C MET A 197 29.35 22.36 -16.79
N GLN A 198 29.07 23.44 -17.49
CA GLN A 198 29.47 23.59 -18.88
C GLN A 198 30.98 23.82 -18.98
N GLN A 199 31.48 24.79 -18.24
CA GLN A 199 32.90 25.12 -18.25
C GLN A 199 33.30 25.94 -17.03
N VAL A 200 34.59 25.93 -16.71
CA VAL A 200 35.13 26.68 -15.57
C VAL A 200 35.92 27.87 -16.09
N LEU A 201 35.52 29.07 -15.68
CA LEU A 201 36.13 30.31 -16.15
C LEU A 201 37.29 30.73 -15.26
N ARG A 202 38.44 31.00 -15.87
CA ARG A 202 39.64 31.36 -15.13
C ARG A 202 40.17 32.71 -15.60
N ASP A 203 40.99 33.37 -14.78
CA ASP A 203 41.57 34.66 -15.14
C ASP A 203 43.03 34.51 -15.59
N GLU A 204 43.72 35.63 -15.78
CA GLU A 204 45.10 35.60 -16.29
C GLU A 204 46.09 34.90 -15.35
N ARG A 205 45.72 34.74 -14.09
CA ARG A 205 46.60 34.08 -13.13
C ARG A 205 46.14 32.66 -12.82
N GLY A 206 45.16 32.18 -13.59
CA GLY A 206 44.67 30.82 -13.43
C GLY A 206 43.75 30.59 -12.25
N PHE A 207 43.32 31.65 -11.58
CA PHE A 207 42.32 31.51 -10.53
C PHE A 207 40.95 31.29 -11.18
N ILE A 208 40.09 30.51 -10.55
CA ILE A 208 38.71 30.35 -11.05
C ILE A 208 37.91 31.61 -10.72
N THR A 209 37.11 32.09 -11.68
CA THR A 209 36.28 33.26 -11.43
C THR A 209 34.78 32.91 -11.46
N ALA A 210 34.43 31.81 -12.13
CA ALA A 210 33.03 31.40 -12.22
C ALA A 210 32.87 29.98 -12.73
N LEU A 211 31.80 29.31 -12.31
CA LEU A 211 31.40 28.06 -12.92
C LEU A 211 30.21 28.37 -13.83
N ARG A 212 30.30 28.00 -15.09
CA ARG A 212 29.22 28.25 -16.04
C ARG A 212 28.33 27.00 -16.19
N THR A 213 27.03 27.17 -15.96
CA THR A 213 26.09 26.05 -16.01
C THR A 213 25.63 25.80 -17.44
N VAL A 214 25.09 24.62 -17.70
CA VAL A 214 24.70 24.25 -19.07
C VAL A 214 23.62 25.15 -19.64
N GLU A 215 22.85 25.80 -18.77
CA GLU A 215 21.88 26.80 -19.22
C GLU A 215 22.53 28.17 -19.31
N GLY A 216 23.86 28.21 -19.26
CA GLY A 216 24.61 29.42 -19.55
C GLY A 216 24.74 30.40 -18.40
N ARG A 217 24.36 29.98 -17.20
CA ARG A 217 24.46 30.84 -16.03
C ARG A 217 25.87 30.79 -15.41
N ASP A 218 26.44 31.95 -15.13
CA ASP A 218 27.76 32.01 -14.49
C ASP A 218 27.62 32.11 -12.97
N LEU A 219 28.08 31.07 -12.29
CA LEU A 219 28.10 31.07 -10.83
C LEU A 219 29.43 31.64 -10.36
N GLU A 220 29.47 32.96 -10.19
CA GLU A 220 30.70 33.66 -9.87
C GLU A 220 31.04 33.49 -8.39
N GLY A 221 32.33 33.51 -8.09
CA GLY A 221 32.78 33.37 -6.71
C GLY A 221 34.24 33.70 -6.53
N ASP A 222 34.65 33.77 -5.27
CA ASP A 222 36.03 34.03 -4.90
C ASP A 222 36.75 32.74 -4.54
N LEU A 223 35.99 31.79 -4.01
CA LEU A 223 36.52 30.52 -3.54
C LEU A 223 35.65 29.35 -4.03
N PHE A 224 36.30 28.30 -4.52
CA PHE A 224 35.59 27.18 -5.12
C PHE A 224 36.01 25.87 -4.46
N ILE A 225 35.00 25.08 -4.07
CA ILE A 225 35.22 23.80 -3.41
C ILE A 225 34.94 22.67 -4.40
N ASP A 226 35.91 21.81 -4.64
CA ASP A 226 35.66 20.69 -5.55
C ASP A 226 35.18 19.47 -4.77
N CYS A 227 33.87 19.21 -4.83
CA CYS A 227 33.29 18.01 -4.22
C CYS A 227 32.71 17.07 -5.29
N SER A 228 33.40 16.97 -6.42
CA SER A 228 32.84 16.24 -7.56
C SER A 228 33.24 14.76 -7.54
N GLY A 229 33.89 14.32 -6.47
CA GLY A 229 34.26 12.92 -6.33
C GLY A 229 35.51 12.55 -7.12
N PHE A 230 35.61 11.28 -7.52
CA PHE A 230 36.76 10.77 -8.26
C PHE A 230 37.04 11.57 -9.53
N ARG A 231 36.00 12.18 -10.08
CA ARG A 231 36.11 13.01 -11.28
C ARG A 231 37.08 14.19 -11.14
N GLY A 232 37.15 14.79 -9.95
CA GLY A 232 38.03 15.91 -9.69
C GLY A 232 37.94 17.00 -10.74
N LEU A 233 36.71 17.38 -11.08
CA LEU A 233 36.45 18.24 -12.24
C LEU A 233 37.17 19.59 -12.18
N LEU A 234 37.35 20.13 -10.97
CA LEU A 234 38.11 21.38 -10.79
C LEU A 234 39.58 21.11 -10.47
N ILE A 235 39.85 20.41 -9.36
CA ILE A 235 41.21 20.28 -8.86
C ILE A 235 42.15 19.52 -9.82
N ASN A 236 41.63 18.50 -10.50
CA ASN A 236 42.45 17.71 -11.43
C ASN A 236 42.33 18.19 -12.88
N LYS A 237 41.11 18.45 -13.31
CA LYS A 237 40.86 18.73 -14.71
C LYS A 237 41.13 20.19 -15.07
N ALA A 238 40.52 21.11 -14.33
CA ALA A 238 40.69 22.54 -14.57
C ALA A 238 42.04 23.06 -14.09
N MET A 239 42.39 22.78 -12.83
CA MET A 239 43.61 23.34 -12.26
C MET A 239 44.86 22.52 -12.60
N GLU A 240 44.66 21.36 -13.23
CA GLU A 240 45.76 20.49 -13.66
C GLU A 240 46.67 20.04 -12.51
N GLU A 241 46.09 19.80 -11.34
CA GLU A 241 46.88 19.27 -10.23
C GLU A 241 46.99 17.75 -10.36
N PRO A 242 48.21 17.22 -10.38
CA PRO A 242 48.44 15.77 -10.54
C PRO A 242 47.89 14.98 -9.36
N PHE A 243 47.33 13.80 -9.64
CA PHE A 243 46.91 12.87 -8.59
C PHE A 243 48.05 11.87 -8.34
N ILE A 244 48.39 11.64 -7.08
CA ILE A 244 49.44 10.67 -6.76
C ILE A 244 48.78 9.33 -6.48
N ASP A 245 48.99 8.39 -7.40
CA ASP A 245 48.45 7.04 -7.33
C ASP A 245 49.24 6.23 -6.29
N MET A 246 48.56 5.66 -5.31
CA MET A 246 49.25 4.92 -4.25
C MET A 246 48.80 3.46 -4.24
N ASN A 247 48.39 2.99 -5.41
CA ASN A 247 47.93 1.62 -5.58
C ASN A 247 49.09 0.62 -5.51
N ASP A 248 50.31 1.15 -5.54
CA ASP A 248 51.50 0.32 -5.39
C ASP A 248 51.64 -0.17 -3.94
N GLN A 249 51.11 0.63 -3.02
CA GLN A 249 51.24 0.39 -1.58
C GLN A 249 49.99 -0.25 -0.99
N LEU A 250 48.84 0.09 -1.54
CA LEU A 250 47.58 -0.52 -1.17
C LEU A 250 46.98 -1.10 -2.46
N LEU A 251 46.93 -2.42 -2.53
CA LEU A 251 46.67 -3.12 -3.79
C LEU A 251 45.22 -3.08 -4.22
N CYS A 252 44.31 -2.95 -3.28
CA CYS A 252 42.90 -3.02 -3.60
C CYS A 252 42.48 -1.76 -4.36
N ASN A 253 41.71 -1.95 -5.42
CA ASN A 253 41.31 -0.88 -6.32
C ASN A 253 39.93 -1.06 -6.94
N ARG A 254 39.19 -2.08 -6.48
CA ARG A 254 37.85 -2.39 -6.98
C ARG A 254 36.93 -2.74 -5.83
N ALA A 255 35.63 -2.55 -6.05
CA ALA A 255 34.64 -3.12 -5.14
C ALA A 255 33.39 -3.61 -5.88
N VAL A 256 32.75 -4.63 -5.31
CA VAL A 256 31.45 -5.11 -5.76
C VAL A 256 30.55 -5.13 -4.53
N ALA A 257 29.42 -4.43 -4.60
CA ALA A 257 28.65 -4.15 -3.40
C ALA A 257 27.14 -4.21 -3.61
N THR A 258 26.41 -4.33 -2.49
CA THR A 258 24.96 -4.32 -2.53
C THR A 258 24.41 -4.12 -1.11
N ALA A 259 23.09 -3.99 -1.01
CA ALA A 259 22.42 -3.93 0.28
C ALA A 259 21.53 -5.14 0.41
N ILE A 260 21.52 -5.77 1.58
CA ILE A 260 20.77 -6.99 1.78
C ILE A 260 19.76 -6.82 2.90
N LYS A 261 18.51 -7.17 2.63
CA LYS A 261 17.46 -7.09 3.64
C LYS A 261 17.66 -8.15 4.73
N HIS A 262 17.46 -7.74 5.99
CA HIS A 262 17.79 -8.63 7.10
C HIS A 262 16.67 -8.77 8.13
N ASP A 263 16.48 -10.00 8.59
CA ASP A 263 15.51 -10.27 9.64
C ASP A 263 16.19 -10.11 11.01
N ASP A 264 15.98 -8.96 11.62
CA ASP A 264 16.69 -8.61 12.85
C ASP A 264 16.19 -9.37 14.07
N ASP A 265 15.00 -9.93 13.98
CA ASP A 265 14.43 -10.65 15.12
C ASP A 265 15.16 -11.97 15.36
N ALA A 266 15.78 -12.50 14.30
CA ALA A 266 16.52 -13.74 14.42
C ALA A 266 17.77 -13.56 15.28
N HIS A 267 18.64 -12.61 14.93
CA HIS A 267 19.92 -12.47 15.60
C HIS A 267 20.29 -11.02 15.95
N GLY A 268 19.34 -10.10 15.81
CA GLY A 268 19.60 -8.71 16.17
C GLY A 268 20.38 -7.94 15.13
N VAL A 269 20.83 -6.73 15.50
CA VAL A 269 21.64 -5.88 14.63
C VAL A 269 23.03 -5.70 15.25
N GLU A 270 24.06 -6.12 14.52
CA GLU A 270 25.43 -6.03 15.02
C GLU A 270 25.87 -4.56 15.18
N PRO A 271 26.20 -4.17 16.40
CA PRO A 271 26.61 -2.77 16.64
C PRO A 271 28.08 -2.54 16.29
N TYR A 272 28.47 -3.05 15.13
CA TYR A 272 29.83 -2.87 14.65
C TYR A 272 29.93 -3.11 13.15
N THR A 273 30.94 -2.51 12.54
CA THR A 273 31.27 -2.76 11.15
C THR A 273 32.17 -3.99 11.09
N SER A 274 31.89 -4.92 10.20
CA SER A 274 32.76 -6.09 10.04
C SER A 274 33.68 -5.89 8.85
N ALA A 275 34.90 -6.39 8.96
CA ALA A 275 35.81 -6.41 7.84
C ALA A 275 36.26 -7.86 7.67
N ILE A 276 35.67 -8.52 6.68
CA ILE A 276 35.80 -9.97 6.50
C ILE A 276 36.89 -10.28 5.47
N ALA A 277 37.97 -10.96 5.90
CA ALA A 277 39.07 -11.31 4.99
C ALA A 277 38.60 -12.22 3.86
N MET A 278 39.02 -11.90 2.64
CA MET A 278 38.64 -12.70 1.46
C MET A 278 39.90 -13.24 0.76
N ARG A 279 39.72 -13.96 -0.35
CA ARG A 279 40.88 -14.55 -1.01
C ARG A 279 41.78 -13.47 -1.63
N SER A 280 41.18 -12.38 -2.10
CA SER A 280 41.95 -11.32 -2.79
C SER A 280 41.55 -9.92 -2.34
N GLY A 281 41.17 -9.80 -1.06
CA GLY A 281 40.81 -8.52 -0.49
C GLY A 281 40.08 -8.78 0.81
N TRP A 282 39.03 -8.00 1.03
CA TRP A 282 38.24 -8.05 2.26
C TRP A 282 36.85 -7.48 2.01
N SER A 283 35.83 -7.94 2.74
CA SER A 283 34.47 -7.43 2.56
C SER A 283 33.99 -6.65 3.78
N TRP A 284 33.31 -5.54 3.55
CA TRP A 284 32.67 -4.86 4.67
C TRP A 284 31.25 -5.35 4.88
N LYS A 285 30.79 -5.17 6.11
CA LYS A 285 29.39 -5.34 6.48
C LYS A 285 28.99 -4.19 7.41
N ILE A 286 27.99 -3.42 6.99
CA ILE A 286 27.53 -2.25 7.74
C ILE A 286 26.05 -2.41 8.05
N PRO A 287 25.75 -2.95 9.24
CA PRO A 287 24.37 -3.25 9.62
C PRO A 287 23.57 -2.02 10.06
N MET A 288 22.37 -1.89 9.53
CA MET A 288 21.38 -0.94 10.01
C MET A 288 20.10 -1.69 10.33
N LEU A 289 19.08 -0.97 10.81
CA LEU A 289 17.79 -1.59 11.10
C LEU A 289 17.18 -2.18 9.83
N GLY A 290 16.88 -3.48 9.86
CA GLY A 290 16.20 -4.15 8.76
C GLY A 290 17.05 -4.52 7.55
N ARG A 291 18.30 -4.09 7.53
CA ARG A 291 19.14 -4.32 6.35
C ARG A 291 20.61 -4.02 6.65
N PHE A 292 21.51 -4.69 5.95
CA PHE A 292 22.92 -4.33 6.03
C PHE A 292 23.51 -4.07 4.65
N GLY A 293 24.50 -3.17 4.61
CA GLY A 293 25.26 -2.90 3.41
C GLY A 293 26.55 -3.73 3.41
N THR A 294 26.96 -4.21 2.25
CA THR A 294 28.13 -5.06 2.18
C THR A 294 28.82 -4.91 0.83
N GLY A 295 30.14 -4.98 0.84
CA GLY A 295 30.89 -4.89 -0.39
C GLY A 295 32.19 -5.63 -0.28
N TYR A 296 32.62 -6.25 -1.39
CA TYR A 296 33.91 -6.91 -1.50
C TYR A 296 34.92 -5.97 -2.14
N VAL A 297 35.87 -5.50 -1.33
CA VAL A 297 36.97 -4.70 -1.80
C VAL A 297 38.10 -5.62 -2.24
N TYR A 298 38.47 -5.55 -3.52
CA TYR A 298 39.53 -6.44 -4.01
C TYR A 298 40.53 -5.77 -4.95
N SER A 299 41.59 -6.51 -5.25
CA SER A 299 42.63 -6.02 -6.12
C SER A 299 42.53 -6.69 -7.49
N SER A 300 42.39 -5.86 -8.52
CA SER A 300 42.22 -6.39 -9.87
C SER A 300 43.48 -7.08 -10.36
N ARG A 301 44.61 -6.78 -9.71
CA ARG A 301 45.84 -7.50 -10.03
C ARG A 301 45.74 -8.96 -9.61
N PHE A 302 44.84 -9.27 -8.69
CA PHE A 302 44.82 -10.63 -8.15
C PHE A 302 43.51 -11.40 -8.34
N ALA A 303 42.45 -10.69 -8.73
CA ALA A 303 41.18 -11.37 -9.03
C ALA A 303 40.51 -10.75 -10.23
N GLU A 304 39.87 -11.61 -11.02
CA GLU A 304 39.00 -11.19 -12.11
C GLU A 304 37.68 -10.61 -11.55
N LYS A 305 37.03 -9.76 -12.33
CA LYS A 305 35.74 -9.18 -11.93
C LYS A 305 34.70 -10.27 -11.59
N ASP A 306 34.55 -11.24 -12.48
CA ASP A 306 33.54 -12.28 -12.29
C ASP A 306 33.85 -13.13 -11.06
N GLU A 307 35.13 -13.43 -10.88
CA GLU A 307 35.61 -14.10 -9.67
C GLU A 307 35.15 -13.39 -8.38
N ALA A 308 35.43 -12.10 -8.30
CA ALA A 308 35.08 -11.31 -7.13
C ALA A 308 33.57 -11.31 -6.91
N THR A 309 32.84 -11.00 -7.97
CA THR A 309 31.39 -10.97 -7.96
C THR A 309 30.81 -12.27 -7.42
N LEU A 310 31.31 -13.39 -7.94
CA LEU A 310 30.80 -14.69 -7.53
C LEU A 310 31.18 -15.03 -6.09
N ASP A 311 32.43 -14.75 -5.72
CA ASP A 311 32.87 -14.97 -4.34
C ASP A 311 31.98 -14.17 -3.37
N PHE A 312 31.73 -12.92 -3.73
CA PHE A 312 30.89 -12.01 -2.96
C PHE A 312 29.50 -12.59 -2.80
N CYS A 313 28.87 -12.95 -3.92
CA CYS A 313 27.54 -13.52 -3.86
C CYS A 313 27.51 -14.84 -3.09
N ARG A 314 28.53 -15.68 -3.28
CA ARG A 314 28.56 -16.97 -2.59
C ARG A 314 28.58 -16.79 -1.08
N MET A 315 29.34 -15.81 -0.61
CA MET A 315 29.45 -15.59 0.83
C MET A 315 28.11 -15.21 1.43
N TRP A 316 27.29 -14.47 0.68
CA TRP A 316 26.01 -14.02 1.21
C TRP A 316 24.86 -14.89 0.73
N GLY A 317 25.15 -15.92 -0.04
CA GLY A 317 24.13 -16.82 -0.54
C GLY A 317 23.19 -16.12 -1.50
N LEU A 318 23.74 -15.22 -2.30
CA LEU A 318 22.96 -14.49 -3.28
C LEU A 318 23.04 -15.15 -4.65
N ASP A 319 21.96 -15.05 -5.42
CA ASP A 319 21.95 -15.46 -6.80
C ASP A 319 22.62 -14.37 -7.64
N PRO A 320 23.82 -14.65 -8.15
CA PRO A 320 24.58 -13.66 -8.92
C PRO A 320 23.84 -13.16 -10.17
N GLU A 321 22.96 -13.98 -10.71
CA GLU A 321 22.22 -13.60 -11.91
C GLU A 321 21.08 -12.64 -11.60
N ASN A 322 20.51 -12.74 -10.39
CA ASN A 322 19.37 -11.94 -10.00
C ASN A 322 19.63 -11.09 -8.76
N THR A 323 20.78 -10.41 -8.74
CA THR A 323 21.13 -9.53 -7.64
C THR A 323 21.63 -8.19 -8.18
N PRO A 324 20.98 -7.09 -7.78
CA PRO A 324 21.53 -5.77 -8.11
C PRO A 324 22.88 -5.56 -7.43
N LEU A 325 23.91 -5.30 -8.24
CA LEU A 325 25.25 -5.07 -7.71
C LEU A 325 25.84 -3.75 -8.19
N ASN A 326 26.52 -3.05 -7.28
CA ASN A 326 27.37 -1.94 -7.62
C ASN A 326 28.77 -2.42 -7.94
N GLN A 327 29.23 -2.12 -9.16
CA GLN A 327 30.59 -2.46 -9.59
C GLN A 327 31.38 -1.16 -9.72
N VAL A 328 32.33 -0.96 -8.81
CA VAL A 328 33.03 0.30 -8.71
C VAL A 328 34.54 0.16 -8.83
N ALA A 329 35.15 1.04 -9.61
CA ALA A 329 36.60 1.16 -9.69
C ALA A 329 37.05 2.30 -8.79
N PHE A 330 38.09 2.04 -7.98
CA PHE A 330 38.57 2.99 -6.99
C PHE A 330 39.78 3.80 -7.44
N ARG A 331 39.85 5.06 -6.99
CA ARG A 331 41.04 5.88 -7.15
C ARG A 331 41.77 5.95 -5.81
N VAL A 332 42.90 5.27 -5.70
CA VAL A 332 43.59 5.17 -4.41
C VAL A 332 44.81 6.09 -4.37
N GLY A 333 44.84 7.01 -3.40
CA GLY A 333 45.89 8.00 -3.35
C GLY A 333 45.34 9.39 -3.01
N ARG A 334 46.11 10.43 -3.34
CA ARG A 334 45.71 11.78 -3.06
C ARG A 334 46.34 12.72 -4.05
N ASN A 335 45.78 13.91 -4.15
CA ASN A 335 46.39 14.95 -4.97
C ASN A 335 47.74 15.34 -4.37
N ARG A 336 48.63 15.83 -5.23
CA ARG A 336 49.89 16.39 -4.80
C ARG A 336 49.58 17.48 -3.77
N ARG A 337 48.57 18.29 -4.08
CA ARG A 337 48.06 19.30 -3.15
C ARG A 337 46.53 19.29 -3.15
N ALA A 338 45.93 19.37 -1.96
CA ALA A 338 44.47 19.37 -1.85
C ALA A 338 43.88 20.73 -2.22
N TRP A 339 44.65 21.78 -1.97
CA TRP A 339 44.21 23.15 -2.20
C TRP A 339 45.20 23.85 -3.12
N VAL A 340 44.71 24.30 -4.28
CA VAL A 340 45.53 24.98 -5.26
C VAL A 340 44.87 26.31 -5.68
N LYS A 341 45.62 27.40 -5.63
CA LYS A 341 45.08 28.74 -5.91
C LYS A 341 43.79 28.96 -5.10
N ASN A 342 42.65 29.13 -5.77
CA ASN A 342 41.39 29.31 -5.05
C ASN A 342 40.46 28.12 -5.18
N CYS A 343 41.04 26.94 -5.39
CA CYS A 343 40.28 25.69 -5.51
C CYS A 343 40.67 24.71 -4.39
N VAL A 344 39.72 24.37 -3.53
CA VAL A 344 39.93 23.41 -2.44
C VAL A 344 39.17 22.09 -2.69
N SER A 345 39.89 20.99 -2.80
CA SER A 345 39.23 19.69 -3.01
C SER A 345 38.89 19.05 -1.66
N ILE A 346 37.70 18.48 -1.57
CA ILE A 346 37.22 17.84 -0.35
C ILE A 346 36.51 16.52 -0.71
N GLY A 347 36.76 15.46 0.06
CA GLY A 347 36.15 14.16 -0.24
C GLY A 347 36.92 13.41 -1.31
N LEU A 348 36.22 12.61 -2.13
CA LEU A 348 36.90 11.78 -3.14
C LEU A 348 37.68 12.60 -4.15
N ALA A 349 37.27 13.86 -4.35
CA ALA A 349 37.99 14.77 -5.22
C ALA A 349 39.42 14.99 -4.71
N SER A 350 39.60 14.90 -3.39
CA SER A 350 40.89 15.16 -2.78
C SER A 350 41.75 13.90 -2.61
N CYS A 351 41.16 12.85 -2.06
CA CYS A 351 41.90 11.64 -1.73
C CYS A 351 40.98 10.45 -1.45
N PHE A 352 41.54 9.26 -1.44
CA PHE A 352 40.74 8.10 -1.13
C PHE A 352 41.59 6.91 -0.70
N LEU A 353 41.11 6.22 0.32
CA LEU A 353 41.66 4.92 0.74
C LEU A 353 40.50 3.96 0.89
N GLU A 354 40.76 2.67 0.65
CA GLU A 354 39.74 1.66 0.90
C GLU A 354 39.20 1.80 2.31
N PRO A 355 37.91 1.52 2.50
CA PRO A 355 37.30 1.95 3.78
C PRO A 355 37.53 0.94 4.91
N LEU A 356 38.74 0.43 5.02
CA LEU A 356 39.03 -0.59 6.02
C LEU A 356 38.82 -0.09 7.45
N GLU A 357 39.14 1.18 7.69
CA GLU A 357 38.96 1.75 9.01
C GLU A 357 38.05 2.99 8.99
N SER A 358 37.04 2.97 8.11
CA SER A 358 36.00 4.00 8.09
C SER A 358 36.55 5.43 8.11
N THR A 359 37.34 5.79 7.12
CA THR A 359 37.99 7.10 7.10
C THR A 359 37.29 8.12 6.21
N GLY A 360 36.36 7.66 5.38
CA GLY A 360 35.73 8.51 4.39
C GLY A 360 35.13 9.80 4.94
N ILE A 361 34.07 9.65 5.74
CA ILE A 361 33.39 10.82 6.31
C ILE A 361 34.38 11.63 7.16
N TYR A 362 35.26 10.94 7.88
CA TYR A 362 36.23 11.60 8.73
C TYR A 362 37.14 12.54 7.94
N PHE A 363 37.64 12.07 6.79
CA PHE A 363 38.48 12.91 5.92
C PHE A 363 37.74 14.18 5.45
N ILE A 364 36.46 14.06 5.13
CA ILE A 364 35.65 15.21 4.78
C ILE A 364 35.57 16.19 5.95
N THR A 365 35.14 15.67 7.10
CA THR A 365 35.00 16.43 8.33
C THR A 365 36.28 17.18 8.69
N ALA A 366 37.41 16.49 8.59
CA ALA A 366 38.69 17.08 8.92
C ALA A 366 39.04 18.16 7.92
N ALA A 367 38.76 17.90 6.63
CA ALA A 367 39.06 18.84 5.56
C ALA A 367 38.27 20.13 5.73
N ILE A 368 36.99 19.94 6.03
CA ILE A 368 36.10 21.05 6.32
C ILE A 368 36.59 21.85 7.51
N TYR A 369 36.88 21.14 8.60
CA TYR A 369 37.32 21.80 9.82
C TYR A 369 38.62 22.56 9.57
N GLN A 370 39.57 21.92 8.90
CA GLN A 370 40.85 22.57 8.63
C GLN A 370 40.70 23.72 7.63
N LEU A 371 39.73 23.63 6.72
CA LEU A 371 39.53 24.77 5.82
C LEU A 371 39.10 26.00 6.61
N THR A 372 38.24 25.83 7.60
CA THR A 372 37.80 26.99 8.38
C THR A 372 38.94 27.50 9.25
N GLN A 373 39.79 26.60 9.74
CA GLN A 373 40.98 27.00 10.51
C GLN A 373 41.97 27.79 9.69
N HIS A 374 42.06 27.49 8.39
CA HIS A 374 42.97 28.19 7.51
C HIS A 374 42.24 29.05 6.48
N PHE A 375 41.06 29.55 6.86
CA PHE A 375 40.18 30.18 5.88
C PHE A 375 40.82 31.43 5.28
N PRO A 376 40.76 31.57 3.96
CA PRO A 376 41.47 32.66 3.29
C PRO A 376 40.66 33.93 3.20
N ASP A 377 41.34 35.02 2.84
CA ASP A 377 40.68 36.18 2.26
C ASP A 377 41.08 36.24 0.78
N ARG A 378 40.71 37.31 0.07
CA ARG A 378 40.92 37.33 -1.38
C ARG A 378 42.37 37.51 -1.80
N THR A 379 43.27 37.75 -0.85
CA THR A 379 44.69 37.82 -1.19
C THR A 379 45.25 36.39 -1.32
N PHE A 380 44.56 35.43 -0.71
CA PHE A 380 44.97 34.02 -0.73
C PHE A 380 46.45 33.82 -0.39
N ALA A 381 46.81 34.23 0.83
CA ALA A 381 48.19 34.08 1.29
C ALA A 381 48.60 32.61 1.24
N LEU A 382 49.75 32.35 0.64
CA LEU A 382 50.24 30.99 0.44
C LEU A 382 50.40 30.18 1.73
N ALA A 383 50.77 30.85 2.82
CA ALA A 383 51.02 30.15 4.08
C ALA A 383 49.76 29.44 4.55
N LEU A 384 48.60 30.00 4.21
CA LEU A 384 47.33 29.36 4.56
C LEU A 384 47.10 28.05 3.81
N SER A 385 47.22 28.08 2.49
CA SER A 385 46.99 26.86 1.71
C SER A 385 48.09 25.84 1.93
N ASP A 386 49.33 26.31 2.06
CA ASP A 386 50.46 25.42 2.37
C ASP A 386 50.23 24.69 3.67
N ALA A 387 49.81 25.41 4.71
CA ALA A 387 49.53 24.80 6.00
C ALA A 387 48.38 23.78 5.87
N PHE A 388 47.31 24.19 5.21
CA PHE A 388 46.19 23.28 4.96
C PHE A 388 46.66 22.02 4.23
N ASN A 389 47.42 22.20 3.16
CA ASN A 389 47.89 21.07 2.36
C ASN A 389 48.74 20.10 3.20
N HIS A 390 49.57 20.64 4.09
CA HIS A 390 50.42 19.79 4.94
C HIS A 390 49.61 18.94 5.92
N GLU A 391 48.60 19.54 6.54
CA GLU A 391 47.72 18.82 7.46
C GLU A 391 46.94 17.73 6.74
N ILE A 392 46.43 18.04 5.55
CA ILE A 392 45.71 17.05 4.74
C ILE A 392 46.64 15.92 4.31
N GLU A 393 47.80 16.26 3.79
CA GLU A 393 48.80 15.27 3.40
C GLU A 393 49.22 14.37 4.58
N ALA A 394 49.53 14.96 5.72
CA ALA A 394 50.00 14.19 6.88
C ALA A 394 48.90 13.26 7.42
N MET A 395 47.68 13.78 7.50
CA MET A 395 46.50 12.98 7.84
C MET A 395 46.33 11.76 6.92
N PHE A 396 46.37 12.00 5.62
CA PHE A 396 46.14 10.91 4.68
C PHE A 396 47.22 9.85 4.77
N ASP A 397 48.48 10.29 4.69
CA ASP A 397 49.60 9.36 4.61
C ASP A 397 49.72 8.53 5.90
N ASP A 398 49.42 9.15 7.04
CA ASP A 398 49.41 8.45 8.32
C ASP A 398 48.45 7.26 8.30
N THR A 399 47.21 7.53 7.91
CA THR A 399 46.19 6.49 7.84
C THR A 399 46.45 5.47 6.73
N ARG A 400 46.93 5.93 5.58
CA ARG A 400 47.36 5.04 4.51
C ARG A 400 48.38 4.01 5.03
N ASP A 401 49.41 4.49 5.72
CA ASP A 401 50.41 3.59 6.28
C ASP A 401 49.80 2.62 7.29
N PHE A 402 48.86 3.12 8.08
CA PHE A 402 48.17 2.32 9.09
C PHE A 402 47.35 1.19 8.44
N ILE A 403 46.62 1.55 7.39
CA ILE A 403 45.86 0.56 6.64
C ILE A 403 46.78 -0.51 6.05
N GLN A 404 47.89 -0.09 5.46
CA GLN A 404 48.83 -1.03 4.86
C GLN A 404 49.31 -2.06 5.87
N ALA A 405 49.49 -1.59 7.10
CA ALA A 405 49.97 -2.45 8.18
C ALA A 405 49.05 -3.64 8.46
N HIS A 406 47.74 -3.48 8.24
CA HIS A 406 46.78 -4.56 8.45
C HIS A 406 47.09 -5.76 7.56
N PHE A 407 47.42 -5.47 6.29
CA PHE A 407 47.79 -6.51 5.30
C PHE A 407 49.21 -7.03 5.47
N TYR A 408 50.13 -6.15 5.84
CA TYR A 408 51.54 -6.51 6.00
C TYR A 408 51.76 -7.40 7.24
N VAL A 409 51.08 -7.07 8.31
CA VAL A 409 51.25 -7.77 9.58
C VAL A 409 50.37 -9.03 9.66
N SER A 410 49.33 -9.12 8.84
CA SER A 410 48.54 -10.34 8.75
C SER A 410 49.44 -11.54 8.48
N PRO A 411 49.24 -12.65 9.20
CA PRO A 411 50.12 -13.79 8.94
C PRO A 411 49.72 -14.59 7.70
N ARG A 412 48.59 -14.25 7.09
CA ARG A 412 48.14 -15.02 5.93
C ARG A 412 49.11 -14.95 4.76
N THR A 413 49.35 -16.09 4.14
CA THR A 413 50.14 -16.15 2.92
C THR A 413 49.52 -17.16 1.93
N ASP A 414 48.26 -17.51 2.12
CA ASP A 414 47.69 -18.66 1.42
C ASP A 414 47.24 -18.36 -0.01
N THR A 415 47.09 -17.08 -0.35
CA THR A 415 46.78 -16.70 -1.74
C THR A 415 47.83 -15.73 -2.24
N PRO A 416 47.95 -15.57 -3.58
CA PRO A 416 48.91 -14.59 -4.08
C PRO A 416 48.69 -13.17 -3.54
N PHE A 417 47.43 -12.77 -3.30
CA PHE A 417 47.15 -11.45 -2.71
C PHE A 417 47.74 -11.30 -1.31
N TRP A 418 47.48 -12.26 -0.43
CA TRP A 418 47.97 -12.12 0.94
C TRP A 418 49.49 -12.20 0.99
N LYS A 419 50.06 -13.08 0.18
CA LYS A 419 51.51 -13.24 0.09
C LYS A 419 52.18 -11.99 -0.51
N ALA A 420 51.57 -11.40 -1.53
CA ALA A 420 52.13 -10.20 -2.18
C ALA A 420 52.19 -9.00 -1.24
N ASN A 421 51.31 -8.98 -0.27
CA ASN A 421 51.31 -7.86 0.66
C ASN A 421 52.58 -7.78 1.49
N LYS A 422 53.19 -8.93 1.77
CA LYS A 422 54.43 -8.98 2.56
C LYS A 422 55.64 -8.57 1.75
N ASP A 423 55.50 -8.59 0.43
CA ASP A 423 56.60 -8.28 -0.46
C ASP A 423 56.67 -6.79 -0.73
N LEU A 424 55.63 -6.07 -0.35
CA LEU A 424 55.56 -4.64 -0.60
C LEU A 424 56.51 -3.88 0.33
N HIS A 425 57.03 -2.76 -0.15
CA HIS A 425 57.91 -1.93 0.65
C HIS A 425 57.17 -1.37 1.87
N LEU A 426 57.78 -1.54 3.04
CA LEU A 426 57.22 -0.96 4.26
C LEU A 426 57.83 0.43 4.54
N PRO A 427 57.00 1.47 4.68
CA PRO A 427 57.48 2.83 4.96
C PRO A 427 58.35 2.84 6.22
N GLU A 428 59.40 3.65 6.24
CA GLU A 428 60.35 3.65 7.36
C GLU A 428 59.67 3.96 8.70
N GLN A 429 58.71 4.87 8.68
CA GLN A 429 58.04 5.25 9.93
C GLN A 429 57.25 4.07 10.52
N MET A 430 56.65 3.24 9.67
CA MET A 430 55.91 2.07 10.18
C MET A 430 56.87 0.95 10.58
N ARG A 431 57.99 0.83 9.89
CA ARG A 431 59.00 -0.14 10.29
C ARG A 431 59.46 0.18 11.71
N GLU A 432 59.66 1.46 11.98
CA GLU A 432 60.09 1.90 13.29
C GLU A 432 59.03 1.60 14.35
N LYS A 433 57.78 1.88 14.01
CA LYS A 433 56.68 1.62 14.94
C LYS A 433 56.61 0.15 15.32
N ILE A 434 56.81 -0.74 14.34
CA ILE A 434 56.71 -2.17 14.59
C ILE A 434 57.87 -2.59 15.48
N ALA A 435 59.05 -2.00 15.25
CA ALA A 435 60.22 -2.31 16.10
C ALA A 435 60.04 -1.76 17.52
N MET A 436 59.41 -0.61 17.65
CA MET A 436 59.10 -0.06 18.97
C MET A 436 58.16 -0.99 19.71
N TYR A 437 57.11 -1.41 19.01
CA TYR A 437 56.13 -2.33 19.55
C TYR A 437 56.72 -3.66 20.01
N LYS A 438 57.59 -4.23 19.18
CA LYS A 438 58.27 -5.48 19.54
C LYS A 438 59.18 -5.30 20.75
N ALA A 439 59.71 -4.09 20.95
CA ALA A 439 60.60 -3.85 22.09
C ALA A 439 59.80 -3.53 23.36
N GLY A 440 58.48 -3.53 23.25
CA GLY A 440 57.63 -3.26 24.40
C GLY A 440 57.19 -1.82 24.60
N LEU A 441 57.62 -0.90 23.74
CA LEU A 441 57.25 0.51 23.86
C LEU A 441 55.82 0.79 23.45
N PRO A 442 55.16 1.73 24.12
CA PRO A 442 53.89 2.21 23.57
C PRO A 442 54.09 2.96 22.27
N ILE A 443 53.06 2.97 21.43
CA ILE A 443 53.07 3.72 20.19
C ILE A 443 52.04 4.83 20.28
N ASN A 444 52.43 6.10 20.12
CA ASN A 444 51.45 7.19 20.16
C ASN A 444 50.54 7.11 21.39
N ALA A 445 51.11 6.92 22.57
CA ALA A 445 50.32 6.85 23.78
C ALA A 445 49.49 8.12 23.94
N PRO A 446 48.24 7.99 24.40
CA PRO A 446 47.41 9.15 24.64
C PRO A 446 47.89 9.86 25.89
N VAL A 447 47.92 11.19 25.87
CA VAL A 447 48.42 11.90 27.05
C VAL A 447 47.31 12.69 27.75
N THR A 448 46.11 12.66 27.18
CA THR A 448 44.94 13.29 27.82
C THR A 448 43.85 12.25 28.09
N ASP A 449 42.87 12.63 28.90
CA ASP A 449 41.71 11.77 29.12
C ASP A 449 40.77 11.82 27.92
N GLU A 450 39.79 10.92 27.89
CA GLU A 450 38.85 10.82 26.78
C GLU A 450 38.04 12.08 26.57
N SER A 451 37.70 12.75 27.67
CA SER A 451 36.91 13.97 27.61
C SER A 451 37.63 15.07 26.85
N THR A 452 38.94 15.19 27.06
CA THR A 452 39.72 16.17 26.31
C THR A 452 39.88 15.72 24.86
N TYR A 453 40.28 14.46 24.67
CA TYR A 453 40.49 13.87 23.35
C TYR A 453 39.26 13.99 22.42
N TYR A 454 38.09 13.63 22.92
CA TYR A 454 36.87 13.71 22.13
C TYR A 454 36.19 15.08 22.26
N GLY A 455 36.73 15.93 23.11
CA GLY A 455 36.14 17.24 23.34
C GLY A 455 36.69 18.29 22.39
N ARG A 456 37.97 18.15 22.07
CA ARG A 456 38.67 19.11 21.22
C ARG A 456 39.21 18.42 19.96
N PHE A 457 38.69 18.78 18.80
CA PHE A 457 39.03 18.04 17.59
C PHE A 457 40.54 18.03 17.33
N GLU A 458 41.19 19.14 17.61
CA GLU A 458 42.62 19.26 17.37
C GLU A 458 43.45 18.32 18.26
N ALA A 459 42.95 18.01 19.45
CA ALA A 459 43.69 17.07 20.30
C ALA A 459 43.72 15.70 19.64
N GLU A 460 42.58 15.28 19.08
CA GLU A 460 42.52 14.00 18.40
C GLU A 460 43.29 14.01 17.08
N PHE A 461 43.16 15.10 16.33
CA PHE A 461 43.81 15.22 15.02
C PHE A 461 45.35 15.07 15.13
N ARG A 462 45.93 15.51 16.25
CA ARG A 462 47.35 15.40 16.47
C ARG A 462 47.76 14.01 16.98
N ASN A 463 46.79 13.21 17.43
CA ASN A 463 47.07 11.85 17.91
C ASN A 463 45.93 10.90 17.54
N PHE A 464 45.71 10.71 16.24
CA PHE A 464 44.49 10.04 15.82
C PHE A 464 44.54 8.52 16.01
N TRP A 465 45.64 7.90 15.61
CA TRP A 465 45.80 6.47 15.85
C TRP A 465 46.66 6.30 17.10
N THR A 466 46.02 6.12 18.26
CA THR A 466 46.75 6.01 19.52
C THR A 466 47.31 4.60 19.76
N ASN A 467 48.05 4.46 20.84
CA ASN A 467 48.57 3.16 21.30
C ASN A 467 47.53 2.06 21.29
N GLY A 468 46.33 2.37 21.76
CA GLY A 468 45.24 1.41 21.80
C GLY A 468 44.96 0.82 20.43
N SER A 469 44.94 1.65 19.40
CA SER A 469 44.63 1.21 18.05
C SER A 469 45.75 0.33 17.48
N TYR A 470 47.01 0.71 17.74
CA TYR A 470 48.11 -0.12 17.28
C TYR A 470 48.08 -1.50 17.94
N TYR A 471 47.76 -1.56 19.23
CA TYR A 471 47.63 -2.84 19.90
C TYR A 471 46.43 -3.63 19.37
N CYS A 472 45.31 -2.95 19.12
CA CYS A 472 44.14 -3.63 18.53
C CYS A 472 44.49 -4.39 17.26
N ILE A 473 45.29 -3.75 16.41
CA ILE A 473 45.58 -4.33 15.10
C ILE A 473 46.74 -5.34 15.17
N PHE A 474 47.84 -4.96 15.83
CA PHE A 474 49.02 -5.83 15.91
C PHE A 474 48.73 -7.08 16.73
N ALA A 475 48.21 -6.89 17.94
CA ALA A 475 47.86 -8.04 18.79
C ALA A 475 46.70 -8.83 18.18
N GLY A 476 45.74 -8.12 17.57
CA GLY A 476 44.64 -8.74 16.88
C GLY A 476 45.14 -9.71 15.82
N LEU A 477 46.18 -9.31 15.10
CA LEU A 477 46.72 -10.11 14.00
C LEU A 477 47.79 -11.12 14.45
N GLY A 478 47.97 -11.27 15.76
CA GLY A 478 48.88 -12.26 16.30
C GLY A 478 50.28 -11.76 16.63
N LEU A 479 50.51 -10.47 16.44
CA LEU A 479 51.84 -9.92 16.77
C LEU A 479 51.89 -9.36 18.20
N ARG A 480 52.78 -9.94 19.01
CA ARG A 480 53.01 -9.47 20.39
C ARG A 480 54.47 -9.04 20.58
N PRO A 481 54.73 -8.15 21.56
CA PRO A 481 56.12 -7.74 21.85
C PRO A 481 57.05 -8.94 22.06
N ASP A 482 58.33 -8.80 21.71
CA ASP A 482 59.34 -9.81 22.03
C ASP A 482 59.46 -9.99 23.53
N ASN A 483 59.25 -8.89 24.25
CA ASN A 483 59.28 -8.92 25.71
C ASN A 483 58.47 -7.74 26.21
N PRO A 484 58.01 -7.83 27.46
CA PRO A 484 57.28 -6.67 27.99
C PRO A 484 58.19 -5.46 28.16
N LEU A 485 57.58 -4.29 28.36
CA LEU A 485 58.28 -3.05 28.69
C LEU A 485 59.26 -3.30 29.84
N PRO A 486 60.57 -3.15 29.58
CA PRO A 486 61.61 -3.55 30.55
C PRO A 486 61.44 -2.88 31.91
N MET A 487 60.95 -1.65 31.93
CA MET A 487 60.82 -0.94 33.21
C MET A 487 59.84 -1.68 34.12
N LEU A 488 58.89 -2.42 33.53
CA LEU A 488 57.93 -3.15 34.33
C LEU A 488 58.59 -4.21 35.21
N ARG A 489 59.73 -4.77 34.76
CA ARG A 489 60.43 -5.78 35.56
C ARG A 489 61.05 -5.15 36.82
N HIS A 490 61.11 -3.82 36.83
CA HIS A 490 61.61 -3.09 37.99
C HIS A 490 60.50 -2.59 38.90
N ARG A 491 59.25 -2.79 38.49
CA ARG A 491 58.10 -2.30 39.25
C ARG A 491 57.06 -3.39 39.52
N PRO A 492 57.46 -4.48 40.19
CA PRO A 492 56.50 -5.57 40.41
C PRO A 492 55.27 -5.12 41.19
N GLU A 493 55.43 -4.15 42.09
CA GLU A 493 54.28 -3.69 42.86
C GLU A 493 53.27 -2.98 41.95
N GLN A 494 53.76 -2.24 40.97
CA GLN A 494 52.86 -1.60 40.02
C GLN A 494 52.13 -2.64 39.19
N VAL A 495 52.80 -3.75 38.91
CA VAL A 495 52.17 -4.83 38.16
C VAL A 495 51.07 -5.49 38.98
N ARG A 496 51.34 -5.80 40.25
CA ARG A 496 50.33 -6.41 41.11
C ARG A 496 49.11 -5.49 41.23
N GLU A 497 49.36 -4.20 41.41
CA GLU A 497 48.30 -3.20 41.50
C GLU A 497 47.45 -3.11 40.22
N ALA A 498 48.11 -3.23 39.07
CA ALA A 498 47.42 -3.01 37.79
C ALA A 498 46.35 -4.05 37.50
N GLN A 499 46.46 -5.21 38.12
CA GLN A 499 45.55 -6.33 37.84
C GLN A 499 44.10 -6.01 38.16
N ALA A 500 43.88 -5.14 39.16
CA ALA A 500 42.54 -4.69 39.49
C ALA A 500 41.83 -4.06 38.29
N LEU A 501 42.59 -3.47 37.38
CA LEU A 501 42.00 -2.87 36.18
C LEU A 501 41.44 -3.95 35.24
N PHE A 502 42.06 -5.13 35.25
CA PHE A 502 41.56 -6.22 34.42
C PHE A 502 40.29 -6.77 35.05
N ALA A 503 40.23 -6.75 36.37
CA ALA A 503 39.04 -7.17 37.10
C ALA A 503 37.89 -6.21 36.84
N GLY A 504 38.21 -4.93 36.69
CA GLY A 504 37.22 -3.90 36.42
C GLY A 504 36.59 -4.07 35.06
N VAL A 505 37.41 -4.40 34.06
CA VAL A 505 36.90 -4.62 32.71
C VAL A 505 35.96 -5.82 32.73
N LYS A 506 36.35 -6.87 33.45
CA LYS A 506 35.52 -8.06 33.60
C LYS A 506 34.18 -7.73 34.26
N ASP A 507 34.20 -6.84 35.26
CA ASP A 507 32.97 -6.42 35.93
C ASP A 507 32.06 -5.64 34.98
N LYS A 508 32.66 -4.68 34.26
CA LYS A 508 31.94 -3.90 33.26
C LYS A 508 31.34 -4.80 32.17
N GLN A 509 32.11 -5.80 31.76
CA GLN A 509 31.64 -6.73 30.74
C GLN A 509 30.35 -7.44 31.17
N ARG A 510 30.28 -7.86 32.43
CA ARG A 510 29.07 -8.49 32.95
C ARG A 510 27.91 -7.50 33.05
N GLU A 511 28.21 -6.33 33.62
CA GLU A 511 27.22 -5.28 33.79
C GLU A 511 26.60 -4.87 32.46
N LEU A 512 27.44 -4.63 31.46
CA LEU A 512 26.97 -4.21 30.14
C LEU A 512 26.06 -5.26 29.50
N VAL A 513 26.52 -6.51 29.46
CA VAL A 513 25.76 -7.57 28.81
C VAL A 513 24.42 -7.76 29.51
N GLU A 514 24.44 -7.71 30.84
CA GLU A 514 23.25 -8.01 31.63
C GLU A 514 22.20 -6.90 31.68
N THR A 515 22.60 -5.64 31.52
CA THR A 515 21.62 -4.54 31.67
C THR A 515 21.39 -3.66 30.44
N LEU A 516 22.31 -3.64 29.48
CA LEU A 516 22.09 -2.83 28.28
C LEU A 516 20.98 -3.41 27.44
N PRO A 517 20.19 -2.56 26.76
CA PRO A 517 19.22 -3.06 25.79
C PRO A 517 19.95 -3.57 24.55
N SER A 518 19.28 -4.35 23.73
CA SER A 518 19.92 -4.80 22.50
C SER A 518 20.06 -3.59 21.57
N ASN A 519 20.98 -3.68 20.62
CA ASN A 519 21.09 -2.66 19.58
C ASN A 519 19.76 -2.52 18.86
N LEU A 520 19.15 -3.65 18.53
CA LEU A 520 17.82 -3.70 17.90
C LEU A 520 16.77 -2.90 18.67
N GLU A 521 16.67 -3.14 19.98
CA GLU A 521 15.67 -2.44 20.78
C GLU A 521 15.88 -0.92 20.77
N PHE A 522 17.13 -0.47 20.80
CA PHE A 522 17.34 0.97 20.79
C PHE A 522 16.95 1.54 19.43
N LEU A 523 17.37 0.86 18.37
CA LEU A 523 17.09 1.33 17.01
C LEU A 523 15.59 1.43 16.75
N ARG A 524 14.80 0.50 17.29
CA ARG A 524 13.35 0.53 17.10
C ARG A 524 12.70 1.67 17.90
N SER A 525 13.31 2.04 19.02
CA SER A 525 12.82 3.15 19.83
C SER A 525 13.18 4.48 19.16
N LEU A 526 14.34 4.51 18.53
CA LEU A 526 14.81 5.67 17.81
C LEU A 526 14.03 5.89 16.51
N HIS A 527 13.80 4.79 15.79
CA HIS A 527 13.18 4.87 14.47
C HIS A 527 11.67 4.61 14.51
N ASP B 2 34.29 -4.47 -45.16
CA ASP B 2 35.18 -3.44 -45.66
C ASP B 2 34.71 -2.05 -45.27
N ASN B 3 34.10 -1.34 -46.22
CA ASN B 3 33.73 0.07 -46.01
C ASN B 3 32.48 0.30 -45.17
N ARG B 4 31.84 -0.77 -44.70
CA ARG B 4 30.64 -0.64 -43.87
C ARG B 4 30.92 0.05 -42.54
N ILE B 5 29.91 0.75 -42.03
CA ILE B 5 29.93 1.21 -40.64
C ILE B 5 29.87 -0.03 -39.76
N ASN B 6 30.75 -0.10 -38.75
CA ASN B 6 30.77 -1.22 -37.80
C ASN B 6 30.26 -0.82 -36.43
N ARG B 7 30.57 0.42 -36.04
CA ARG B 7 30.29 0.88 -34.68
C ARG B 7 29.59 2.24 -34.65
N ILE B 8 28.49 2.30 -33.92
CA ILE B 8 27.76 3.56 -33.70
C ILE B 8 27.68 3.86 -32.21
N VAL B 9 27.89 5.12 -31.84
CA VAL B 9 27.78 5.55 -30.46
C VAL B 9 26.76 6.70 -30.34
N ILE B 10 25.74 6.51 -29.52
CA ILE B 10 24.71 7.53 -29.32
C ILE B 10 24.87 8.21 -27.96
N LEU B 11 24.89 9.54 -27.96
CA LEU B 11 25.01 10.29 -26.72
C LEU B 11 23.66 10.85 -26.31
N GLY B 12 23.12 10.39 -25.19
CA GLY B 12 21.84 10.88 -24.73
C GLY B 12 20.85 9.73 -24.60
N GLY B 13 20.22 9.63 -23.45
CA GLY B 13 19.33 8.52 -23.14
C GLY B 13 17.93 8.97 -22.77
N GLY B 14 17.42 9.95 -23.52
CA GLY B 14 16.03 10.34 -23.40
C GLY B 14 15.28 9.71 -24.55
N THR B 15 14.17 10.33 -24.92
CA THR B 15 13.33 9.85 -26.01
C THR B 15 14.09 9.72 -27.33
N ALA B 16 14.85 10.77 -27.69
CA ALA B 16 15.58 10.75 -28.95
C ALA B 16 16.65 9.68 -28.97
N GLY B 17 17.39 9.57 -27.86
CA GLY B 17 18.47 8.60 -27.78
C GLY B 17 17.97 7.19 -27.98
N TRP B 18 16.90 6.84 -27.27
CA TRP B 18 16.41 5.47 -27.26
C TRP B 18 15.50 5.12 -28.46
N MET B 19 14.83 6.12 -29.06
CA MET B 19 14.14 5.85 -30.32
C MET B 19 15.20 5.60 -31.39
N THR B 20 16.26 6.40 -31.36
CA THR B 20 17.38 6.22 -32.28
C THR B 20 18.02 4.85 -32.11
N ALA B 21 18.33 4.50 -30.87
CA ALA B 21 18.99 3.24 -30.59
C ALA B 21 18.15 2.08 -31.05
N SER B 22 16.87 2.09 -30.68
CA SER B 22 16.00 0.96 -30.97
C SER B 22 15.84 0.76 -32.48
N TYR B 23 15.47 1.83 -33.17
CA TYR B 23 15.21 1.77 -34.60
C TYR B 23 16.43 1.33 -35.40
N LEU B 24 17.59 1.90 -35.07
CA LEU B 24 18.82 1.56 -35.77
C LEU B 24 19.26 0.13 -35.48
N ALA B 25 19.12 -0.30 -34.23
CA ALA B 25 19.52 -1.65 -33.85
C ALA B 25 18.63 -2.67 -34.57
N LYS B 26 17.39 -2.29 -34.83
CA LYS B 26 16.48 -3.19 -35.52
C LYS B 26 16.74 -3.12 -37.03
N ALA B 27 17.18 -1.95 -37.50
CA ALA B 27 17.49 -1.77 -38.91
C ALA B 27 18.77 -2.50 -39.33
N LEU B 28 19.76 -2.52 -38.43
CA LEU B 28 21.11 -2.94 -38.80
C LEU B 28 21.48 -4.32 -38.25
N GLY B 29 20.70 -4.84 -37.32
CA GLY B 29 20.95 -6.16 -36.74
C GLY B 29 22.35 -6.31 -36.17
N ASP B 30 22.97 -7.47 -36.41
CA ASP B 30 24.29 -7.76 -35.85
C ASP B 30 25.41 -7.28 -36.75
N THR B 31 25.09 -6.42 -37.73
CA THR B 31 26.12 -5.91 -38.64
C THR B 31 26.82 -4.71 -38.05
N VAL B 32 26.29 -4.18 -36.94
CA VAL B 32 26.82 -2.97 -36.30
C VAL B 32 26.74 -3.07 -34.77
N THR B 33 27.76 -2.57 -34.08
CA THR B 33 27.71 -2.38 -32.64
C THR B 33 27.09 -1.03 -32.29
N ILE B 34 26.04 -1.04 -31.46
CA ILE B 34 25.43 0.20 -31.00
C ILE B 34 25.51 0.34 -29.48
N THR B 35 26.11 1.44 -29.04
CA THR B 35 26.31 1.72 -27.63
C THR B 35 25.78 3.11 -27.30
N LEU B 36 25.02 3.22 -26.22
CA LEU B 36 24.45 4.50 -25.84
C LEU B 36 25.02 4.98 -24.51
N LEU B 37 25.61 6.17 -24.53
CA LEU B 37 26.15 6.80 -23.33
C LEU B 37 25.13 7.79 -22.74
N GLU B 38 24.72 7.54 -21.51
CA GLU B 38 23.61 8.29 -20.89
C GLU B 38 23.86 9.80 -20.83
N ILE B 45 9.26 16.63 -13.84
CA ILE B 45 8.01 15.88 -13.83
C ILE B 45 7.50 15.67 -15.26
N GLY B 46 6.87 14.52 -15.51
CA GLY B 46 6.37 14.19 -16.83
C GLY B 46 5.21 15.09 -17.25
N VAL B 47 5.49 16.05 -18.12
CA VAL B 47 4.51 17.08 -18.47
C VAL B 47 3.71 16.71 -19.72
N GLY B 48 3.98 15.51 -20.25
CA GLY B 48 3.15 14.93 -21.28
C GLY B 48 3.57 15.33 -22.67
N GLU B 49 3.46 14.39 -23.61
CA GLU B 49 3.80 14.67 -24.99
C GLU B 49 2.72 14.15 -25.93
N ALA B 50 2.54 14.86 -27.04
CA ALA B 50 1.55 14.49 -28.03
C ALA B 50 2.26 14.09 -29.32
N THR B 51 1.57 13.34 -30.18
CA THR B 51 2.19 12.74 -31.35
C THR B 51 1.29 12.83 -32.59
N VAL B 52 1.76 12.24 -33.70
CA VAL B 52 0.98 12.20 -34.95
C VAL B 52 0.83 10.74 -35.39
N PRO B 53 -0.21 10.41 -36.19
CA PRO B 53 -0.55 9.02 -36.52
C PRO B 53 0.60 8.18 -37.05
N ASN B 54 1.54 8.78 -37.78
CA ASN B 54 2.60 7.99 -38.41
C ASN B 54 3.56 7.34 -37.40
N LEU B 55 3.41 7.66 -36.11
CA LEU B 55 4.29 7.11 -35.10
C LEU B 55 4.21 5.60 -35.03
N GLN B 56 3.00 5.05 -35.06
CA GLN B 56 2.81 3.61 -34.95
C GLN B 56 3.30 2.90 -36.21
N ARG B 57 2.99 3.45 -37.37
CA ARG B 57 3.36 2.82 -38.63
C ARG B 57 4.86 2.92 -38.91
N VAL B 58 5.43 4.11 -38.71
CA VAL B 58 6.84 4.32 -39.02
C VAL B 58 7.77 3.69 -37.98
N PHE B 59 7.46 3.88 -36.71
CA PHE B 59 8.38 3.52 -35.63
C PHE B 59 8.01 2.22 -34.92
N PHE B 60 6.92 2.21 -34.17
CA PHE B 60 6.55 1.03 -33.39
C PHE B 60 6.34 -0.25 -34.22
N ASP B 61 5.74 -0.10 -35.40
CA ASP B 61 5.53 -1.26 -36.27
C ASP B 61 6.87 -1.82 -36.73
N PHE B 62 7.82 -0.93 -36.97
CA PHE B 62 9.17 -1.35 -37.37
C PHE B 62 9.80 -2.23 -36.31
N LEU B 63 9.54 -1.90 -35.04
CA LEU B 63 10.05 -2.70 -33.94
C LEU B 63 9.16 -3.91 -33.63
N GLY B 64 8.05 -4.05 -34.36
CA GLY B 64 7.12 -5.14 -34.12
C GLY B 64 6.36 -5.00 -32.82
N LEU B 65 6.12 -3.75 -32.42
CA LEU B 65 5.46 -3.45 -31.14
C LEU B 65 4.04 -2.92 -31.33
N ARG B 66 3.05 -3.70 -30.91
CA ARG B 66 1.66 -3.31 -31.05
C ARG B 66 1.23 -2.37 -29.93
N GLU B 67 0.19 -1.58 -30.19
CA GLU B 67 -0.32 -0.63 -29.21
C GLU B 67 -0.76 -1.32 -27.92
N GLU B 68 -1.35 -2.50 -28.05
CA GLU B 68 -1.81 -3.24 -26.89
C GLU B 68 -0.64 -3.55 -25.96
N GLU B 69 0.56 -3.68 -26.54
CA GLU B 69 1.75 -3.89 -25.72
C GLU B 69 2.34 -2.59 -25.16
N TRP B 70 2.64 -1.62 -26.02
CA TRP B 70 3.42 -0.47 -25.55
C TRP B 70 2.62 0.63 -24.84
N MET B 71 1.35 0.80 -25.20
CA MET B 71 0.51 1.83 -24.54
C MET B 71 0.37 1.65 -23.02
N PRO B 72 0.06 0.41 -22.53
CA PRO B 72 -0.05 0.22 -21.08
C PRO B 72 1.24 0.49 -20.30
N GLU B 73 2.37 0.37 -20.97
CA GLU B 73 3.67 0.57 -20.33
C GLU B 73 3.98 2.04 -20.10
N CYS B 74 3.38 2.91 -20.93
CA CYS B 74 3.71 4.32 -20.94
CA CYS B 74 3.71 4.33 -20.86
C CYS B 74 2.50 5.21 -20.62
N ASN B 75 1.50 4.66 -19.94
CA ASN B 75 0.27 5.38 -19.59
C ASN B 75 -0.36 6.13 -20.76
N ALA B 76 -0.27 5.55 -21.96
CA ALA B 76 -0.65 6.25 -23.18
C ALA B 76 -2.17 6.40 -23.34
N ALA B 77 -2.57 7.51 -23.95
CA ALA B 77 -3.98 7.77 -24.23
C ALA B 77 -4.12 8.25 -25.68
N PHE B 78 -5.30 8.71 -26.04
CA PHE B 78 -5.61 8.94 -27.46
C PHE B 78 -5.74 10.42 -27.83
N LYS B 79 -5.31 10.74 -29.06
CA LYS B 79 -5.37 12.10 -29.59
C LYS B 79 -6.06 12.07 -30.95
N THR B 80 -7.20 12.77 -31.04
CA THR B 80 -7.98 12.81 -32.28
C THR B 80 -7.73 14.12 -33.03
N ALA B 81 -7.29 15.14 -32.30
CA ALA B 81 -7.04 16.44 -32.87
C ALA B 81 -6.27 17.32 -31.91
N VAL B 82 -5.97 18.54 -32.36
CA VAL B 82 -5.65 19.61 -31.44
C VAL B 82 -6.85 20.53 -31.40
N LYS B 83 -7.25 20.93 -30.19
CA LYS B 83 -8.34 21.86 -30.00
C LYS B 83 -7.78 23.21 -29.57
N PHE B 84 -8.05 24.22 -30.38
CA PHE B 84 -7.58 25.57 -30.14
C PHE B 84 -8.64 26.40 -29.44
N ILE B 85 -8.31 26.93 -28.28
CA ILE B 85 -9.28 27.60 -27.41
C ILE B 85 -8.90 29.06 -27.19
N ASN B 86 -9.86 29.95 -27.48
CA ASN B 86 -9.74 31.40 -27.26
C ASN B 86 -8.68 32.12 -28.10
N TRP B 87 -8.47 31.65 -29.33
CA TRP B 87 -7.51 32.29 -30.21
C TRP B 87 -8.10 33.45 -30.99
N ARG B 88 -9.40 33.66 -30.84
CA ARG B 88 -10.09 34.75 -31.55
C ARG B 88 -10.61 35.85 -30.62
N THR B 89 -10.74 35.53 -29.34
CA THR B 89 -11.37 36.43 -28.39
C THR B 89 -10.38 36.94 -27.35
N PRO B 90 -10.50 38.21 -26.99
CA PRO B 90 -9.57 38.77 -26.00
C PRO B 90 -9.92 38.32 -24.59
N GLY B 91 -8.98 38.45 -23.67
CA GLY B 91 -9.26 38.14 -22.29
C GLY B 91 -8.13 37.38 -21.62
N PRO B 92 -8.40 36.89 -20.41
CA PRO B 92 -7.38 36.25 -19.57
C PRO B 92 -7.06 34.84 -20.06
N GLY B 93 -5.95 34.29 -19.61
CA GLY B 93 -5.65 32.89 -19.85
C GLY B 93 -6.57 32.03 -19.00
N GLU B 94 -7.58 31.45 -19.65
CA GLU B 94 -8.57 30.66 -18.94
C GLU B 94 -8.89 29.38 -19.71
N ALA B 95 -9.24 28.33 -18.97
CA ALA B 95 -9.38 26.99 -19.53
C ALA B 95 -10.63 26.81 -20.39
N LYS B 96 -11.71 27.50 -20.03
CA LYS B 96 -12.97 27.37 -20.75
C LYS B 96 -13.06 28.37 -21.90
N ALA B 97 -13.62 27.91 -23.02
CA ALA B 97 -13.86 28.75 -24.20
C ALA B 97 -14.75 29.95 -23.91
N ARG B 98 -14.31 31.12 -24.35
CA ARG B 98 -15.17 32.30 -24.31
C ARG B 98 -16.25 32.15 -25.38
N THR B 99 -17.18 33.09 -25.42
CA THR B 99 -18.27 33.03 -26.38
C THR B 99 -18.07 34.04 -27.49
N ILE B 100 -18.16 33.57 -28.72
CA ILE B 100 -18.06 34.46 -29.86
C ILE B 100 -19.21 34.16 -30.83
N ASP B 101 -20.05 35.17 -31.06
CA ASP B 101 -21.21 35.05 -31.92
C ASP B 101 -22.11 33.88 -31.52
N GLY B 102 -22.36 33.74 -30.22
CA GLY B 102 -23.22 32.69 -29.72
C GLY B 102 -22.64 31.29 -29.81
N ARG B 103 -21.33 31.20 -30.09
CA ARG B 103 -20.62 29.91 -30.10
C ARG B 103 -19.39 29.96 -29.20
N PRO B 104 -19.03 28.83 -28.58
CA PRO B 104 -17.74 28.77 -27.88
C PRO B 104 -16.58 29.07 -28.82
N ASP B 105 -15.57 29.78 -28.33
CA ASP B 105 -14.43 30.12 -29.17
C ASP B 105 -13.44 28.98 -29.15
N HIS B 106 -13.74 27.94 -29.91
CA HIS B 106 -12.76 26.88 -30.12
C HIS B 106 -12.86 26.35 -31.52
N PHE B 107 -11.78 25.77 -32.00
CA PHE B 107 -11.83 25.00 -33.24
C PHE B 107 -10.86 23.85 -33.19
N TYR B 108 -11.15 22.85 -34.00
CA TYR B 108 -10.36 21.63 -34.04
C TYR B 108 -9.46 21.53 -35.27
N HIS B 109 -8.34 20.85 -35.09
CA HIS B 109 -7.42 20.49 -36.16
C HIS B 109 -7.18 18.97 -36.14
N PRO B 110 -8.11 18.19 -36.72
CA PRO B 110 -8.05 16.72 -36.69
C PRO B 110 -7.10 16.17 -37.74
N PHE B 111 -6.86 14.86 -37.70
CA PHE B 111 -6.02 14.22 -38.69
C PHE B 111 -6.88 13.80 -39.87
N GLY B 112 -6.27 13.06 -40.80
CA GLY B 112 -6.98 12.54 -41.95
C GLY B 112 -6.99 13.51 -43.12
N LEU B 113 -7.52 13.06 -44.25
CA LEU B 113 -7.61 13.90 -45.45
C LEU B 113 -9.09 14.17 -45.73
N LEU B 114 -9.40 15.37 -46.20
CA LEU B 114 -10.78 15.69 -46.55
C LEU B 114 -11.21 14.92 -47.77
N PRO B 115 -12.49 14.54 -47.83
CA PRO B 115 -12.99 13.93 -49.06
C PRO B 115 -13.05 14.96 -50.19
N GLU B 116 -13.21 14.46 -51.42
CA GLU B 116 -13.29 15.30 -52.60
C GLU B 116 -14.59 15.02 -53.34
N HIS B 117 -15.06 16.02 -54.09
CA HIS B 117 -16.11 15.81 -55.08
C HIS B 117 -15.74 16.61 -56.32
N GLY B 118 -15.75 15.98 -57.47
CA GLY B 118 -15.22 16.58 -58.70
C GLY B 118 -13.76 16.97 -58.52
N GLN B 119 -13.04 16.19 -57.72
CA GLN B 119 -11.64 16.43 -57.38
C GLN B 119 -11.43 17.82 -56.74
N VAL B 120 -12.45 18.30 -56.06
CA VAL B 120 -12.38 19.53 -55.27
C VAL B 120 -12.62 19.19 -53.79
N PRO B 121 -11.71 19.63 -52.91
CA PRO B 121 -11.81 19.29 -51.48
C PRO B 121 -13.11 19.80 -50.85
N LEU B 122 -13.61 19.08 -49.86
CA LEU B 122 -14.86 19.43 -49.19
C LEU B 122 -14.78 20.85 -48.59
N SER B 123 -13.57 21.25 -48.20
CA SER B 123 -13.36 22.59 -47.66
C SER B 123 -13.90 23.69 -48.60
N HIS B 124 -13.74 23.48 -49.89
CA HIS B 124 -14.06 24.50 -50.89
C HIS B 124 -15.54 24.59 -51.16
N TYR B 125 -16.24 23.48 -50.97
CA TYR B 125 -17.68 23.51 -51.03
C TYR B 125 -18.23 24.19 -49.77
N TRP B 126 -17.54 23.98 -48.65
CA TRP B 126 -17.92 24.66 -47.41
C TRP B 126 -17.79 26.16 -47.58
N ALA B 127 -16.67 26.59 -48.15
CA ALA B 127 -16.42 28.00 -48.35
C ALA B 127 -17.50 28.57 -49.27
N TYR B 128 -17.80 27.84 -50.33
CA TYR B 128 -18.87 28.24 -51.23
C TYR B 128 -20.19 28.48 -50.49
N ASN B 129 -20.60 27.52 -49.67
CA ASN B 129 -21.86 27.60 -48.96
C ASN B 129 -21.90 28.76 -47.97
N ARG B 130 -20.78 29.01 -47.32
CA ARG B 130 -20.66 30.16 -46.42
C ARG B 130 -20.84 31.47 -47.19
N ALA B 131 -20.17 31.59 -48.34
CA ALA B 131 -20.27 32.78 -49.17
C ALA B 131 -21.68 32.98 -49.72
N ALA B 132 -22.36 31.86 -49.97
CA ALA B 132 -23.69 31.88 -50.53
C ALA B 132 -24.76 32.18 -49.49
N GLY B 133 -24.41 32.02 -48.22
CA GLY B 133 -25.37 32.23 -47.13
C GLY B 133 -26.19 30.99 -46.82
N THR B 134 -25.87 29.90 -47.50
CA THR B 134 -26.48 28.59 -47.23
C THR B 134 -26.35 28.20 -45.76
N THR B 135 -25.13 28.34 -45.23
CA THR B 135 -24.82 27.89 -43.88
C THR B 135 -23.96 28.89 -43.14
N ASP B 136 -24.01 28.85 -41.83
CA ASP B 136 -23.06 29.57 -40.99
C ASP B 136 -22.31 28.58 -40.10
N GLU B 137 -22.39 27.30 -40.44
CA GLU B 137 -21.68 26.27 -39.69
C GLU B 137 -20.18 26.51 -39.77
N PRO B 138 -19.46 26.30 -38.66
CA PRO B 138 -18.01 26.41 -38.71
C PRO B 138 -17.40 25.32 -39.58
N PHE B 139 -16.28 25.63 -40.23
CA PHE B 139 -15.60 24.67 -41.10
C PHE B 139 -15.38 23.30 -40.46
N ASP B 140 -14.95 23.25 -39.20
CA ASP B 140 -14.54 21.96 -38.66
C ASP B 140 -15.75 21.08 -38.33
N TYR B 141 -16.85 21.68 -37.91
CA TYR B 141 -18.06 20.93 -37.62
C TYR B 141 -18.76 20.48 -38.91
N ALA B 142 -18.59 21.26 -39.97
CA ALA B 142 -19.15 20.90 -41.28
C ALA B 142 -18.39 19.74 -41.93
N CYS B 143 -17.06 19.79 -41.87
CA CYS B 143 -16.24 18.89 -42.70
C CYS B 143 -15.58 17.71 -41.99
N PHE B 144 -15.56 17.71 -40.66
CA PHE B 144 -14.98 16.57 -39.94
C PHE B 144 -16.01 15.93 -39.01
N ALA B 145 -16.17 14.62 -39.14
CA ALA B 145 -17.05 13.91 -38.23
C ALA B 145 -16.42 13.83 -36.84
N GLU B 146 -15.10 13.91 -36.80
CA GLU B 146 -14.35 13.79 -35.54
C GLU B 146 -14.74 14.84 -34.48
N THR B 147 -15.19 16.00 -34.94
CA THR B 147 -15.54 17.09 -34.03
C THR B 147 -16.63 16.71 -33.04
N ALA B 148 -17.70 16.09 -33.54
CA ALA B 148 -18.78 15.64 -32.68
C ALA B 148 -18.33 14.57 -31.69
N ALA B 149 -17.44 13.69 -32.14
CA ALA B 149 -16.94 12.60 -31.28
C ALA B 149 -16.11 13.15 -30.14
N MET B 150 -15.29 14.17 -30.44
CA MET B 150 -14.44 14.76 -29.42
C MET B 150 -15.23 15.57 -28.39
N ASP B 151 -16.28 16.25 -28.84
CA ASP B 151 -17.18 16.97 -27.93
C ASP B 151 -17.85 16.03 -26.96
N ALA B 152 -18.14 14.81 -27.42
CA ALA B 152 -18.75 13.79 -26.57
C ALA B 152 -17.69 12.92 -25.88
N VAL B 153 -16.45 13.39 -25.88
CA VAL B 153 -15.25 12.65 -25.44
C VAL B 153 -15.26 11.14 -25.72
N ARG B 154 -15.52 10.78 -26.97
CA ARG B 154 -15.48 9.38 -27.40
C ARG B 154 -14.06 8.89 -27.64
N ALA B 155 -13.87 7.58 -27.56
CA ALA B 155 -12.63 6.94 -28.00
C ALA B 155 -12.55 6.96 -29.52
N PRO B 156 -11.35 6.83 -30.09
CA PRO B 156 -11.24 6.77 -31.56
C PRO B 156 -11.52 5.37 -32.10
N LYS B 157 -11.91 4.45 -31.21
CA LYS B 157 -12.15 3.06 -31.58
C LYS B 157 -13.27 2.46 -30.72
N TRP B 158 -13.91 1.41 -31.21
CA TRP B 158 -14.84 0.63 -30.38
C TRP B 158 -14.02 -0.27 -29.48
N LEU B 159 -14.61 -0.70 -28.36
CA LEU B 159 -13.86 -1.45 -27.36
C LEU B 159 -13.18 -2.71 -27.90
N ASP B 160 -13.78 -3.33 -28.91
CA ASP B 160 -13.24 -4.57 -29.47
C ASP B 160 -12.17 -4.31 -30.53
N GLY B 161 -11.88 -3.05 -30.78
CA GLY B 161 -10.76 -2.69 -31.63
C GLY B 161 -11.06 -2.14 -33.01
N ARG B 162 -12.30 -2.20 -33.45
CA ARG B 162 -12.59 -1.73 -34.80
C ARG B 162 -12.40 -0.22 -34.86
N PRO B 163 -11.68 0.24 -35.89
CA PRO B 163 -11.32 1.63 -36.13
C PRO B 163 -12.53 2.51 -36.42
N ALA B 164 -12.48 3.76 -35.97
CA ALA B 164 -13.52 4.71 -36.29
C ALA B 164 -12.91 5.97 -36.90
N THR B 165 -11.97 6.57 -36.18
CA THR B 165 -11.36 7.82 -36.61
C THR B 165 -9.84 7.75 -36.53
N ARG B 166 -9.18 8.46 -37.43
CA ARG B 166 -7.72 8.55 -37.47
C ARG B 166 -7.19 9.20 -36.21
N TYR B 167 -6.25 8.54 -35.54
CA TYR B 167 -5.81 9.04 -34.24
C TYR B 167 -4.31 8.90 -34.01
N ALA B 168 -3.83 9.59 -32.97
CA ALA B 168 -2.47 9.44 -32.49
C ALA B 168 -2.46 9.41 -30.96
N TRP B 169 -1.37 9.81 -30.33
CA TRP B 169 -1.17 9.44 -28.92
C TRP B 169 -0.71 10.55 -28.00
N HIS B 170 -1.21 10.51 -26.77
CA HIS B 170 -0.63 11.24 -25.67
C HIS B 170 0.15 10.25 -24.79
N PHE B 171 1.34 10.62 -24.33
CA PHE B 171 2.02 9.82 -23.30
C PHE B 171 3.08 10.57 -22.49
N ASP B 172 3.48 9.96 -21.38
CA ASP B 172 4.65 10.42 -20.63
C ASP B 172 5.87 10.01 -21.42
N ALA B 173 6.67 10.99 -21.87
CA ALA B 173 7.83 10.70 -22.70
C ALA B 173 8.92 9.95 -21.95
N HIS B 174 8.96 10.14 -20.63
CA HIS B 174 9.96 9.46 -19.81
C HIS B 174 9.69 7.95 -19.79
N LEU B 175 8.42 7.59 -19.58
CA LEU B 175 8.02 6.18 -19.55
C LEU B 175 8.26 5.48 -20.89
N VAL B 176 8.07 6.21 -21.99
CA VAL B 176 8.31 5.69 -23.33
C VAL B 176 9.78 5.36 -23.52
N ALA B 177 10.61 6.32 -23.09
CA ALA B 177 12.05 6.15 -23.12
C ALA B 177 12.47 4.93 -22.31
N GLU B 178 11.84 4.75 -21.16
CA GLU B 178 12.12 3.61 -20.29
C GLU B 178 11.78 2.31 -20.97
N PHE B 179 10.56 2.25 -21.52
CA PHE B 179 10.10 1.10 -22.28
C PHE B 179 11.08 0.75 -23.39
N LEU B 180 11.46 1.74 -24.18
CA LEU B 180 12.41 1.55 -25.27
C LEU B 180 13.78 1.10 -24.77
N ARG B 181 14.20 1.66 -23.64
CA ARG B 181 15.46 1.31 -23.01
C ARG B 181 15.51 -0.18 -22.72
N ARG B 182 14.47 -0.67 -22.04
CA ARG B 182 14.34 -2.09 -21.76
C ARG B 182 14.37 -2.87 -23.06
N HIS B 183 13.47 -2.53 -23.97
CA HIS B 183 13.37 -3.24 -25.25
C HIS B 183 14.69 -3.31 -26.01
N ALA B 184 15.35 -2.17 -26.19
CA ALA B 184 16.59 -2.12 -26.96
C ALA B 184 17.72 -2.95 -26.32
N THR B 185 17.99 -2.71 -25.05
CA THR B 185 19.11 -3.37 -24.37
C THR B 185 18.85 -4.86 -24.10
N GLU B 186 17.58 -5.25 -24.08
CA GLU B 186 17.22 -6.62 -23.76
C GLU B 186 16.90 -7.48 -24.99
N ARG B 187 16.54 -6.84 -26.10
CA ARG B 187 16.13 -7.62 -27.26
C ARG B 187 16.80 -7.20 -28.57
N LEU B 188 17.56 -6.10 -28.54
CA LEU B 188 18.22 -5.60 -29.75
C LEU B 188 19.73 -5.40 -29.52
N ASN B 189 20.21 -5.95 -28.40
CA ASN B 189 21.62 -5.97 -28.04
C ASN B 189 22.34 -4.63 -28.06
N VAL B 190 21.65 -3.57 -27.65
CA VAL B 190 22.29 -2.26 -27.52
C VAL B 190 22.97 -2.19 -26.16
N GLU B 191 24.19 -1.66 -26.13
CA GLU B 191 24.90 -1.54 -24.87
C GLU B 191 24.66 -0.19 -24.20
N HIS B 192 24.08 -0.23 -23.00
CA HIS B 192 23.79 0.97 -22.23
C HIS B 192 24.94 1.28 -21.28
N VAL B 193 25.59 2.43 -21.48
CA VAL B 193 26.70 2.84 -20.62
C VAL B 193 26.35 4.09 -19.82
N GLN B 194 26.41 3.99 -18.49
CA GLN B 194 26.17 5.14 -17.63
C GLN B 194 27.39 6.05 -17.55
N GLY B 195 27.17 7.35 -17.42
CA GLY B 195 28.25 8.28 -17.21
C GLY B 195 28.16 9.57 -18.00
N GLU B 196 28.95 10.55 -17.56
CA GLU B 196 29.20 11.74 -18.35
C GLU B 196 30.30 11.40 -19.33
N MET B 197 30.38 12.15 -20.42
CA MET B 197 31.58 12.07 -21.23
C MET B 197 32.47 13.25 -20.86
N GLN B 198 33.77 13.00 -20.77
CA GLN B 198 34.69 14.05 -20.39
C GLN B 198 35.31 14.71 -21.62
N GLN B 199 35.46 13.92 -22.68
CA GLN B 199 36.24 14.38 -23.82
C GLN B 199 35.78 13.79 -25.15
N VAL B 200 35.78 14.63 -26.19
CA VAL B 200 35.49 14.17 -27.54
C VAL B 200 36.78 14.04 -28.34
N LEU B 201 37.11 12.81 -28.73
CA LEU B 201 38.34 12.55 -29.47
C LEU B 201 38.12 12.56 -30.98
N ARG B 202 38.87 13.41 -31.66
CA ARG B 202 38.74 13.55 -33.11
C ARG B 202 40.11 13.52 -33.78
N ASP B 203 40.14 13.03 -35.01
CA ASP B 203 41.41 12.88 -35.73
C ASP B 203 41.80 14.17 -36.43
N GLU B 204 42.84 14.10 -37.25
CA GLU B 204 43.31 15.26 -38.03
C GLU B 204 42.24 15.80 -38.97
N ARG B 205 41.26 14.96 -39.31
CA ARG B 205 40.16 15.36 -40.18
C ARG B 205 39.08 16.18 -39.47
N GLY B 206 39.00 16.01 -38.15
CA GLY B 206 37.94 16.62 -37.37
C GLY B 206 36.83 15.62 -37.10
N PHE B 207 36.89 14.48 -37.78
CA PHE B 207 35.95 13.38 -37.56
C PHE B 207 36.12 12.82 -36.15
N ILE B 208 35.02 12.57 -35.45
CA ILE B 208 35.09 11.97 -34.12
C ILE B 208 35.51 10.51 -34.22
N THR B 209 36.39 10.06 -33.34
CA THR B 209 36.82 8.66 -33.34
C THR B 209 36.34 7.90 -32.11
N ALA B 210 36.10 8.61 -31.00
CA ALA B 210 35.62 7.98 -29.78
C ALA B 210 35.06 9.01 -28.79
N LEU B 211 34.18 8.55 -27.91
CA LEU B 211 33.77 9.36 -26.76
C LEU B 211 34.37 8.77 -25.49
N ARG B 212 35.06 9.61 -24.72
CA ARG B 212 35.68 9.15 -23.48
C ARG B 212 34.79 9.44 -22.27
N THR B 213 34.38 8.38 -21.58
CA THR B 213 33.56 8.49 -20.38
C THR B 213 34.36 9.10 -19.24
N VAL B 214 33.68 9.74 -18.29
CA VAL B 214 34.34 10.44 -17.19
C VAL B 214 35.18 9.51 -16.31
N GLU B 215 34.93 8.21 -16.41
CA GLU B 215 35.72 7.22 -15.69
C GLU B 215 37.02 6.92 -16.42
N GLY B 216 36.95 6.81 -17.74
CA GLY B 216 38.15 6.62 -18.54
C GLY B 216 38.01 5.62 -19.68
N ARG B 217 36.77 5.27 -20.01
CA ARG B 217 36.53 4.31 -21.08
C ARG B 217 36.27 5.01 -22.40
N ASP B 218 37.03 4.63 -23.43
CA ASP B 218 36.84 5.16 -24.78
C ASP B 218 35.80 4.35 -25.54
N LEU B 219 34.70 5.01 -25.91
CA LEU B 219 33.67 4.38 -26.73
C LEU B 219 33.93 4.69 -28.19
N GLU B 220 34.63 3.77 -28.86
CA GLU B 220 35.04 3.99 -30.24
C GLU B 220 33.87 3.74 -31.20
N GLY B 221 33.90 4.44 -32.33
CA GLY B 221 32.86 4.30 -33.33
C GLY B 221 33.21 5.00 -34.63
N ASP B 222 32.40 4.72 -35.66
CA ASP B 222 32.55 5.35 -36.96
C ASP B 222 31.50 6.45 -37.16
N LEU B 223 30.37 6.29 -36.48
CA LEU B 223 29.24 7.20 -36.62
C LEU B 223 28.72 7.60 -35.25
N PHE B 224 28.51 8.89 -35.03
CA PHE B 224 28.09 9.37 -33.72
C PHE B 224 26.77 10.15 -33.79
N ILE B 225 25.82 9.75 -32.95
CA ILE B 225 24.51 10.41 -32.93
C ILE B 225 24.38 11.31 -31.70
N ASP B 226 24.21 12.61 -31.93
CA ASP B 226 24.04 13.57 -30.84
C ASP B 226 22.57 13.64 -30.42
N CYS B 227 22.24 12.97 -29.32
CA CYS B 227 20.91 13.07 -28.74
C CYS B 227 20.97 13.69 -27.34
N SER B 228 21.83 14.69 -27.18
CA SER B 228 22.04 15.27 -25.85
C SER B 228 21.07 16.43 -25.55
N GLY B 229 20.11 16.65 -26.46
CA GLY B 229 19.11 17.69 -26.25
C GLY B 229 19.65 19.08 -26.55
N PHE B 230 19.11 20.10 -25.87
CA PHE B 230 19.49 21.49 -26.11
C PHE B 230 21.00 21.72 -25.94
N ARG B 231 21.66 20.88 -25.14
CA ARG B 231 23.10 21.02 -24.89
C ARG B 231 23.98 20.89 -26.14
N GLY B 232 23.57 20.02 -27.06
CA GLY B 232 24.28 19.80 -28.31
C GLY B 232 25.78 19.58 -28.13
N LEU B 233 26.13 18.68 -27.22
CA LEU B 233 27.52 18.49 -26.82
C LEU B 233 28.43 18.06 -27.98
N LEU B 234 27.87 17.31 -28.92
CA LEU B 234 28.64 16.89 -30.09
C LEU B 234 28.52 17.88 -31.25
N ILE B 235 27.30 18.05 -31.78
CA ILE B 235 27.11 18.86 -32.98
C ILE B 235 27.48 20.33 -32.80
N ASN B 236 27.11 20.93 -31.66
CA ASN B 236 27.38 22.33 -31.43
C ASN B 236 28.74 22.59 -30.79
N LYS B 237 29.04 21.87 -29.70
CA LYS B 237 30.27 22.12 -28.98
C LYS B 237 31.48 21.49 -29.66
N ALA B 238 31.47 20.17 -29.79
CA ALA B 238 32.58 19.46 -30.42
C ALA B 238 32.76 19.83 -31.90
N MET B 239 31.70 19.66 -32.70
CA MET B 239 31.81 19.85 -34.14
C MET B 239 31.75 21.32 -34.55
N GLU B 240 31.33 22.18 -33.61
CA GLU B 240 31.31 23.63 -33.80
C GLU B 240 30.31 24.08 -34.88
N GLU B 241 29.27 23.30 -35.12
CA GLU B 241 28.23 23.75 -36.04
C GLU B 241 27.33 24.78 -35.35
N PRO B 242 27.20 25.96 -35.97
CA PRO B 242 26.37 27.03 -35.39
C PRO B 242 24.89 26.67 -35.36
N PHE B 243 24.24 27.04 -34.27
CA PHE B 243 22.80 26.99 -34.15
C PHE B 243 22.20 28.28 -34.70
N ILE B 244 21.10 28.17 -35.43
CA ILE B 244 20.39 29.33 -35.96
C ILE B 244 19.18 29.66 -35.11
N ASP B 245 19.30 30.74 -34.34
CA ASP B 245 18.23 31.24 -33.50
C ASP B 245 17.10 31.82 -34.35
N MET B 246 15.89 31.33 -34.16
CA MET B 246 14.75 31.80 -34.93
C MET B 246 13.68 32.39 -34.01
N ASN B 247 14.12 32.84 -32.84
CA ASN B 247 13.27 33.56 -31.89
C ASN B 247 12.76 34.90 -32.46
N ASP B 248 13.42 35.36 -33.51
CA ASP B 248 12.98 36.53 -34.25
C ASP B 248 11.57 36.31 -34.79
N GLN B 249 11.29 35.07 -35.20
CA GLN B 249 10.08 34.73 -35.93
C GLN B 249 9.02 34.08 -35.04
N LEU B 250 9.45 33.24 -34.11
CA LEU B 250 8.55 32.71 -33.09
C LEU B 250 9.00 33.25 -31.75
N LEU B 251 8.13 33.99 -31.09
CA LEU B 251 8.53 34.77 -29.93
C LEU B 251 8.66 33.94 -28.67
N CYS B 252 7.88 32.86 -28.58
CA CYS B 252 7.85 32.07 -27.36
C CYS B 252 9.17 31.33 -27.14
N ASN B 253 9.68 31.40 -25.92
CA ASN B 253 10.99 30.85 -25.60
C ASN B 253 11.08 30.27 -24.18
N ARG B 254 9.95 30.22 -23.49
CA ARG B 254 9.90 29.71 -22.11
C ARG B 254 8.66 28.87 -21.90
N ALA B 255 8.72 27.95 -20.94
CA ALA B 255 7.51 27.30 -20.46
C ALA B 255 7.54 27.09 -18.94
N VAL B 256 6.36 27.10 -18.33
CA VAL B 256 6.17 26.69 -16.96
C VAL B 256 5.12 25.60 -17.00
N ALA B 257 5.44 24.45 -16.41
CA ALA B 257 4.59 23.26 -16.63
C ALA B 257 4.53 22.33 -15.43
N THR B 258 3.49 21.51 -15.41
CA THR B 258 3.27 20.55 -14.35
C THR B 258 2.29 19.47 -14.82
N ALA B 259 2.04 18.48 -13.96
CA ALA B 259 1.01 17.48 -14.21
C ALA B 259 -0.05 17.54 -13.10
N ILE B 260 -1.31 17.45 -13.48
CA ILE B 260 -2.41 17.58 -12.52
C ILE B 260 -3.24 16.30 -12.45
N LYS B 261 -3.51 15.84 -11.23
CA LYS B 261 -4.31 14.62 -11.06
C LYS B 261 -5.77 14.95 -11.39
N HIS B 262 -6.47 14.01 -12.03
CA HIS B 262 -7.79 14.34 -12.56
C HIS B 262 -8.83 13.24 -12.33
N ASP B 263 -10.02 13.65 -11.92
CA ASP B 263 -11.12 12.71 -11.70
C ASP B 263 -11.88 12.51 -13.01
N ASP B 264 -11.56 11.42 -13.69
CA ASP B 264 -12.11 11.14 -15.02
C ASP B 264 -13.59 10.80 -14.99
N ASP B 265 -14.07 10.32 -13.84
CA ASP B 265 -15.48 9.94 -13.72
C ASP B 265 -16.38 11.17 -13.84
N ALA B 266 -15.84 12.33 -13.50
CA ALA B 266 -16.60 13.58 -13.57
C ALA B 266 -16.98 13.96 -14.99
N HIS B 267 -15.97 14.19 -15.84
CA HIS B 267 -16.21 14.69 -17.18
C HIS B 267 -15.47 13.93 -18.28
N GLY B 268 -14.82 12.83 -17.89
CA GLY B 268 -14.13 11.99 -18.86
C GLY B 268 -12.71 12.42 -19.16
N VAL B 269 -12.14 11.81 -20.20
CA VAL B 269 -10.81 12.14 -20.68
C VAL B 269 -10.91 12.67 -22.11
N GLU B 270 -10.54 13.93 -22.32
CA GLU B 270 -10.63 14.55 -23.63
C GLU B 270 -9.67 13.86 -24.61
N PRO B 271 -10.22 13.35 -25.72
CA PRO B 271 -9.35 12.65 -26.69
C PRO B 271 -8.69 13.63 -27.65
N TYR B 272 -8.13 14.71 -27.10
CA TYR B 272 -7.42 15.69 -27.91
C TYR B 272 -6.47 16.53 -27.06
N THR B 273 -5.42 17.03 -27.68
CA THR B 273 -4.55 18.02 -27.04
C THR B 273 -5.24 19.37 -27.14
N SER B 274 -5.29 20.13 -26.05
CA SER B 274 -5.82 21.49 -26.13
C SER B 274 -4.66 22.48 -26.23
N ALA B 275 -4.87 23.56 -26.97
CA ALA B 275 -3.93 24.67 -27.05
C ALA B 275 -4.69 25.95 -26.70
N ILE B 276 -4.49 26.38 -25.45
CA ILE B 276 -5.30 27.45 -24.87
C ILE B 276 -4.57 28.78 -24.93
N ALA B 277 -5.13 29.73 -25.67
CA ALA B 277 -4.50 31.05 -25.79
C ALA B 277 -4.43 31.76 -24.45
N MET B 278 -3.25 32.32 -24.15
CA MET B 278 -3.01 33.07 -22.93
C MET B 278 -2.63 34.50 -23.29
N ARG B 279 -2.37 35.32 -22.28
CA ARG B 279 -2.07 36.73 -22.52
C ARG B 279 -0.73 36.92 -23.26
N SER B 280 0.25 36.07 -23.01
CA SER B 280 1.56 36.23 -23.65
C SER B 280 2.09 34.90 -24.21
N GLY B 281 1.18 34.06 -24.67
CA GLY B 281 1.54 32.79 -25.28
C GLY B 281 0.32 31.90 -25.31
N TRP B 282 0.53 30.62 -24.97
CA TRP B 282 -0.55 29.65 -25.02
C TRP B 282 -0.20 28.44 -24.13
N SER B 283 -1.21 27.72 -23.67
CA SER B 283 -0.97 26.58 -22.79
C SER B 283 -1.44 25.27 -23.40
N TRP B 284 -0.66 24.20 -23.23
CA TRP B 284 -1.10 22.91 -23.68
C TRP B 284 -1.83 22.19 -22.56
N LYS B 285 -2.67 21.24 -22.95
CA LYS B 285 -3.29 20.30 -22.03
C LYS B 285 -3.22 18.95 -22.71
N ILE B 286 -2.53 18.01 -22.08
CA ILE B 286 -2.31 16.67 -22.63
C ILE B 286 -2.88 15.64 -21.67
N PRO B 287 -4.13 15.23 -21.92
CA PRO B 287 -4.86 14.33 -21.04
C PRO B 287 -4.46 12.85 -21.19
N MET B 288 -4.27 12.20 -20.06
CA MET B 288 -3.98 10.77 -19.97
C MET B 288 -4.91 10.17 -18.93
N LEU B 289 -4.87 8.87 -18.74
CA LEU B 289 -5.72 8.24 -17.73
C LEU B 289 -5.38 8.77 -16.33
N GLY B 290 -6.35 9.39 -15.67
CA GLY B 290 -6.20 9.81 -14.29
C GLY B 290 -5.39 11.07 -14.02
N ARG B 291 -4.88 11.69 -15.07
CA ARG B 291 -4.05 12.90 -14.94
C ARG B 291 -3.89 13.61 -16.28
N PHE B 292 -3.50 14.87 -16.26
CA PHE B 292 -3.15 15.54 -17.51
C PHE B 292 -1.91 16.41 -17.36
N GLY B 293 -1.14 16.52 -18.43
CA GLY B 293 0.02 17.38 -18.47
C GLY B 293 -0.34 18.74 -19.04
N THR B 294 0.25 19.80 -18.49
CA THR B 294 -0.12 21.14 -18.93
C THR B 294 1.06 22.09 -18.75
N GLY B 295 1.22 23.01 -19.69
CA GLY B 295 2.29 24.00 -19.60
C GLY B 295 1.92 25.29 -20.30
N TYR B 296 2.29 26.43 -19.70
CA TYR B 296 2.17 27.75 -20.33
C TYR B 296 3.45 28.05 -21.08
N VAL B 297 3.35 28.05 -22.41
CA VAL B 297 4.43 28.46 -23.29
C VAL B 297 4.33 29.97 -23.51
N TYR B 298 5.37 30.72 -23.18
CA TYR B 298 5.27 32.17 -23.29
C TYR B 298 6.55 32.80 -23.77
N SER B 299 6.47 34.08 -24.11
CA SER B 299 7.61 34.86 -24.56
C SER B 299 8.14 35.74 -23.43
N SER B 300 9.42 35.59 -23.08
CA SER B 300 10.02 36.33 -21.98
C SER B 300 10.14 37.82 -22.33
N ARG B 301 10.05 38.13 -23.62
CA ARG B 301 10.03 39.52 -24.06
C ARG B 301 8.71 40.21 -23.68
N PHE B 302 7.68 39.43 -23.37
CA PHE B 302 6.38 40.01 -23.08
C PHE B 302 5.80 39.69 -21.70
N ALA B 303 6.37 38.70 -21.01
CA ALA B 303 5.94 38.41 -19.64
C ALA B 303 7.11 38.07 -18.72
N GLU B 304 7.02 38.51 -17.47
CA GLU B 304 7.99 38.15 -16.45
C GLU B 304 7.76 36.70 -16.02
N LYS B 305 8.80 36.06 -15.48
CA LYS B 305 8.68 34.66 -15.08
C LYS B 305 7.56 34.45 -14.07
N ASP B 306 7.45 35.35 -13.09
CA ASP B 306 6.47 35.16 -12.02
C ASP B 306 5.02 35.35 -12.50
N GLU B 307 4.77 36.28 -13.41
CA GLU B 307 3.38 36.43 -13.86
C GLU B 307 2.95 35.23 -14.69
N ALA B 308 3.87 34.70 -15.49
CA ALA B 308 3.57 33.50 -16.28
C ALA B 308 3.19 32.37 -15.33
N THR B 309 4.05 32.12 -14.35
CA THR B 309 3.78 31.16 -13.28
C THR B 309 2.40 31.37 -12.64
N LEU B 310 2.11 32.60 -12.23
CA LEU B 310 0.83 32.86 -11.57
C LEU B 310 -0.36 32.68 -12.52
N ASP B 311 -0.26 33.20 -13.74
CA ASP B 311 -1.31 33.05 -14.74
C ASP B 311 -1.61 31.57 -14.98
N PHE B 312 -0.54 30.78 -15.07
CA PHE B 312 -0.64 29.33 -15.26
C PHE B 312 -1.40 28.69 -14.09
N CYS B 313 -0.92 28.92 -12.88
CA CYS B 313 -1.56 28.39 -11.68
C CYS B 313 -2.99 28.86 -11.52
N ARG B 314 -3.24 30.13 -11.83
CA ARG B 314 -4.57 30.71 -11.74
C ARG B 314 -5.54 29.97 -12.66
N MET B 315 -5.09 29.62 -13.85
CA MET B 315 -5.98 28.96 -14.82
C MET B 315 -6.45 27.60 -14.32
N TRP B 316 -5.56 26.85 -13.68
CA TRP B 316 -5.92 25.53 -13.16
C TRP B 316 -6.29 25.53 -11.68
N GLY B 317 -6.37 26.70 -11.07
CA GLY B 317 -6.73 26.80 -9.67
C GLY B 317 -5.73 26.15 -8.73
N LEU B 318 -4.45 26.24 -9.09
CA LEU B 318 -3.35 25.69 -8.29
C LEU B 318 -2.79 26.71 -7.30
N ASP B 319 -2.30 26.21 -6.18
CA ASP B 319 -1.60 27.03 -5.19
C ASP B 319 -0.15 27.21 -5.60
N PRO B 320 0.22 28.43 -6.04
CA PRO B 320 1.56 28.71 -6.56
C PRO B 320 2.64 28.49 -5.52
N GLU B 321 2.28 28.59 -4.25
CA GLU B 321 3.22 28.40 -3.16
C GLU B 321 3.41 26.93 -2.79
N ASN B 322 2.65 26.05 -3.44
CA ASN B 322 2.64 24.65 -3.05
C ASN B 322 2.43 23.72 -4.23
N THR B 323 3.03 24.07 -5.37
CA THR B 323 2.91 23.26 -6.58
C THR B 323 4.28 23.06 -7.22
N PRO B 324 4.69 21.80 -7.43
CA PRO B 324 5.91 21.56 -8.20
C PRO B 324 5.76 22.03 -9.63
N LEU B 325 6.71 22.83 -10.09
CA LEU B 325 6.67 23.37 -11.44
C LEU B 325 8.00 23.18 -12.15
N ASN B 326 7.92 22.85 -13.44
CA ASN B 326 9.11 22.86 -14.30
C ASN B 326 9.25 24.22 -14.96
N GLN B 327 10.32 24.95 -14.66
CA GLN B 327 10.61 26.20 -15.35
C GLN B 327 11.66 25.93 -16.42
N VAL B 328 11.28 26.06 -17.68
CA VAL B 328 12.20 25.70 -18.74
C VAL B 328 12.44 26.83 -19.75
N ALA B 329 13.69 26.96 -20.18
CA ALA B 329 14.05 27.89 -21.24
C ALA B 329 14.25 27.12 -22.54
N PHE B 330 13.56 27.55 -23.58
CA PHE B 330 13.60 26.88 -24.88
C PHE B 330 14.71 27.40 -25.75
N ARG B 331 15.17 26.53 -26.64
CA ARG B 331 16.09 26.91 -27.71
C ARG B 331 15.35 26.78 -29.04
N VAL B 332 14.86 27.89 -29.58
CA VAL B 332 14.03 27.82 -30.78
C VAL B 332 14.82 28.09 -32.05
N GLY B 333 14.78 27.14 -32.99
CA GLY B 333 15.56 27.24 -34.20
C GLY B 333 16.12 25.88 -34.59
N ARG B 334 17.12 25.87 -35.45
CA ARG B 334 17.77 24.64 -35.86
C ARG B 334 19.25 24.89 -36.14
N ASN B 335 20.04 23.83 -36.17
CA ASN B 335 21.42 23.95 -36.62
C ASN B 335 21.50 24.33 -38.09
N ARG B 336 22.60 24.96 -38.47
CA ARG B 336 22.86 25.25 -39.87
C ARG B 336 22.83 23.95 -40.68
N ARG B 337 23.38 22.90 -40.10
CA ARG B 337 23.33 21.55 -40.67
C ARG B 337 23.06 20.53 -39.57
N ALA B 338 22.20 19.56 -39.84
CA ALA B 338 21.84 18.58 -38.84
C ALA B 338 22.91 17.49 -38.74
N TRP B 339 23.67 17.33 -39.81
CA TRP B 339 24.70 16.29 -39.90
C TRP B 339 25.98 16.91 -40.46
N VAL B 340 27.03 16.88 -39.65
CA VAL B 340 28.33 17.38 -40.05
C VAL B 340 29.38 16.27 -39.87
N LYS B 341 30.18 16.02 -40.90
CA LYS B 341 31.16 14.94 -40.87
C LYS B 341 30.51 13.63 -40.45
N ASN B 342 31.00 13.01 -39.38
CA ASN B 342 30.37 11.77 -38.92
C ASN B 342 29.51 11.96 -37.66
N CYS B 343 28.96 13.16 -37.49
CA CYS B 343 28.10 13.45 -36.37
C CYS B 343 26.69 13.87 -36.81
N VAL B 344 25.67 13.15 -36.35
CA VAL B 344 24.30 13.43 -36.75
C VAL B 344 23.45 13.83 -35.55
N SER B 345 22.89 15.03 -35.58
CA SER B 345 22.08 15.45 -34.45
C SER B 345 20.63 15.03 -34.66
N ILE B 346 20.02 14.53 -33.59
CA ILE B 346 18.63 14.08 -33.59
C ILE B 346 17.91 14.65 -32.38
N GLY B 347 16.69 15.14 -32.57
CA GLY B 347 15.93 15.67 -31.46
C GLY B 347 16.30 17.11 -31.15
N LEU B 348 16.26 17.49 -29.88
CA LEU B 348 16.48 18.89 -29.52
C LEU B 348 17.90 19.34 -29.83
N ALA B 349 18.82 18.39 -29.90
CA ALA B 349 20.18 18.67 -30.34
C ALA B 349 20.21 19.23 -31.75
N SER B 350 19.21 18.87 -32.55
CA SER B 350 19.13 19.29 -33.94
C SER B 350 18.26 20.55 -34.11
N CYS B 351 17.09 20.55 -33.48
CA CYS B 351 16.12 21.62 -33.70
C CYS B 351 14.96 21.58 -32.73
N PHE B 352 14.31 22.72 -32.54
CA PHE B 352 13.15 22.76 -31.66
C PHE B 352 12.19 23.88 -32.04
N LEU B 353 10.91 23.56 -31.97
CA LEU B 353 9.80 24.52 -32.06
C LEU B 353 8.90 24.32 -30.87
N GLU B 354 8.17 25.36 -30.47
CA GLU B 354 7.17 25.20 -29.42
C GLU B 354 6.16 24.15 -29.86
N PRO B 355 5.65 23.32 -28.93
CA PRO B 355 4.85 22.17 -29.35
C PRO B 355 3.42 22.53 -29.70
N LEU B 356 3.22 23.59 -30.46
CA LEU B 356 1.85 23.99 -30.79
C LEU B 356 1.12 22.95 -31.63
N GLU B 357 1.84 22.35 -32.57
CA GLU B 357 1.23 21.31 -33.39
C GLU B 357 1.91 19.97 -33.18
N SER B 358 2.50 19.80 -31.99
CA SER B 358 3.10 18.54 -31.54
C SER B 358 3.97 17.85 -32.59
N THR B 359 5.09 18.48 -32.92
CA THR B 359 5.98 17.97 -33.94
C THR B 359 7.30 17.43 -33.38
N GLY B 360 7.46 17.47 -32.05
CA GLY B 360 8.65 16.95 -31.41
C GLY B 360 9.01 15.50 -31.70
N ILE B 361 8.15 14.56 -31.30
CA ILE B 361 8.40 13.14 -31.53
C ILE B 361 8.46 12.87 -33.04
N TYR B 362 7.74 13.68 -33.81
CA TYR B 362 7.72 13.52 -35.26
C TYR B 362 9.05 13.88 -35.90
N PHE B 363 9.64 15.00 -35.48
CA PHE B 363 10.96 15.44 -35.97
C PHE B 363 12.04 14.39 -35.69
N ILE B 364 11.94 13.70 -34.56
CA ILE B 364 12.89 12.66 -34.22
C ILE B 364 12.67 11.47 -35.13
N THR B 365 11.41 11.05 -35.21
CA THR B 365 11.00 9.95 -36.08
C THR B 365 11.41 10.17 -37.52
N ALA B 366 11.18 11.39 -38.02
CA ALA B 366 11.53 11.73 -39.39
C ALA B 366 13.04 11.73 -39.57
N ALA B 367 13.76 12.25 -38.58
CA ALA B 367 15.21 12.31 -38.64
C ALA B 367 15.83 10.92 -38.68
N ILE B 368 15.32 10.04 -37.82
CA ILE B 368 15.73 8.66 -37.78
C ILE B 368 15.47 8.00 -39.13
N TYR B 369 14.24 8.15 -39.63
CA TYR B 369 13.86 7.56 -40.90
C TYR B 369 14.80 8.00 -42.00
N GLN B 370 15.03 9.31 -42.08
CA GLN B 370 15.85 9.88 -43.14
C GLN B 370 17.32 9.47 -43.03
N LEU B 371 17.81 9.30 -41.81
CA LEU B 371 19.16 8.83 -41.61
C LEU B 371 19.36 7.44 -42.23
N THR B 372 18.41 6.53 -42.01
CA THR B 372 18.52 5.19 -42.58
C THR B 372 18.40 5.24 -44.11
N GLN B 373 17.63 6.19 -44.61
CA GLN B 373 17.50 6.41 -46.06
C GLN B 373 18.76 7.01 -46.68
N HIS B 374 19.53 7.73 -45.87
CA HIS B 374 20.78 8.31 -46.33
C HIS B 374 21.96 7.71 -45.57
N PHE B 375 21.82 6.46 -45.15
CA PHE B 375 22.82 5.85 -44.30
C PHE B 375 24.17 5.79 -44.99
N PRO B 376 25.22 6.24 -44.28
CA PRO B 376 26.56 6.30 -44.85
C PRO B 376 27.34 5.01 -44.71
N ASP B 377 28.39 4.88 -45.51
CA ASP B 377 29.47 3.96 -45.17
C ASP B 377 30.61 4.81 -44.62
N ARG B 378 31.79 4.22 -44.46
CA ARG B 378 32.88 4.91 -43.80
C ARG B 378 33.55 5.98 -44.67
N THR B 379 33.21 6.03 -45.94
CA THR B 379 33.75 7.09 -46.80
C THR B 379 32.98 8.40 -46.61
N PHE B 380 31.81 8.31 -45.97
CA PHE B 380 30.89 9.43 -45.72
C PHE B 380 30.75 10.36 -46.91
N ALA B 381 30.17 9.86 -47.99
CA ALA B 381 29.98 10.66 -49.18
C ALA B 381 29.14 11.88 -48.83
N LEU B 382 29.59 13.06 -49.24
CA LEU B 382 28.93 14.30 -48.86
C LEU B 382 27.51 14.41 -49.41
N ALA B 383 27.24 13.73 -50.53
CA ALA B 383 25.90 13.78 -51.13
C ALA B 383 24.86 13.20 -50.17
N LEU B 384 25.27 12.20 -49.40
CA LEU B 384 24.38 11.58 -48.42
C LEU B 384 23.98 12.57 -47.33
N SER B 385 24.98 13.25 -46.75
CA SER B 385 24.71 14.21 -45.68
C SER B 385 24.07 15.51 -46.20
N ASP B 386 24.41 15.90 -47.42
CA ASP B 386 23.78 17.07 -48.04
C ASP B 386 22.28 16.84 -48.20
N ALA B 387 21.94 15.70 -48.78
CA ALA B 387 20.54 15.33 -48.98
C ALA B 387 19.81 15.26 -47.63
N PHE B 388 20.39 14.55 -46.67
CA PHE B 388 19.82 14.47 -45.32
C PHE B 388 19.55 15.86 -44.77
N ASN B 389 20.56 16.71 -44.78
CA ASN B 389 20.48 18.04 -44.21
C ASN B 389 19.36 18.85 -44.86
N HIS B 390 19.21 18.69 -46.18
CA HIS B 390 18.16 19.36 -46.92
C HIS B 390 16.76 18.92 -46.51
N GLU B 391 16.54 17.61 -46.32
CA GLU B 391 15.20 17.14 -45.92
C GLU B 391 14.82 17.63 -44.50
N ILE B 392 15.77 17.54 -43.57
CA ILE B 392 15.55 18.01 -42.20
C ILE B 392 15.27 19.51 -42.16
N GLU B 393 16.09 20.26 -42.89
CA GLU B 393 15.93 21.71 -42.95
C GLU B 393 14.57 22.09 -43.57
N ALA B 394 14.20 21.45 -44.68
CA ALA B 394 12.92 21.79 -45.33
C ALA B 394 11.75 21.42 -44.44
N MET B 395 11.85 20.26 -43.80
CA MET B 395 10.82 19.79 -42.86
C MET B 395 10.62 20.77 -41.71
N PHE B 396 11.72 21.23 -41.13
CA PHE B 396 11.67 22.15 -40.01
C PHE B 396 11.10 23.52 -40.40
N ASP B 397 11.64 24.11 -41.46
CA ASP B 397 11.26 25.47 -41.82
C ASP B 397 9.79 25.54 -42.29
N ASP B 398 9.28 24.45 -42.85
CA ASP B 398 7.89 24.39 -43.27
C ASP B 398 6.95 24.48 -42.06
N THR B 399 7.25 23.70 -41.03
CA THR B 399 6.42 23.65 -39.85
C THR B 399 6.57 24.92 -39.02
N ARG B 400 7.80 25.45 -38.96
CA ARG B 400 8.06 26.76 -38.34
C ARG B 400 7.15 27.83 -38.94
N ASP B 401 7.08 27.88 -40.27
CA ASP B 401 6.25 28.90 -40.92
C ASP B 401 4.77 28.69 -40.63
N PHE B 402 4.34 27.43 -40.66
CA PHE B 402 2.96 27.06 -40.38
C PHE B 402 2.55 27.42 -38.94
N ILE B 403 3.44 27.16 -38.00
CA ILE B 403 3.22 27.54 -36.62
C ILE B 403 3.16 29.07 -36.49
N GLN B 404 4.05 29.77 -37.18
CA GLN B 404 4.02 31.23 -37.10
C GLN B 404 2.65 31.77 -37.56
N ALA B 405 2.09 31.16 -38.59
CA ALA B 405 0.81 31.62 -39.14
C ALA B 405 -0.33 31.54 -38.12
N HIS B 406 -0.22 30.63 -37.15
CA HIS B 406 -1.23 30.55 -36.07
C HIS B 406 -1.35 31.87 -35.34
N PHE B 407 -0.21 32.48 -35.07
CA PHE B 407 -0.11 33.76 -34.37
C PHE B 407 -0.38 34.95 -35.27
N TYR B 408 0.12 34.87 -36.50
CA TYR B 408 -0.01 35.96 -37.47
C TYR B 408 -1.47 36.15 -37.88
N VAL B 409 -2.16 35.04 -38.14
CA VAL B 409 -3.53 35.10 -38.66
C VAL B 409 -4.55 35.27 -37.53
N SER B 410 -4.20 34.90 -36.30
CA SER B 410 -5.08 35.14 -35.16
C SER B 410 -5.51 36.60 -35.17
N PRO B 411 -6.81 36.85 -34.98
CA PRO B 411 -7.22 38.26 -35.01
C PRO B 411 -6.89 39.01 -33.72
N ARG B 412 -6.36 38.32 -32.70
CA ARG B 412 -6.19 38.98 -31.41
C ARG B 412 -5.15 40.07 -31.45
N THR B 413 -5.46 41.20 -30.83
CA THR B 413 -4.50 42.29 -30.67
C THR B 413 -4.59 42.92 -29.27
N ASP B 414 -5.21 42.21 -28.32
CA ASP B 414 -5.56 42.82 -27.04
C ASP B 414 -4.40 42.93 -26.05
N THR B 415 -3.29 42.24 -26.32
CA THR B 415 -2.09 42.34 -25.50
C THR B 415 -0.89 42.65 -26.39
N PRO B 416 0.22 43.13 -25.79
CA PRO B 416 1.38 43.47 -26.63
C PRO B 416 1.94 42.25 -27.38
N PHE B 417 1.78 41.07 -26.82
CA PHE B 417 2.27 39.84 -27.44
C PHE B 417 1.45 39.51 -28.69
N TRP B 418 0.12 39.53 -28.57
CA TRP B 418 -0.71 39.23 -29.73
C TRP B 418 -0.55 40.30 -30.81
N LYS B 419 -0.44 41.56 -30.39
CA LYS B 419 -0.18 42.63 -31.35
C LYS B 419 1.20 42.49 -32.01
N ALA B 420 2.21 42.13 -31.22
CA ALA B 420 3.57 42.03 -31.76
C ALA B 420 3.66 40.96 -32.85
N ASN B 421 2.88 39.91 -32.71
CA ASN B 421 2.91 38.83 -33.69
C ASN B 421 2.49 39.27 -35.11
N LYS B 422 1.70 40.34 -35.22
CA LYS B 422 1.28 40.85 -36.53
C LYS B 422 2.32 41.77 -37.17
N ASP B 423 3.31 42.17 -36.39
CA ASP B 423 4.33 43.08 -36.89
C ASP B 423 5.57 42.32 -37.34
N LEU B 424 5.59 41.02 -37.08
CA LEU B 424 6.73 40.21 -37.48
C LEU B 424 6.72 39.99 -38.98
N HIS B 425 7.90 39.79 -39.55
CA HIS B 425 8.01 39.49 -40.97
C HIS B 425 7.30 38.19 -41.33
N LEU B 426 6.47 38.23 -42.36
CA LEU B 426 5.83 37.02 -42.86
C LEU B 426 6.63 36.48 -44.04
N PRO B 427 7.10 35.22 -43.97
CA PRO B 427 7.91 34.69 -45.07
C PRO B 427 7.14 34.70 -46.39
N GLU B 428 7.84 34.87 -47.50
CA GLU B 428 7.21 34.99 -48.81
C GLU B 428 6.30 33.80 -49.13
N GLN B 429 6.76 32.59 -48.81
CA GLN B 429 5.98 31.42 -49.21
C GLN B 429 4.67 31.36 -48.44
N MET B 430 4.64 31.87 -47.21
CA MET B 430 3.41 31.87 -46.42
C MET B 430 2.49 32.99 -46.89
N ARG B 431 3.07 34.14 -47.22
CA ARG B 431 2.31 35.23 -47.79
C ARG B 431 1.58 34.72 -49.04
N GLU B 432 2.29 33.93 -49.85
CA GLU B 432 1.70 33.40 -51.07
C GLU B 432 0.55 32.44 -50.75
N LYS B 433 0.75 31.58 -49.75
CA LYS B 433 -0.29 30.62 -49.37
C LYS B 433 -1.58 31.31 -48.92
N ILE B 434 -1.44 32.35 -48.09
CA ILE B 434 -2.58 33.11 -47.63
C ILE B 434 -3.28 33.79 -48.82
N ALA B 435 -2.49 34.27 -49.77
CA ALA B 435 -3.09 34.88 -50.96
C ALA B 435 -3.85 33.86 -51.79
N MET B 436 -3.31 32.65 -51.90
CA MET B 436 -3.96 31.59 -52.66
C MET B 436 -5.26 31.20 -51.99
N TYR B 437 -5.21 31.12 -50.67
CA TYR B 437 -6.38 30.77 -49.87
C TYR B 437 -7.50 31.82 -50.02
N LYS B 438 -7.13 33.09 -49.93
CA LYS B 438 -8.10 34.17 -50.12
C LYS B 438 -8.68 34.19 -51.53
N ALA B 439 -7.91 33.72 -52.52
CA ALA B 439 -8.38 33.66 -53.90
C ALA B 439 -9.21 32.40 -54.16
N GLY B 440 -9.33 31.57 -53.14
CA GLY B 440 -10.18 30.39 -53.23
C GLY B 440 -9.45 29.12 -53.62
N LEU B 441 -8.13 29.20 -53.83
CA LEU B 441 -7.31 28.05 -54.21
C LEU B 441 -7.00 27.11 -53.05
N PRO B 442 -6.96 25.79 -53.34
CA PRO B 442 -6.47 24.90 -52.29
C PRO B 442 -4.98 25.12 -52.07
N ILE B 443 -4.50 24.76 -50.89
CA ILE B 443 -3.08 24.82 -50.60
C ILE B 443 -2.62 23.40 -50.35
N ASN B 444 -1.59 22.92 -51.04
CA ASN B 444 -1.08 21.57 -50.80
C ASN B 444 -2.18 20.49 -50.78
N ALA B 445 -3.01 20.45 -51.82
CA ALA B 445 -4.09 19.47 -51.86
C ALA B 445 -3.51 18.05 -51.85
N PRO B 446 -4.14 17.15 -51.09
CA PRO B 446 -3.63 15.77 -51.05
C PRO B 446 -3.88 15.08 -52.37
N VAL B 447 -2.88 14.34 -52.79
CA VAL B 447 -2.88 13.68 -54.08
C VAL B 447 -3.30 12.21 -53.97
N THR B 448 -3.17 11.66 -52.76
CA THR B 448 -3.46 10.25 -52.51
C THR B 448 -4.66 10.06 -51.58
N ASP B 449 -5.18 8.84 -51.50
CA ASP B 449 -6.16 8.53 -50.46
C ASP B 449 -5.42 8.33 -49.14
N GLU B 450 -6.17 8.21 -48.04
CA GLU B 450 -5.57 8.10 -46.71
C GLU B 450 -4.68 6.86 -46.53
N SER B 451 -5.08 5.74 -47.11
CA SER B 451 -4.31 4.50 -46.98
C SER B 451 -2.88 4.69 -47.47
N THR B 452 -2.72 5.31 -48.65
CA THR B 452 -1.40 5.59 -49.19
C THR B 452 -0.66 6.60 -48.32
N TYR B 453 -1.34 7.70 -47.99
CA TYR B 453 -0.76 8.79 -47.20
C TYR B 453 -0.19 8.33 -45.85
N TYR B 454 -0.97 7.56 -45.09
CA TYR B 454 -0.47 7.06 -43.81
C TYR B 454 0.24 5.71 -43.95
N GLY B 455 0.14 5.12 -45.13
CA GLY B 455 0.77 3.83 -45.39
C GLY B 455 2.22 3.94 -45.80
N ARG B 456 2.56 4.95 -46.58
CA ARG B 456 3.93 5.19 -46.99
C ARG B 456 4.41 6.51 -46.37
N PHE B 457 5.43 6.45 -45.53
CA PHE B 457 5.89 7.63 -44.82
C PHE B 457 6.34 8.75 -45.74
N GLU B 458 7.04 8.42 -46.81
CA GLU B 458 7.54 9.48 -47.69
C GLU B 458 6.43 10.16 -48.48
N ALA B 459 5.28 9.52 -48.62
CA ALA B 459 4.14 10.20 -49.24
C ALA B 459 3.75 11.37 -48.34
N GLU B 460 3.58 11.08 -47.06
CA GLU B 460 3.20 12.09 -46.09
C GLU B 460 4.29 13.16 -45.95
N PHE B 461 5.55 12.71 -45.97
CA PHE B 461 6.69 13.59 -45.75
C PHE B 461 6.81 14.67 -46.84
N ARG B 462 6.40 14.32 -48.06
CA ARG B 462 6.36 15.26 -49.18
C ARG B 462 5.14 16.16 -49.17
N ASN B 463 4.19 15.90 -48.29
CA ASN B 463 3.01 16.78 -48.19
C ASN B 463 2.43 16.75 -46.80
N PHE B 464 3.17 17.25 -45.84
CA PHE B 464 2.84 17.00 -44.44
C PHE B 464 1.68 17.84 -43.96
N TRP B 465 1.71 19.12 -44.28
CA TRP B 465 0.60 20.01 -43.97
C TRP B 465 -0.26 20.16 -45.21
N THR B 466 -1.34 19.38 -45.30
CA THR B 466 -2.18 19.43 -46.49
C THR B 466 -3.19 20.57 -46.46
N ASN B 467 -3.96 20.68 -47.55
CA ASN B 467 -5.06 21.64 -47.63
C ASN B 467 -5.97 21.62 -46.42
N GLY B 468 -6.27 20.43 -45.92
CA GLY B 468 -7.13 20.28 -44.76
C GLY B 468 -6.63 20.98 -43.51
N SER B 469 -5.32 20.94 -43.28
CA SER B 469 -4.69 21.60 -42.13
C SER B 469 -4.71 23.13 -42.28
N TYR B 470 -4.37 23.63 -43.46
CA TYR B 470 -4.40 25.06 -43.69
C TYR B 470 -5.82 25.61 -43.48
N TYR B 471 -6.83 24.88 -43.94
CA TYR B 471 -8.20 25.32 -43.71
C TYR B 471 -8.56 25.23 -42.23
N CYS B 472 -8.18 24.14 -41.55
CA CYS B 472 -8.44 24.03 -40.11
C CYS B 472 -7.99 25.25 -39.35
N ILE B 473 -6.80 25.74 -39.68
CA ILE B 473 -6.20 26.85 -38.95
C ILE B 473 -6.70 28.20 -39.44
N PHE B 474 -6.72 28.42 -40.74
CA PHE B 474 -7.17 29.72 -41.26
C PHE B 474 -8.65 29.95 -40.98
N ALA B 475 -9.48 28.98 -41.35
CA ALA B 475 -10.91 29.12 -41.09
C ALA B 475 -11.18 29.10 -39.58
N GLY B 476 -10.44 28.28 -38.83
CA GLY B 476 -10.60 28.25 -37.38
C GLY B 476 -10.31 29.60 -36.74
N LEU B 477 -9.38 30.35 -37.31
CA LEU B 477 -9.03 31.66 -36.78
C LEU B 477 -9.90 32.77 -37.36
N GLY B 478 -10.85 32.41 -38.22
CA GLY B 478 -11.81 33.38 -38.73
C GLY B 478 -11.46 33.93 -40.11
N LEU B 479 -10.39 33.41 -40.71
CA LEU B 479 -10.02 33.84 -42.05
C LEU B 479 -10.65 32.94 -43.11
N ARG B 480 -11.50 33.53 -43.94
CA ARG B 480 -12.16 32.82 -45.05
C ARG B 480 -11.74 33.41 -46.39
N PRO B 481 -11.87 32.62 -47.48
CA PRO B 481 -11.55 33.14 -48.82
C PRO B 481 -12.31 34.43 -49.14
N ASP B 482 -11.71 35.34 -49.90
CA ASP B 482 -12.41 36.51 -50.44
C ASP B 482 -13.63 36.09 -51.26
N ASN B 483 -13.49 34.96 -51.94
CA ASN B 483 -14.57 34.39 -52.73
C ASN B 483 -14.28 32.92 -52.95
N PRO B 484 -15.31 32.12 -53.23
CA PRO B 484 -15.05 30.70 -53.48
C PRO B 484 -14.28 30.49 -54.78
N LEU B 485 -13.67 29.31 -54.91
CA LEU B 485 -13.01 28.90 -56.13
C LEU B 485 -13.84 29.22 -57.38
N PRO B 486 -13.31 30.05 -58.30
CA PRO B 486 -14.10 30.55 -59.42
C PRO B 486 -14.71 29.48 -60.32
N MET B 487 -14.01 28.36 -60.49
CA MET B 487 -14.51 27.29 -61.34
C MET B 487 -15.84 26.77 -60.81
N LEU B 488 -16.05 26.83 -59.50
CA LEU B 488 -17.29 26.29 -58.92
C LEU B 488 -18.53 27.02 -59.44
N ARG B 489 -18.37 28.29 -59.80
CA ARG B 489 -19.50 29.03 -60.39
C ARG B 489 -19.86 28.53 -61.80
N HIS B 490 -18.97 27.76 -62.42
CA HIS B 490 -19.28 27.15 -63.72
C HIS B 490 -19.79 25.72 -63.58
N ARG B 491 -19.79 25.21 -62.35
CA ARG B 491 -20.20 23.83 -62.11
C ARG B 491 -21.24 23.70 -60.99
N PRO B 492 -22.39 24.39 -61.11
CA PRO B 492 -23.38 24.37 -60.04
C PRO B 492 -23.88 22.97 -59.71
N GLU B 493 -23.93 22.09 -60.70
CA GLU B 493 -24.41 20.74 -60.48
C GLU B 493 -23.47 20.00 -59.50
N GLN B 494 -22.16 20.28 -59.59
CA GLN B 494 -21.22 19.69 -58.64
C GLN B 494 -21.49 20.21 -57.24
N VAL B 495 -21.77 21.50 -57.11
CA VAL B 495 -22.13 22.08 -55.82
C VAL B 495 -23.40 21.41 -55.27
N ARG B 496 -24.42 21.25 -56.12
CA ARG B 496 -25.63 20.59 -55.68
C ARG B 496 -25.33 19.16 -55.24
N GLU B 497 -24.53 18.45 -56.04
CA GLU B 497 -24.19 17.07 -55.71
C GLU B 497 -23.37 16.96 -54.41
N ALA B 498 -22.45 17.91 -54.19
CA ALA B 498 -21.49 17.78 -53.09
C ALA B 498 -22.16 17.88 -51.72
N GLN B 499 -23.37 18.41 -51.69
CA GLN B 499 -24.11 18.58 -50.44
C GLN B 499 -24.37 17.25 -49.76
N ALA B 500 -24.47 16.18 -50.55
CA ALA B 500 -24.62 14.84 -50.00
C ALA B 500 -23.46 14.45 -49.09
N LEU B 501 -22.29 15.05 -49.32
CA LEU B 501 -21.14 14.76 -48.47
C LEU B 501 -21.31 15.40 -47.09
N PHE B 502 -21.90 16.58 -47.03
CA PHE B 502 -22.10 17.25 -45.76
C PHE B 502 -23.11 16.46 -44.92
N ALA B 503 -24.16 15.96 -45.58
CA ALA B 503 -25.15 15.11 -44.93
C ALA B 503 -24.52 13.84 -44.36
N GLY B 504 -23.59 13.25 -45.12
CA GLY B 504 -22.87 12.08 -44.66
C GLY B 504 -22.09 12.37 -43.39
N VAL B 505 -21.38 13.49 -43.36
CA VAL B 505 -20.60 13.86 -42.19
C VAL B 505 -21.51 13.99 -40.97
N LYS B 506 -22.68 14.60 -41.16
CA LYS B 506 -23.66 14.70 -40.10
C LYS B 506 -24.15 13.33 -39.62
N ASP B 507 -24.41 12.43 -40.58
CA ASP B 507 -24.83 11.06 -40.25
C ASP B 507 -23.74 10.36 -39.45
N LYS B 508 -22.49 10.54 -39.88
CA LYS B 508 -21.37 9.93 -39.18
C LYS B 508 -21.19 10.55 -37.79
N GLN B 509 -21.43 11.85 -37.68
CA GLN B 509 -21.34 12.52 -36.38
C GLN B 509 -22.34 11.93 -35.40
N ARG B 510 -23.55 11.64 -35.86
CA ARG B 510 -24.55 11.08 -34.98
C ARG B 510 -24.22 9.62 -34.67
N GLU B 511 -23.67 8.90 -35.65
CA GLU B 511 -23.29 7.50 -35.45
C GLU B 511 -22.20 7.35 -34.38
N LEU B 512 -21.20 8.23 -34.46
CA LEU B 512 -20.06 8.15 -33.56
C LEU B 512 -20.45 8.48 -32.12
N VAL B 513 -21.20 9.56 -31.92
CA VAL B 513 -21.58 9.94 -30.56
C VAL B 513 -22.54 8.92 -29.95
N GLU B 514 -23.38 8.32 -30.78
CA GLU B 514 -24.39 7.40 -30.27
C GLU B 514 -23.85 5.99 -29.99
N THR B 515 -22.78 5.58 -30.66
CA THR B 515 -22.35 4.19 -30.54
C THR B 515 -20.90 3.95 -30.08
N LEU B 516 -20.06 4.98 -30.13
CA LEU B 516 -18.69 4.81 -29.63
C LEU B 516 -18.66 4.77 -28.12
N PRO B 517 -17.71 4.01 -27.55
CA PRO B 517 -17.46 4.05 -26.11
C PRO B 517 -16.73 5.33 -25.75
N SER B 518 -16.80 5.75 -24.49
CA SER B 518 -16.07 6.95 -24.10
C SER B 518 -14.57 6.68 -24.15
N ASN B 519 -13.79 7.74 -24.28
CA ASN B 519 -12.35 7.65 -24.21
C ASN B 519 -11.93 6.94 -22.91
N LEU B 520 -12.55 7.38 -21.82
CA LEU B 520 -12.32 6.77 -20.50
C LEU B 520 -12.52 5.25 -20.50
N GLU B 521 -13.64 4.81 -21.07
CA GLU B 521 -13.96 3.38 -21.18
C GLU B 521 -12.86 2.56 -21.85
N PHE B 522 -12.31 3.09 -22.94
CA PHE B 522 -11.28 2.36 -23.66
C PHE B 522 -9.99 2.32 -22.87
N LEU B 523 -9.58 3.47 -22.34
CA LEU B 523 -8.37 3.57 -21.56
C LEU B 523 -8.39 2.61 -20.37
N ARG B 524 -9.53 2.50 -19.71
CA ARG B 524 -9.67 1.57 -18.58
C ARG B 524 -9.65 0.12 -19.04
N SER B 525 -10.15 -0.13 -20.24
CA SER B 525 -10.09 -1.46 -20.83
C SER B 525 -8.64 -1.78 -21.17
N LEU B 526 -7.93 -0.77 -21.65
CA LEU B 526 -6.56 -0.91 -22.12
C LEU B 526 -5.56 -1.00 -20.96
N HIS B 527 -5.82 -0.25 -19.89
CA HIS B 527 -4.89 -0.14 -18.76
C HIS B 527 -5.34 -0.96 -17.56
N ASP C 2 14.67 -4.56 37.05
CA ASP C 2 13.69 -3.70 36.39
C ASP C 2 12.30 -3.95 36.95
N ASN C 3 11.63 -2.90 37.40
CA ASN C 3 10.35 -3.08 38.07
C ASN C 3 9.13 -2.75 37.22
N ARG C 4 9.33 -2.41 35.96
CA ARG C 4 8.18 -1.96 35.17
C ARG C 4 7.27 -3.14 34.81
N ILE C 5 5.99 -2.84 34.60
CA ILE C 5 5.00 -3.82 34.18
C ILE C 5 5.41 -4.45 32.85
N ASN C 6 5.26 -5.76 32.75
CA ASN C 6 5.62 -6.50 31.53
C ASN C 6 4.39 -7.03 30.80
N ARG C 7 3.40 -7.48 31.57
CA ARG C 7 2.24 -8.14 30.97
C ARG C 7 0.93 -7.63 31.54
N ILE C 8 0.02 -7.29 30.63
CA ILE C 8 -1.32 -6.87 30.99
C ILE C 8 -2.33 -7.87 30.46
N VAL C 9 -3.25 -8.28 31.32
CA VAL C 9 -4.35 -9.13 30.92
C VAL C 9 -5.68 -8.43 31.15
N ILE C 10 -6.50 -8.36 30.10
CA ILE C 10 -7.81 -7.75 30.17
C ILE C 10 -8.89 -8.81 30.11
N LEU C 11 -9.80 -8.79 31.08
CA LEU C 11 -10.93 -9.71 31.02
C LEU C 11 -12.14 -9.00 30.45
N GLY C 12 -12.69 -9.55 29.38
CA GLY C 12 -13.89 -8.98 28.79
C GLY C 12 -13.58 -8.18 27.54
N GLY C 13 -14.43 -8.37 26.54
CA GLY C 13 -14.32 -7.59 25.34
C GLY C 13 -15.29 -6.43 25.43
N GLY C 14 -16.17 -6.33 24.44
CA GLY C 14 -17.12 -5.24 24.38
C GLY C 14 -16.41 -3.92 24.25
N THR C 15 -17.14 -2.84 24.53
CA THR C 15 -16.59 -1.50 24.41
C THR C 15 -15.45 -1.23 25.41
N ALA C 16 -15.70 -1.53 26.68
CA ALA C 16 -14.70 -1.26 27.71
C ALA C 16 -13.39 -2.01 27.44
N GLY C 17 -13.49 -3.31 27.18
CA GLY C 17 -12.33 -4.12 26.85
C GLY C 17 -11.46 -3.62 25.71
N TRP C 18 -12.06 -3.36 24.55
CA TRP C 18 -11.26 -3.02 23.37
C TRP C 18 -10.80 -1.56 23.33
N MET C 19 -11.51 -0.68 24.02
CA MET C 19 -11.01 0.69 24.21
C MET C 19 -9.76 0.63 25.06
N THR C 20 -9.81 -0.14 26.14
CA THR C 20 -8.68 -0.31 27.04
C THR C 20 -7.49 -0.95 26.34
N ALA C 21 -7.75 -2.05 25.65
CA ALA C 21 -6.71 -2.79 24.95
C ALA C 21 -6.01 -1.93 23.91
N SER C 22 -6.78 -1.23 23.10
CA SER C 22 -6.19 -0.43 22.04
C SER C 22 -5.45 0.79 22.60
N TYR C 23 -6.02 1.45 23.60
CA TYR C 23 -5.40 2.64 24.16
C TYR C 23 -4.11 2.29 24.88
N LEU C 24 -4.15 1.27 25.72
CA LEU C 24 -2.96 0.85 26.45
C LEU C 24 -1.88 0.33 25.50
N ALA C 25 -2.29 -0.33 24.41
CA ALA C 25 -1.32 -0.89 23.46
C ALA C 25 -0.60 0.24 22.73
N LYS C 26 -1.35 1.28 22.37
CA LYS C 26 -0.78 2.43 21.69
C LYS C 26 0.15 3.20 22.63
N ALA C 27 -0.23 3.25 23.90
CA ALA C 27 0.50 4.04 24.88
C ALA C 27 1.82 3.37 25.27
N LEU C 28 1.80 2.04 25.40
CA LEU C 28 2.92 1.29 25.93
C LEU C 28 3.76 0.60 24.86
N GLY C 29 3.22 0.53 23.65
CA GLY C 29 3.87 -0.13 22.53
C GLY C 29 4.52 -1.46 22.89
N ASP C 30 5.76 -1.64 22.42
CA ASP C 30 6.51 -2.89 22.59
C ASP C 30 6.76 -3.28 24.04
N THR C 31 6.69 -2.32 24.96
CA THR C 31 7.20 -2.51 26.31
C THR C 31 6.35 -3.49 27.14
N VAL C 32 5.13 -3.76 26.69
CA VAL C 32 4.19 -4.61 27.42
C VAL C 32 3.34 -5.48 26.49
N THR C 33 3.28 -6.78 26.76
CA THR C 33 2.37 -7.64 26.00
C THR C 33 0.96 -7.45 26.54
N ILE C 34 -0.01 -7.33 25.64
CA ILE C 34 -1.39 -7.17 26.10
C ILE C 34 -2.24 -8.31 25.56
N THR C 35 -2.99 -8.94 26.45
CA THR C 35 -3.85 -10.07 26.09
C THR C 35 -5.27 -9.80 26.56
N LEU C 36 -6.25 -10.04 25.69
CA LEU C 36 -7.65 -9.90 26.08
C LEU C 36 -8.39 -11.23 26.00
N LEU C 37 -8.99 -11.63 27.11
CA LEU C 37 -9.84 -12.82 27.16
C LEU C 37 -11.33 -12.48 27.12
N GLU C 38 -12.08 -13.10 26.22
CA GLU C 38 -13.54 -12.96 26.19
C GLU C 38 -14.20 -14.17 25.56
N GLY C 46 -28.62 -4.03 19.49
CA GLY C 46 -27.93 -2.85 19.02
C GLY C 46 -28.81 -1.61 19.13
N VAL C 47 -29.10 -1.22 20.35
CA VAL C 47 -30.08 -0.15 20.60
C VAL C 47 -29.43 1.22 20.70
N GLY C 48 -28.16 1.31 20.29
CA GLY C 48 -27.48 2.59 20.14
C GLY C 48 -26.93 3.19 21.41
N GLU C 49 -25.90 4.01 21.26
CA GLU C 49 -25.28 4.70 22.39
C GLU C 49 -24.75 6.08 21.96
N ALA C 50 -24.82 7.04 22.89
CA ALA C 50 -24.34 8.39 22.62
C ALA C 50 -23.04 8.69 23.36
N THR C 51 -22.39 9.79 22.95
CA THR C 51 -21.04 10.13 23.39
C THR C 51 -20.88 11.62 23.67
N VAL C 52 -19.70 12.00 24.16
CA VAL C 52 -19.35 13.40 24.36
C VAL C 52 -18.13 13.77 23.50
N PRO C 53 -17.94 15.07 23.19
CA PRO C 53 -16.96 15.52 22.19
C PRO C 53 -15.50 15.09 22.44
N ASN C 54 -15.11 14.86 23.69
CA ASN C 54 -13.71 14.55 23.95
C ASN C 54 -13.31 13.16 23.45
N LEU C 55 -14.29 12.35 23.05
CA LEU C 55 -13.99 11.01 22.57
C LEU C 55 -13.01 11.05 21.38
N GLN C 56 -13.17 12.01 20.49
CA GLN C 56 -12.28 12.09 19.33
C GLN C 56 -10.89 12.53 19.76
N ARG C 57 -10.82 13.61 20.53
CA ARG C 57 -9.53 14.20 20.93
C ARG C 57 -8.71 13.25 21.79
N VAL C 58 -9.37 12.71 22.82
CA VAL C 58 -8.69 11.87 23.81
C VAL C 58 -8.42 10.44 23.33
N PHE C 59 -9.42 9.81 22.71
CA PHE C 59 -9.28 8.40 22.37
C PHE C 59 -8.90 8.16 20.89
N PHE C 60 -9.78 8.52 19.96
CA PHE C 60 -9.51 8.20 18.56
C PHE C 60 -8.27 8.91 18.01
N ASP C 61 -8.09 10.19 18.37
CA ASP C 61 -6.90 10.94 17.94
C ASP C 61 -5.62 10.32 18.50
N PHE C 62 -5.70 9.81 19.73
CA PHE C 62 -4.57 9.09 20.32
C PHE C 62 -4.19 7.88 19.45
N LEU C 63 -5.21 7.19 18.95
CA LEU C 63 -4.99 6.02 18.09
C LEU C 63 -4.66 6.39 16.66
N GLY C 64 -4.75 7.68 16.33
CA GLY C 64 -4.49 8.14 14.98
C GLY C 64 -5.61 7.84 13.98
N LEU C 65 -6.84 7.75 14.48
CA LEU C 65 -7.99 7.39 13.66
C LEU C 65 -8.96 8.55 13.47
N ARG C 66 -8.93 9.17 12.30
CA ARG C 66 -9.87 10.24 11.99
C ARG C 66 -11.32 9.75 11.91
N GLU C 67 -12.27 10.66 12.09
CA GLU C 67 -13.70 10.35 12.01
C GLU C 67 -14.06 9.73 10.67
N GLU C 68 -13.38 10.14 9.62
CA GLU C 68 -13.71 9.68 8.28
C GLU C 68 -13.34 8.20 8.12
N GLU C 69 -12.45 7.71 8.99
CA GLU C 69 -12.08 6.31 8.97
C GLU C 69 -13.02 5.47 9.83
N TRP C 70 -13.23 5.87 11.08
CA TRP C 70 -13.96 5.02 12.00
C TRP C 70 -15.49 5.16 11.93
N MET C 71 -16.00 6.35 11.65
CA MET C 71 -17.45 6.54 11.60
C MET C 71 -18.15 5.64 10.57
N PRO C 72 -17.58 5.49 9.35
CA PRO C 72 -18.27 4.61 8.41
C PRO C 72 -18.29 3.14 8.85
N GLU C 73 -17.29 2.75 9.63
CA GLU C 73 -17.19 1.36 10.08
C GLU C 73 -18.17 1.01 11.20
N CYS C 74 -18.80 2.02 11.79
CA CYS C 74 -19.70 1.76 12.92
CA CYS C 74 -19.65 1.81 12.95
C CYS C 74 -21.04 2.46 12.79
N ASN C 75 -21.37 2.84 11.56
CA ASN C 75 -22.66 3.49 11.25
C ASN C 75 -22.94 4.74 12.10
N ALA C 76 -21.87 5.45 12.43
CA ALA C 76 -21.96 6.56 13.37
C ALA C 76 -22.69 7.77 12.79
N ALA C 77 -23.42 8.47 13.65
CA ALA C 77 -24.08 9.72 13.29
C ALA C 77 -23.64 10.81 14.27
N PHE C 78 -24.35 11.94 14.28
CA PHE C 78 -23.92 13.09 15.05
C PHE C 78 -24.85 13.46 16.18
N LYS C 79 -24.27 13.99 17.25
CA LYS C 79 -25.03 14.47 18.39
C LYS C 79 -24.59 15.87 18.73
N THR C 80 -25.53 16.81 18.69
CA THR C 80 -25.24 18.20 18.96
C THR C 80 -25.69 18.57 20.38
N ALA C 81 -26.54 17.72 20.95
CA ALA C 81 -27.16 18.00 22.24
C ALA C 81 -28.00 16.83 22.72
N VAL C 82 -28.47 16.92 23.97
CA VAL C 82 -29.58 16.11 24.44
C VAL C 82 -30.83 16.98 24.44
N LYS C 83 -31.90 16.48 23.81
CA LYS C 83 -33.20 17.15 23.85
C LYS C 83 -34.12 16.49 24.88
N PHE C 84 -34.56 17.25 25.87
CA PHE C 84 -35.45 16.73 26.91
C PHE C 84 -36.89 17.03 26.54
N ILE C 85 -37.70 15.99 26.38
CA ILE C 85 -39.08 16.15 25.94
C ILE C 85 -40.07 15.79 27.06
N ASN C 86 -40.97 16.72 27.34
CA ASN C 86 -42.09 16.54 28.26
C ASN C 86 -41.73 16.34 29.74
N TRP C 87 -40.65 17.00 30.19
CA TRP C 87 -40.24 16.93 31.59
C TRP C 87 -40.94 17.98 32.47
N ARG C 88 -41.81 18.81 31.89
CA ARG C 88 -42.51 19.81 32.68
C ARG C 88 -44.01 19.56 32.76
N THR C 89 -44.52 18.74 31.83
CA THR C 89 -45.96 18.55 31.71
C THR C 89 -46.41 17.12 32.02
N PRO C 90 -47.55 16.99 32.71
CA PRO C 90 -48.14 15.70 33.05
C PRO C 90 -48.68 14.98 31.82
N GLY C 91 -48.87 13.68 31.92
CA GLY C 91 -49.36 12.91 30.79
C GLY C 91 -48.53 11.66 30.59
N PRO C 92 -49.00 10.76 29.74
CA PRO C 92 -48.34 9.47 29.46
C PRO C 92 -47.08 9.63 28.61
N GLY C 93 -46.43 8.52 28.28
CA GLY C 93 -45.23 8.55 27.47
C GLY C 93 -45.54 8.87 26.01
N GLU C 94 -45.24 10.09 25.60
CA GLU C 94 -45.53 10.54 24.24
C GLU C 94 -44.26 10.97 23.52
N ALA C 95 -44.04 10.48 22.30
CA ALA C 95 -42.82 10.80 21.56
C ALA C 95 -42.77 12.28 21.18
N LYS C 96 -43.92 12.86 20.88
CA LYS C 96 -43.98 14.26 20.50
C LYS C 96 -44.19 15.16 21.73
N ALA C 97 -43.59 16.34 21.70
CA ALA C 97 -43.71 17.28 22.80
C ALA C 97 -45.13 17.84 22.85
N ARG C 98 -45.62 18.10 24.04
CA ARG C 98 -46.91 18.76 24.16
C ARG C 98 -46.71 20.22 24.53
N THR C 99 -47.79 20.90 24.86
CA THR C 99 -47.76 22.35 24.98
C THR C 99 -47.75 22.85 26.41
N ILE C 100 -46.84 23.77 26.68
CA ILE C 100 -46.81 24.50 27.94
C ILE C 100 -46.65 25.98 27.65
N ASP C 101 -47.71 26.74 27.93
CA ASP C 101 -47.75 28.18 27.67
C ASP C 101 -47.49 28.51 26.19
N GLY C 102 -48.17 27.81 25.29
CA GLY C 102 -48.05 28.06 23.86
C GLY C 102 -46.85 27.44 23.16
N ARG C 103 -45.83 27.04 23.91
CA ARG C 103 -44.64 26.46 23.32
C ARG C 103 -44.59 24.94 23.53
N PRO C 104 -43.86 24.23 22.66
CA PRO C 104 -43.66 22.79 22.90
C PRO C 104 -42.78 22.55 24.15
N ASP C 105 -43.16 21.56 24.96
CA ASP C 105 -42.40 21.24 26.18
C ASP C 105 -41.13 20.47 25.84
N HIS C 106 -40.11 21.20 25.39
CA HIS C 106 -38.79 20.61 25.20
C HIS C 106 -37.70 21.63 25.49
N PHE C 107 -36.52 21.14 25.83
CA PHE C 107 -35.35 22.00 25.97
C PHE C 107 -34.08 21.24 25.61
N TYR C 108 -33.05 21.99 25.28
CA TYR C 108 -31.81 21.38 24.82
C TYR C 108 -30.71 21.51 25.86
N HIS C 109 -29.83 20.51 25.86
CA HIS C 109 -28.58 20.56 26.61
C HIS C 109 -27.42 20.37 25.64
N PRO C 110 -26.94 21.47 25.04
CA PRO C 110 -25.87 21.38 24.04
C PRO C 110 -24.47 21.33 24.64
N PHE C 111 -23.47 21.20 23.78
CA PHE C 111 -22.09 21.22 24.23
C PHE C 111 -21.54 22.64 24.13
N GLY C 112 -20.26 22.80 24.42
CA GLY C 112 -19.63 24.09 24.27
C GLY C 112 -19.74 24.91 25.55
N LEU C 113 -19.05 26.04 25.56
CA LEU C 113 -19.07 26.95 26.68
C LEU C 113 -19.82 28.22 26.29
N LEU C 114 -20.59 28.77 27.22
CA LEU C 114 -21.28 30.03 26.94
C LEU C 114 -20.27 31.17 26.83
N PRO C 115 -20.54 32.14 25.94
CA PRO C 115 -19.68 33.32 25.91
C PRO C 115 -19.89 34.14 27.18
N GLU C 116 -19.01 35.08 27.43
CA GLU C 116 -19.13 35.92 28.60
C GLU C 116 -18.95 37.37 28.22
N HIS C 117 -19.44 38.26 29.07
CA HIS C 117 -19.13 39.67 28.97
C HIS C 117 -18.81 40.19 30.36
N GLY C 118 -17.71 40.93 30.48
CA GLY C 118 -17.23 41.35 31.79
C GLY C 118 -16.98 40.14 32.66
N GLN C 119 -16.59 39.05 32.01
CA GLN C 119 -16.35 37.76 32.63
C GLN C 119 -17.56 37.23 33.40
N VAL C 120 -18.76 37.58 32.92
CA VAL C 120 -19.99 37.05 33.47
C VAL C 120 -20.71 36.26 32.36
N PRO C 121 -21.10 35.01 32.64
CA PRO C 121 -21.70 34.15 31.60
C PRO C 121 -22.98 34.72 31.01
N LEU C 122 -23.25 34.37 29.75
CA LEU C 122 -24.44 34.85 29.04
C LEU C 122 -25.69 34.49 29.81
N SER C 123 -25.66 33.31 30.42
CA SER C 123 -26.76 32.80 31.23
C SER C 123 -27.25 33.81 32.26
N HIS C 124 -26.34 34.62 32.77
CA HIS C 124 -26.66 35.52 33.87
C HIS C 124 -27.34 36.77 33.36
N TYR C 125 -27.05 37.12 32.12
CA TYR C 125 -27.75 38.23 31.48
C TYR C 125 -29.12 37.78 31.00
N TRP C 126 -29.24 36.49 30.67
CA TRP C 126 -30.56 35.94 30.36
C TRP C 126 -31.45 35.98 31.60
N ALA C 127 -30.91 35.55 32.74
CA ALA C 127 -31.69 35.54 33.98
C ALA C 127 -32.04 36.95 34.42
N TYR C 128 -31.15 37.90 34.12
CA TYR C 128 -31.38 39.32 34.42
C TYR C 128 -32.59 39.82 33.63
N ASN C 129 -32.63 39.46 32.36
CA ASN C 129 -33.70 39.90 31.49
C ASN C 129 -35.05 39.28 31.83
N ARG C 130 -35.03 38.00 32.20
CA ARG C 130 -36.26 37.32 32.61
C ARG C 130 -36.80 37.91 33.91
N ALA C 131 -35.90 38.14 34.87
CA ALA C 131 -36.33 38.68 36.16
C ALA C 131 -36.89 40.09 35.99
N ALA C 132 -36.31 40.83 35.05
CA ALA C 132 -36.81 42.15 34.70
C ALA C 132 -38.14 42.04 33.95
N GLY C 133 -38.41 40.84 33.43
CA GLY C 133 -39.61 40.58 32.66
C GLY C 133 -39.60 41.24 31.29
N THR C 134 -38.41 41.54 30.77
CA THR C 134 -38.34 42.24 29.49
C THR C 134 -38.22 41.25 28.34
N THR C 135 -38.03 39.98 28.67
CA THR C 135 -38.15 38.89 27.71
C THR C 135 -38.74 37.68 28.41
N ASP C 136 -39.43 36.84 27.64
CA ASP C 136 -39.86 35.54 28.13
C ASP C 136 -39.28 34.41 27.28
N GLU C 137 -38.25 34.72 26.51
CA GLU C 137 -37.55 33.71 25.71
C GLU C 137 -36.93 32.64 26.61
N PRO C 138 -37.00 31.35 26.20
CA PRO C 138 -36.33 30.29 26.96
C PRO C 138 -34.82 30.43 26.92
N PHE C 139 -34.16 29.97 27.99
CA PHE C 139 -32.72 30.03 28.11
C PHE C 139 -31.97 29.44 26.93
N ASP C 140 -32.36 28.25 26.48
CA ASP C 140 -31.57 27.58 25.45
C ASP C 140 -31.68 28.31 24.10
N TYR C 141 -32.86 28.81 23.78
CA TYR C 141 -33.03 29.55 22.54
C TYR C 141 -32.33 30.91 22.59
N ALA C 142 -32.26 31.51 23.77
CA ALA C 142 -31.58 32.81 23.92
C ALA C 142 -30.06 32.69 23.84
N CYS C 143 -29.50 31.61 24.40
CA CYS C 143 -28.05 31.53 24.58
C CYS C 143 -27.30 30.51 23.69
N PHE C 144 -28.01 29.59 23.05
CA PHE C 144 -27.37 28.59 22.19
C PHE C 144 -27.82 28.67 20.73
N ALA C 145 -26.92 29.02 19.83
CA ALA C 145 -27.23 29.08 18.42
C ALA C 145 -27.59 27.70 17.88
N GLU C 146 -27.01 26.64 18.47
CA GLU C 146 -27.27 25.26 18.07
C GLU C 146 -28.76 24.87 18.06
N THR C 147 -29.54 25.53 18.91
CA THR C 147 -30.94 25.18 19.07
C THR C 147 -31.72 25.33 17.73
N ALA C 148 -31.39 26.34 16.94
CA ALA C 148 -32.10 26.56 15.68
C ALA C 148 -31.61 25.56 14.63
N ALA C 149 -30.34 25.20 14.71
CA ALA C 149 -29.76 24.23 13.77
C ALA C 149 -30.40 22.88 13.97
N MET C 150 -30.59 22.49 15.23
CA MET C 150 -31.18 21.20 15.57
C MET C 150 -32.65 21.13 15.18
N ASP C 151 -33.36 22.23 15.38
CA ASP C 151 -34.75 22.32 15.00
C ASP C 151 -34.90 22.11 13.48
N ALA C 152 -33.91 22.55 12.71
CA ALA C 152 -33.95 22.34 11.26
C ALA C 152 -33.07 21.17 10.83
N VAL C 153 -32.83 20.25 11.75
CA VAL C 153 -32.04 19.02 11.58
C VAL C 153 -30.78 19.17 10.73
N ARG C 154 -30.00 20.20 11.04
CA ARG C 154 -28.72 20.45 10.36
C ARG C 154 -27.60 19.55 10.87
N ALA C 155 -26.66 19.25 9.98
CA ALA C 155 -25.39 18.63 10.38
C ALA C 155 -24.63 19.57 11.32
N PRO C 156 -23.76 19.02 12.19
CA PRO C 156 -22.97 19.89 13.07
C PRO C 156 -21.82 20.56 12.32
N LYS C 157 -21.67 20.24 11.04
CA LYS C 157 -20.62 20.87 10.26
C LYS C 157 -20.99 20.97 8.78
N TRP C 158 -20.27 21.82 8.06
CA TRP C 158 -20.50 21.99 6.65
C TRP C 158 -19.91 20.80 5.88
N LEU C 159 -20.24 20.71 4.61
CA LEU C 159 -19.83 19.58 3.77
C LEU C 159 -18.32 19.49 3.62
N ASP C 160 -17.62 20.62 3.71
CA ASP C 160 -16.17 20.63 3.57
C ASP C 160 -15.45 20.25 4.88
N GLY C 161 -16.23 19.90 5.90
CA GLY C 161 -15.68 19.37 7.14
C GLY C 161 -15.62 20.37 8.29
N ARG C 162 -15.63 21.65 7.95
CA ARG C 162 -15.55 22.72 8.93
C ARG C 162 -16.68 22.63 9.96
N PRO C 163 -16.31 22.50 11.24
CA PRO C 163 -17.28 22.42 12.34
C PRO C 163 -18.00 23.74 12.57
N ALA C 164 -19.29 23.68 12.83
CA ALA C 164 -20.05 24.89 13.14
C ALA C 164 -20.28 24.98 14.64
N THR C 165 -20.03 23.88 15.34
CA THR C 165 -20.26 23.81 16.77
C THR C 165 -19.47 22.66 17.40
N ARG C 166 -19.56 22.52 18.72
CA ARG C 166 -19.04 21.32 19.36
C ARG C 166 -20.07 20.22 19.18
N TYR C 167 -19.60 19.00 18.97
CA TYR C 167 -20.50 17.88 18.70
C TYR C 167 -19.89 16.54 19.08
N ALA C 168 -20.77 15.55 19.27
CA ALA C 168 -20.34 14.18 19.52
C ALA C 168 -21.06 13.20 18.60
N TRP C 169 -21.13 11.94 19.02
CA TRP C 169 -21.53 10.87 18.13
C TRP C 169 -22.62 9.97 18.68
N HIS C 170 -23.43 9.45 17.78
CA HIS C 170 -24.29 8.30 18.02
C HIS C 170 -23.69 7.11 17.29
N PHE C 171 -23.66 5.94 17.92
CA PHE C 171 -23.29 4.76 17.16
C PHE C 171 -23.76 3.45 17.78
N ASP C 172 -23.61 2.38 17.01
CA ASP C 172 -23.83 1.03 17.49
C ASP C 172 -22.58 0.60 18.25
N ALA C 173 -22.74 0.43 19.56
CA ALA C 173 -21.60 0.06 20.41
C ALA C 173 -20.94 -1.24 19.95
N HIS C 174 -21.74 -2.22 19.53
CA HIS C 174 -21.17 -3.48 19.06
C HIS C 174 -20.23 -3.29 17.88
N LEU C 175 -20.60 -2.39 16.97
CA LEU C 175 -19.78 -2.12 15.79
C LEU C 175 -18.49 -1.37 16.13
N VAL C 176 -18.55 -0.52 17.16
CA VAL C 176 -17.35 0.18 17.59
C VAL C 176 -16.37 -0.83 18.21
N ALA C 177 -16.88 -1.68 19.09
CA ALA C 177 -16.06 -2.71 19.71
C ALA C 177 -15.44 -3.63 18.66
N GLU C 178 -16.23 -4.01 17.67
CA GLU C 178 -15.72 -4.87 16.61
C GLU C 178 -14.61 -4.18 15.83
N PHE C 179 -14.82 -2.90 15.52
CA PHE C 179 -13.82 -2.11 14.79
C PHE C 179 -12.54 -1.99 15.60
N LEU C 180 -12.67 -1.80 16.90
CA LEU C 180 -11.52 -1.64 17.77
C LEU C 180 -10.75 -2.95 17.93
N ARG C 181 -11.48 -4.06 18.08
CA ARG C 181 -10.88 -5.39 18.11
C ARG C 181 -9.98 -5.60 16.90
N ARG C 182 -10.50 -5.28 15.71
CA ARG C 182 -9.71 -5.43 14.49
C ARG C 182 -8.47 -4.54 14.53
N HIS C 183 -8.64 -3.29 14.95
CA HIS C 183 -7.50 -2.37 15.05
C HIS C 183 -6.47 -2.89 16.05
N ALA C 184 -6.94 -3.28 17.22
CA ALA C 184 -6.06 -3.72 18.30
C ALA C 184 -5.26 -4.97 17.93
N THR C 185 -5.90 -5.95 17.31
CA THR C 185 -5.25 -7.22 17.05
C THR C 185 -4.33 -7.14 15.84
N GLU C 186 -4.75 -6.37 14.84
CA GLU C 186 -4.06 -6.37 13.56
C GLU C 186 -3.02 -5.25 13.47
N ARG C 187 -3.23 -4.16 14.20
CA ARG C 187 -2.32 -3.03 14.14
C ARG C 187 -1.53 -2.79 15.43
N LEU C 188 -2.01 -3.30 16.55
CA LEU C 188 -1.40 -2.98 17.84
C LEU C 188 -0.84 -4.19 18.60
N ASN C 189 -0.80 -5.33 17.92
CA ASN C 189 -0.24 -6.57 18.48
C ASN C 189 -0.88 -7.08 19.76
N VAL C 190 -2.15 -6.73 19.99
CA VAL C 190 -2.89 -7.29 21.12
C VAL C 190 -3.32 -8.71 20.79
N GLU C 191 -3.14 -9.65 21.72
CA GLU C 191 -3.63 -11.02 21.50
C GLU C 191 -5.06 -11.19 22.00
N HIS C 192 -5.90 -11.73 21.13
CA HIS C 192 -7.30 -12.01 21.45
C HIS C 192 -7.45 -13.50 21.77
N VAL C 193 -7.77 -13.80 23.02
CA VAL C 193 -8.03 -15.18 23.43
C VAL C 193 -9.52 -15.42 23.61
N GLN C 194 -10.08 -16.27 22.76
CA GLN C 194 -11.47 -16.65 22.91
C GLN C 194 -11.57 -17.85 23.83
N GLY C 195 -12.43 -17.73 24.84
CA GLY C 195 -12.66 -18.83 25.76
C GLY C 195 -13.30 -18.33 27.03
N GLU C 196 -13.58 -19.25 27.95
CA GLU C 196 -14.14 -18.86 29.23
C GLU C 196 -13.11 -18.97 30.33
N MET C 197 -13.26 -18.13 31.35
CA MET C 197 -12.35 -18.15 32.48
C MET C 197 -12.86 -19.10 33.56
N GLN C 198 -12.01 -20.07 33.92
CA GLN C 198 -12.33 -21.07 34.93
C GLN C 198 -11.96 -20.61 36.34
N GLN C 199 -10.76 -20.06 36.49
CA GLN C 199 -10.24 -19.67 37.80
C GLN C 199 -9.31 -18.46 37.76
N VAL C 200 -9.39 -17.64 38.79
CA VAL C 200 -8.48 -16.52 38.97
C VAL C 200 -7.35 -16.94 39.92
N LEU C 201 -6.11 -16.93 39.44
CA LEU C 201 -4.98 -17.33 40.27
C LEU C 201 -4.38 -16.13 41.01
N ARG C 202 -4.18 -16.29 42.32
CA ARG C 202 -3.66 -15.24 43.17
C ARG C 202 -2.52 -15.75 44.06
N ASP C 203 -1.55 -14.89 44.33
CA ASP C 203 -0.42 -15.26 45.18
C ASP C 203 -0.81 -15.15 46.67
N GLU C 204 0.19 -15.27 47.55
CA GLU C 204 -0.07 -15.29 48.99
C GLU C 204 -0.49 -13.91 49.54
N ARG C 205 -0.24 -12.83 48.80
CA ARG C 205 -0.65 -11.51 49.25
C ARG C 205 -1.92 -11.01 48.53
N GLY C 206 -2.52 -11.88 47.73
CA GLY C 206 -3.82 -11.58 47.13
C GLY C 206 -3.76 -10.93 45.76
N PHE C 207 -2.56 -10.70 45.26
CA PHE C 207 -2.41 -10.18 43.89
C PHE C 207 -2.70 -11.28 42.86
N ILE C 208 -3.45 -10.92 41.83
CA ILE C 208 -3.74 -11.86 40.74
C ILE C 208 -2.45 -12.17 39.97
N THR C 209 -2.21 -13.44 39.67
CA THR C 209 -1.02 -13.82 38.91
C THR C 209 -1.35 -14.31 37.50
N ALA C 210 -2.55 -14.84 37.34
CA ALA C 210 -2.99 -15.36 36.05
C ALA C 210 -4.48 -15.62 36.03
N LEU C 211 -5.06 -15.51 34.84
CA LEU C 211 -6.39 -16.03 34.59
C LEU C 211 -6.25 -17.40 33.92
N ARG C 212 -6.79 -18.44 34.55
CA ARG C 212 -6.80 -19.76 33.95
C ARG C 212 -8.08 -19.99 33.16
N THR C 213 -7.95 -20.41 31.90
CA THR C 213 -9.12 -20.63 31.04
C THR C 213 -9.62 -22.07 31.13
N VAL C 214 -10.88 -22.29 30.79
CA VAL C 214 -11.44 -23.63 30.91
C VAL C 214 -10.79 -24.60 29.92
N GLU C 215 -10.10 -24.08 28.92
CA GLU C 215 -9.33 -24.92 28.00
C GLU C 215 -7.98 -25.29 28.60
N GLY C 216 -7.60 -24.62 29.68
CA GLY C 216 -6.42 -25.00 30.43
C GLY C 216 -5.18 -24.15 30.24
N ARG C 217 -5.32 -23.04 29.52
CA ARG C 217 -4.19 -22.15 29.32
C ARG C 217 -4.15 -21.05 30.40
N ASP C 218 -2.96 -20.78 30.92
CA ASP C 218 -2.81 -19.72 31.92
C ASP C 218 -2.34 -18.42 31.26
N LEU C 219 -3.16 -17.39 31.40
CA LEU C 219 -2.84 -16.07 30.90
C LEU C 219 -2.16 -15.28 32.01
N GLU C 220 -0.83 -15.27 32.00
CA GLU C 220 -0.07 -14.62 33.07
C GLU C 220 0.01 -13.11 32.82
N GLY C 221 0.05 -12.34 33.90
CA GLY C 221 0.16 -10.90 33.83
C GLY C 221 0.61 -10.24 35.12
N ASP C 222 0.99 -8.96 35.05
CA ASP C 222 1.38 -8.19 36.23
C ASP C 222 0.26 -7.26 36.65
N LEU C 223 -0.54 -6.90 35.65
CA LEU C 223 -1.64 -5.97 35.81
C LEU C 223 -2.90 -6.53 35.13
N PHE C 224 -4.03 -6.53 35.82
CA PHE C 224 -5.25 -7.08 35.24
C PHE C 224 -6.34 -6.03 35.19
N ILE C 225 -7.00 -5.95 34.03
CA ILE C 225 -8.11 -5.02 33.84
C ILE C 225 -9.43 -5.78 33.81
N ASP C 226 -10.33 -5.45 34.74
CA ASP C 226 -11.63 -6.09 34.74
C ASP C 226 -12.60 -5.31 33.88
N CYS C 227 -12.92 -5.86 32.72
CA CYS C 227 -13.97 -5.31 31.87
C CYS C 227 -15.05 -6.33 31.64
N SER C 228 -15.39 -7.08 32.69
CA SER C 228 -16.30 -8.22 32.54
C SER C 228 -17.76 -7.82 32.68
N GLY C 229 -18.03 -6.52 32.80
CA GLY C 229 -19.39 -6.03 32.91
C GLY C 229 -19.95 -6.06 34.32
N PHE C 230 -21.28 -6.11 34.43
CA PHE C 230 -21.97 -6.08 35.72
C PHE C 230 -21.53 -7.15 36.72
N ARG C 231 -21.07 -8.30 36.21
CA ARG C 231 -20.66 -9.40 37.07
C ARG C 231 -19.41 -9.07 37.88
N GLY C 232 -18.48 -8.31 37.29
CA GLY C 232 -17.25 -7.93 37.96
C GLY C 232 -16.45 -9.12 38.45
N LEU C 233 -16.12 -10.01 37.54
CA LEU C 233 -15.55 -11.32 37.89
C LEU C 233 -14.24 -11.22 38.66
N LEU C 234 -13.45 -10.18 38.39
CA LEU C 234 -12.22 -9.97 39.12
C LEU C 234 -12.44 -9.04 40.33
N ILE C 235 -12.89 -7.82 40.06
CA ILE C 235 -12.89 -6.79 41.10
C ILE C 235 -13.89 -7.12 42.21
N ASN C 236 -15.07 -7.65 41.87
CA ASN C 236 -16.06 -7.99 42.87
C ASN C 236 -15.96 -9.42 43.37
N LYS C 237 -15.87 -10.39 42.46
CA LYS C 237 -15.84 -11.80 42.88
C LYS C 237 -14.47 -12.23 43.39
N ALA C 238 -13.45 -12.09 42.56
CA ALA C 238 -12.10 -12.54 42.93
C ALA C 238 -11.46 -11.67 44.02
N MET C 239 -11.45 -10.35 43.80
CA MET C 239 -10.82 -9.43 44.74
C MET C 239 -11.72 -9.07 45.93
N GLU C 240 -13.00 -9.42 45.80
CA GLU C 240 -14.00 -9.21 46.87
C GLU C 240 -14.24 -7.76 47.27
N GLU C 241 -14.02 -6.83 46.35
CA GLU C 241 -14.36 -5.43 46.62
C GLU C 241 -15.87 -5.24 46.62
N PRO C 242 -16.42 -4.64 47.69
CA PRO C 242 -17.86 -4.40 47.67
C PRO C 242 -18.28 -3.32 46.67
N PHE C 243 -19.44 -3.54 46.07
CA PHE C 243 -20.09 -2.55 45.21
C PHE C 243 -21.02 -1.73 46.09
N ILE C 244 -21.07 -0.42 45.89
CA ILE C 244 -21.97 0.41 46.67
C ILE C 244 -23.19 0.75 45.83
N ASP C 245 -24.32 0.16 46.21
CA ASP C 245 -25.60 0.36 45.55
C ASP C 245 -26.15 1.75 45.81
N MET C 246 -26.51 2.48 44.74
CA MET C 246 -26.97 3.84 44.90
C MET C 246 -28.35 4.04 44.27
N ASN C 247 -29.03 2.92 44.05
CA ASN C 247 -30.38 2.90 43.50
C ASN C 247 -31.41 3.61 44.39
N ASP C 248 -31.10 3.75 45.67
CA ASP C 248 -31.96 4.51 46.58
C ASP C 248 -31.97 6.00 46.28
N GLN C 249 -30.94 6.47 45.57
CA GLN C 249 -30.83 7.87 45.17
C GLN C 249 -31.31 8.07 43.73
N LEU C 250 -30.94 7.14 42.85
CA LEU C 250 -31.41 7.10 41.48
C LEU C 250 -32.32 5.88 41.28
N LEU C 251 -33.61 6.12 41.07
CA LEU C 251 -34.60 5.04 41.12
C LEU C 251 -34.58 4.11 39.91
N CYS C 252 -34.24 4.64 38.74
CA CYS C 252 -34.28 3.83 37.51
C CYS C 252 -33.23 2.74 37.51
N ASN C 253 -33.68 1.50 37.42
CA ASN C 253 -32.81 0.32 37.50
C ASN C 253 -33.17 -0.75 36.47
N ARG C 254 -33.98 -0.38 35.49
CA ARG C 254 -34.41 -1.30 34.43
C ARG C 254 -34.50 -0.58 33.09
N ALA C 255 -34.34 -1.33 32.01
CA ALA C 255 -34.59 -0.79 30.67
C ALA C 255 -35.20 -1.84 29.75
N VAL C 256 -36.10 -1.38 28.88
CA VAL C 256 -36.59 -2.19 27.78
C VAL C 256 -36.26 -1.44 26.49
N ALA C 257 -35.56 -2.10 25.58
CA ALA C 257 -34.98 -1.40 24.44
C ALA C 257 -35.15 -2.16 23.13
N THR C 258 -35.17 -1.40 22.04
CA THR C 258 -35.20 -1.98 20.70
C THR C 258 -34.64 -0.99 19.70
N ALA C 259 -34.62 -1.36 18.43
CA ALA C 259 -34.21 -0.44 17.36
C ALA C 259 -35.31 -0.37 16.30
N ILE C 260 -35.64 0.84 15.85
CA ILE C 260 -36.73 1.03 14.90
C ILE C 260 -36.29 1.58 13.55
N LYS C 261 -36.60 0.87 12.47
CA LYS C 261 -36.29 1.33 11.12
C LYS C 261 -36.97 2.66 10.88
N HIS C 262 -36.30 3.58 10.18
CA HIS C 262 -36.79 4.93 10.03
C HIS C 262 -36.74 5.45 8.60
N ASP C 263 -37.81 6.12 8.16
CA ASP C 263 -37.83 6.75 6.84
C ASP C 263 -37.22 8.14 6.91
N ASP C 264 -35.92 8.23 6.66
CA ASP C 264 -35.19 9.48 6.78
C ASP C 264 -35.66 10.53 5.76
N ASP C 265 -36.26 10.06 4.67
CA ASP C 265 -36.76 10.95 3.62
C ASP C 265 -37.76 11.98 4.15
N ALA C 266 -38.71 11.51 4.95
CA ALA C 266 -39.81 12.34 5.43
C ALA C 266 -39.40 13.33 6.50
N HIS C 267 -38.74 12.84 7.55
CA HIS C 267 -38.49 13.63 8.75
C HIS C 267 -37.03 14.04 8.91
N GLY C 268 -36.14 13.38 8.18
CA GLY C 268 -34.72 13.63 8.32
C GLY C 268 -34.18 12.91 9.54
N VAL C 269 -32.90 13.11 9.85
CA VAL C 269 -32.30 12.45 11.01
C VAL C 269 -31.91 13.47 12.08
N GLU C 270 -32.47 13.30 13.27
CA GLU C 270 -32.27 14.29 14.33
C GLU C 270 -30.83 14.26 14.84
N PRO C 271 -30.13 15.39 14.74
CA PRO C 271 -28.74 15.48 15.18
C PRO C 271 -28.61 15.62 16.68
N TYR C 272 -29.35 14.82 17.42
CA TYR C 272 -29.31 14.87 18.89
C TYR C 272 -29.97 13.66 19.52
N THR C 273 -29.58 13.39 20.76
CA THR C 273 -30.24 12.40 21.58
C THR C 273 -31.47 13.00 22.24
N SER C 274 -32.59 12.29 22.22
CA SER C 274 -33.77 12.74 22.94
C SER C 274 -33.95 11.97 24.24
N ALA C 275 -34.35 12.67 25.29
CA ALA C 275 -34.74 12.04 26.55
C ALA C 275 -36.20 12.35 26.82
N ILE C 276 -37.04 11.37 26.56
CA ILE C 276 -38.49 11.53 26.61
C ILE C 276 -39.08 11.08 27.94
N ALA C 277 -39.68 12.00 28.69
CA ALA C 277 -40.30 11.65 29.97
C ALA C 277 -41.40 10.62 29.82
N MET C 278 -41.48 9.75 30.80
CA MET C 278 -42.46 8.67 30.82
C MET C 278 -43.13 8.72 32.19
N ARG C 279 -44.09 7.84 32.43
CA ARG C 279 -44.81 7.83 33.69
C ARG C 279 -43.90 7.46 34.85
N SER C 280 -42.99 6.52 34.63
CA SER C 280 -42.12 6.02 35.68
C SER C 280 -40.66 5.97 35.26
N GLY C 281 -40.23 7.01 34.52
CA GLY C 281 -38.89 7.07 34.00
C GLY C 281 -38.82 7.89 32.73
N TRP C 282 -37.88 7.55 31.87
CA TRP C 282 -37.67 8.32 30.65
C TRP C 282 -37.19 7.38 29.54
N SER C 283 -37.38 7.79 28.30
CA SER C 283 -36.94 7.01 27.15
C SER C 283 -35.89 7.74 26.31
N TRP C 284 -34.85 7.04 25.87
CA TRP C 284 -33.91 7.67 24.95
C TRP C 284 -34.32 7.44 23.49
N LYS C 285 -33.92 8.38 22.63
CA LYS C 285 -33.99 8.21 21.19
C LYS C 285 -32.63 8.59 20.63
N ILE C 286 -32.00 7.63 19.95
CA ILE C 286 -30.67 7.83 19.40
C ILE C 286 -30.72 7.58 17.89
N PRO C 287 -30.91 8.66 17.11
CA PRO C 287 -31.05 8.48 15.66
C PRO C 287 -29.73 8.23 14.95
N MET C 288 -29.75 7.30 14.01
CA MET C 288 -28.64 7.07 13.08
C MET C 288 -29.22 7.03 11.66
N LEU C 289 -28.40 6.71 10.67
CA LEU C 289 -28.90 6.65 9.30
C LEU C 289 -29.80 5.43 9.12
N GLY C 290 -31.04 5.67 8.72
CA GLY C 290 -31.96 4.59 8.39
C GLY C 290 -32.67 3.98 9.58
N ARG C 291 -32.22 4.30 10.78
CA ARG C 291 -32.78 3.71 12.00
C ARG C 291 -32.43 4.52 13.25
N PHE C 292 -33.20 4.32 14.31
CA PHE C 292 -32.85 4.89 15.61
C PHE C 292 -33.05 3.85 16.70
N GLY C 293 -32.19 3.90 17.71
CA GLY C 293 -32.32 3.05 18.87
C GLY C 293 -33.12 3.78 19.93
N THR C 294 -33.92 3.05 20.68
CA THR C 294 -34.74 3.66 21.71
C THR C 294 -34.91 2.70 22.88
N GLY C 295 -34.94 3.23 24.09
CA GLY C 295 -35.12 2.40 25.27
C GLY C 295 -35.86 3.15 26.35
N TYR C 296 -36.71 2.43 27.08
CA TYR C 296 -37.41 3.00 28.23
C TYR C 296 -36.67 2.62 29.49
N VAL C 297 -35.97 3.58 30.07
CA VAL C 297 -35.33 3.41 31.37
C VAL C 297 -36.37 3.68 32.45
N TYR C 298 -36.63 2.70 33.30
CA TYR C 298 -37.64 2.85 34.33
C TYR C 298 -37.20 2.30 35.69
N SER C 299 -37.98 2.63 36.72
CA SER C 299 -37.72 2.17 38.06
C SER C 299 -38.64 1.01 38.41
N SER C 300 -38.05 -0.09 38.84
CA SER C 300 -38.80 -1.28 39.22
C SER C 300 -39.74 -1.02 40.38
N ARG C 301 -39.46 0.04 41.14
CA ARG C 301 -40.32 0.40 42.27
C ARG C 301 -41.69 0.91 41.81
N PHE C 302 -41.75 1.50 40.61
CA PHE C 302 -42.99 2.15 40.17
C PHE C 302 -43.59 1.57 38.89
N ALA C 303 -42.87 0.66 38.25
CA ALA C 303 -43.41 0.00 37.06
C ALA C 303 -42.94 -1.44 37.00
N GLU C 304 -43.85 -2.34 36.66
CA GLU C 304 -43.50 -3.74 36.42
C GLU C 304 -43.00 -3.92 35.00
N LYS C 305 -42.28 -5.01 34.78
CA LYS C 305 -41.77 -5.37 33.46
C LYS C 305 -42.83 -5.23 32.36
N ASP C 306 -44.02 -5.78 32.59
CA ASP C 306 -45.09 -5.74 31.60
C ASP C 306 -45.66 -4.33 31.40
N GLU C 307 -45.85 -3.61 32.50
CA GLU C 307 -46.40 -2.26 32.44
C GLU C 307 -45.48 -1.31 31.67
N ALA C 308 -44.18 -1.45 31.87
CA ALA C 308 -43.19 -0.63 31.18
C ALA C 308 -43.10 -1.01 29.71
N THR C 309 -43.09 -2.31 29.45
CA THR C 309 -43.09 -2.83 28.08
C THR C 309 -44.29 -2.30 27.29
N LEU C 310 -45.45 -2.28 27.92
CA LEU C 310 -46.66 -1.78 27.29
C LEU C 310 -46.56 -0.30 26.97
N ASP C 311 -46.20 0.50 27.97
CA ASP C 311 -46.03 1.94 27.79
C ASP C 311 -45.05 2.24 26.67
N PHE C 312 -43.92 1.52 26.68
CA PHE C 312 -42.88 1.67 25.66
C PHE C 312 -43.40 1.41 24.25
N CYS C 313 -43.96 0.22 24.03
CA CYS C 313 -44.48 -0.16 22.73
C CYS C 313 -45.63 0.75 22.27
N ARG C 314 -46.49 1.13 23.21
CA ARG C 314 -47.58 2.05 22.91
C ARG C 314 -47.07 3.37 22.36
N MET C 315 -46.01 3.90 22.95
CA MET C 315 -45.48 5.19 22.52
C MET C 315 -44.94 5.17 21.09
N TRP C 316 -44.38 4.03 20.68
CA TRP C 316 -43.81 3.93 19.35
C TRP C 316 -44.74 3.19 18.39
N GLY C 317 -45.95 2.89 18.85
CA GLY C 317 -46.92 2.18 18.04
C GLY C 317 -46.51 0.75 17.72
N LEU C 318 -45.92 0.08 18.71
CA LEU C 318 -45.41 -1.28 18.51
C LEU C 318 -46.31 -2.32 19.16
N ASP C 319 -46.38 -3.50 18.54
CA ASP C 319 -47.08 -4.65 19.11
C ASP C 319 -46.13 -5.47 19.97
N PRO C 320 -46.44 -5.61 21.26
CA PRO C 320 -45.57 -6.31 22.22
C PRO C 320 -45.40 -7.80 21.94
N GLU C 321 -46.20 -8.37 21.03
CA GLU C 321 -46.10 -9.79 20.70
C GLU C 321 -44.97 -10.07 19.73
N ASN C 322 -44.97 -9.37 18.60
CA ASN C 322 -43.94 -9.55 17.58
C ASN C 322 -42.97 -8.38 17.55
N THR C 323 -42.42 -8.04 18.70
CA THR C 323 -41.41 -6.98 18.78
C THR C 323 -40.19 -7.49 19.54
N PRO C 324 -39.03 -7.48 18.86
CA PRO C 324 -37.75 -7.76 19.53
C PRO C 324 -37.48 -6.76 20.65
N LEU C 325 -37.29 -7.24 21.87
CA LEU C 325 -37.04 -6.38 23.01
C LEU C 325 -35.86 -6.85 23.86
N ASN C 326 -35.05 -5.90 24.29
CA ASN C 326 -33.97 -6.16 25.25
C ASN C 326 -34.43 -5.84 26.66
N GLN C 327 -34.50 -6.85 27.51
CA GLN C 327 -34.89 -6.64 28.90
C GLN C 327 -33.64 -6.67 29.78
N VAL C 328 -33.29 -5.52 30.34
CA VAL C 328 -32.07 -5.41 31.15
C VAL C 328 -32.40 -4.91 32.56
N ALA C 329 -31.70 -5.46 33.55
CA ALA C 329 -31.75 -4.96 34.91
C ALA C 329 -30.41 -4.29 35.24
N PHE C 330 -30.48 -3.09 35.82
CA PHE C 330 -29.28 -2.29 36.08
C PHE C 330 -28.72 -2.44 37.47
N ARG C 331 -27.40 -2.51 37.56
CA ARG C 331 -26.67 -2.27 38.79
C ARG C 331 -26.33 -0.77 38.84
N VAL C 332 -26.93 -0.04 39.77
CA VAL C 332 -26.69 1.41 39.87
C VAL C 332 -25.78 1.76 41.05
N GLY C 333 -24.64 2.38 40.76
CA GLY C 333 -23.67 2.73 41.78
C GLY C 333 -22.24 2.53 41.31
N ARG C 334 -21.33 2.29 42.25
CA ARG C 334 -19.93 2.14 41.92
C ARG C 334 -19.24 1.26 42.96
N ASN C 335 -18.12 0.63 42.59
CA ASN C 335 -17.32 -0.09 43.58
C ASN C 335 -16.82 0.84 44.65
N ARG C 336 -16.61 0.32 45.86
CA ARG C 336 -15.99 1.09 46.93
C ARG C 336 -14.64 1.65 46.43
N ARG C 337 -13.89 0.81 45.72
CA ARG C 337 -12.65 1.25 45.07
C ARG C 337 -12.61 0.67 43.67
N ALA C 338 -12.25 1.49 42.70
CA ALA C 338 -12.21 1.02 41.32
C ALA C 338 -10.96 0.18 41.06
N TRP C 339 -9.89 0.44 41.81
CA TRP C 339 -8.63 -0.27 41.64
C TRP C 339 -8.19 -0.82 42.99
N VAL C 340 -8.06 -2.15 43.05
CA VAL C 340 -7.65 -2.87 44.24
C VAL C 340 -6.47 -3.76 43.89
N LYS C 341 -5.38 -3.63 44.66
CA LYS C 341 -4.13 -4.37 44.41
C LYS C 341 -3.70 -4.22 42.95
N ASN C 342 -3.62 -5.31 42.17
CA ASN C 342 -3.25 -5.16 40.77
C ASN C 342 -4.42 -5.37 39.80
N CYS C 343 -5.62 -5.04 40.29
CA CYS C 343 -6.84 -5.21 39.50
C CYS C 343 -7.52 -3.86 39.32
N VAL C 344 -7.63 -3.43 38.07
CA VAL C 344 -8.29 -2.17 37.71
C VAL C 344 -9.62 -2.44 37.00
N SER C 345 -10.72 -1.88 37.50
CA SER C 345 -12.02 -2.08 36.88
C SER C 345 -12.38 -0.88 35.99
N ILE C 346 -12.95 -1.19 34.84
CA ILE C 346 -13.27 -0.19 33.83
C ILE C 346 -14.62 -0.58 33.18
N GLY C 347 -15.47 0.39 32.90
CA GLY C 347 -16.75 0.10 32.30
C GLY C 347 -17.73 -0.32 33.37
N LEU C 348 -18.69 -1.16 33.00
CA LEU C 348 -19.76 -1.61 33.90
C LEU C 348 -19.25 -2.36 35.13
N ALA C 349 -18.07 -2.96 35.01
CA ALA C 349 -17.43 -3.63 36.16
C ALA C 349 -17.06 -2.64 37.26
N SER C 350 -16.89 -1.38 36.88
CA SER C 350 -16.47 -0.35 37.81
C SER C 350 -17.68 0.39 38.39
N CYS C 351 -18.59 0.81 37.51
CA CYS C 351 -19.71 1.63 37.94
C CYS C 351 -20.75 1.75 36.82
N PHE C 352 -21.94 2.24 37.16
CA PHE C 352 -22.99 2.49 36.17
C PHE C 352 -24.03 3.49 36.67
N LEU C 353 -24.38 4.43 35.79
CA LEU C 353 -25.53 5.33 35.96
C LEU C 353 -26.41 5.20 34.73
N GLU C 354 -27.72 5.45 34.89
CA GLU C 354 -28.62 5.48 33.73
C GLU C 354 -28.07 6.47 32.70
N PRO C 355 -28.18 6.14 31.41
CA PRO C 355 -27.52 6.95 30.38
C PRO C 355 -28.23 8.27 30.08
N LEU C 356 -28.85 8.89 31.08
CA LEU C 356 -29.60 10.13 30.88
C LEU C 356 -28.76 11.23 30.24
N GLU C 357 -27.48 11.32 30.59
CA GLU C 357 -26.61 12.29 29.93
C GLU C 357 -25.51 11.60 29.13
N SER C 358 -25.75 10.35 28.75
CA SER C 358 -24.82 9.58 27.91
C SER C 358 -23.37 9.69 28.40
N THR C 359 -23.11 9.13 29.58
CA THR C 359 -21.79 9.21 30.20
C THR C 359 -21.06 7.87 30.19
N GLY C 360 -21.66 6.86 29.58
CA GLY C 360 -21.10 5.51 29.59
C GLY C 360 -19.70 5.41 29.01
N ILE C 361 -19.56 5.80 27.74
CA ILE C 361 -18.25 5.79 27.07
C ILE C 361 -17.27 6.79 27.70
N TYR C 362 -17.82 7.91 28.17
CA TYR C 362 -16.98 8.88 28.84
C TYR C 362 -16.33 8.35 30.13
N PHE C 363 -17.07 7.60 30.94
CA PHE C 363 -16.51 6.99 32.16
C PHE C 363 -15.42 5.95 31.85
N ILE C 364 -15.54 5.31 30.68
CA ILE C 364 -14.51 4.40 30.20
C ILE C 364 -13.25 5.17 29.77
N THR C 365 -13.44 6.18 28.93
CA THR C 365 -12.37 7.05 28.45
C THR C 365 -11.55 7.66 29.58
N ALA C 366 -12.25 8.19 30.57
CA ALA C 366 -11.64 8.81 31.73
C ALA C 366 -10.87 7.79 32.57
N ALA C 367 -11.41 6.59 32.72
CA ALA C 367 -10.74 5.57 33.53
C ALA C 367 -9.44 5.15 32.86
N ILE C 368 -9.51 4.89 31.56
CA ILE C 368 -8.33 4.55 30.79
C ILE C 368 -7.29 5.67 30.85
N TYR C 369 -7.70 6.90 30.57
CA TYR C 369 -6.78 8.03 30.67
C TYR C 369 -6.18 8.16 32.06
N GLN C 370 -7.00 8.01 33.10
CA GLN C 370 -6.49 8.17 34.48
C GLN C 370 -5.60 6.98 34.86
N LEU C 371 -5.81 5.84 34.23
CA LEU C 371 -4.92 4.71 34.48
C LEU C 371 -3.51 5.05 33.96
N THR C 372 -3.42 5.56 32.74
CA THR C 372 -2.11 5.93 32.17
C THR C 372 -1.44 7.04 32.97
N GLN C 373 -2.26 7.95 33.49
CA GLN C 373 -1.74 9.02 34.33
C GLN C 373 -1.26 8.52 35.69
N HIS C 374 -1.82 7.40 36.16
CA HIS C 374 -1.36 6.83 37.43
C HIS C 374 -0.74 5.46 37.24
N PHE C 375 -0.09 5.26 36.11
CA PHE C 375 0.36 3.93 35.73
C PHE C 375 1.41 3.41 36.72
N PRO C 376 1.19 2.20 37.25
CA PRO C 376 2.03 1.59 38.28
C PRO C 376 3.26 0.91 37.72
N ASP C 377 4.23 0.58 38.58
CA ASP C 377 5.16 -0.49 38.26
C ASP C 377 4.81 -1.70 39.13
N ARG C 378 5.68 -2.70 39.20
CA ARG C 378 5.32 -3.92 39.89
C ARG C 378 5.34 -3.77 41.41
N THR C 379 5.82 -2.63 41.91
CA THR C 379 5.73 -2.36 43.35
C THR C 379 4.34 -1.87 43.75
N PHE C 380 3.54 -1.46 42.77
CA PHE C 380 2.17 -0.98 43.00
C PHE C 380 2.04 0.00 44.19
N ALA C 381 2.77 1.10 44.11
CA ALA C 381 2.72 2.14 45.14
C ALA C 381 1.27 2.52 45.41
N LEU C 382 0.90 2.48 46.69
CA LEU C 382 -0.48 2.68 47.12
C LEU C 382 -1.00 4.05 46.79
N ALA C 383 -0.09 5.03 46.70
CA ALA C 383 -0.49 6.39 46.40
C ALA C 383 -1.06 6.48 44.99
N LEU C 384 -0.62 5.59 44.10
CA LEU C 384 -1.05 5.67 42.71
C LEU C 384 -2.50 5.24 42.59
N SER C 385 -2.82 4.11 43.22
CA SER C 385 -4.16 3.54 43.11
C SER C 385 -5.14 4.33 43.99
N ASP C 386 -4.67 4.87 45.11
CA ASP C 386 -5.51 5.77 45.89
C ASP C 386 -5.92 7.01 45.10
N ALA C 387 -4.95 7.63 44.43
CA ALA C 387 -5.24 8.84 43.67
C ALA C 387 -6.19 8.51 42.51
N PHE C 388 -5.97 7.37 41.87
CA PHE C 388 -6.83 6.92 40.79
C PHE C 388 -8.24 6.72 41.31
N ASN C 389 -8.35 6.03 42.44
CA ASN C 389 -9.66 5.75 43.01
C ASN C 389 -10.41 7.02 43.38
N HIS C 390 -9.69 7.99 43.95
CA HIS C 390 -10.29 9.28 44.30
C HIS C 390 -10.82 10.01 43.06
N GLU C 391 -10.08 9.95 41.97
CA GLU C 391 -10.49 10.67 40.77
C GLU C 391 -11.73 10.01 40.19
N ILE C 392 -11.75 8.67 40.19
CA ILE C 392 -12.87 7.92 39.64
C ILE C 392 -14.15 8.11 40.45
N GLU C 393 -14.02 7.98 41.76
CA GLU C 393 -15.12 8.16 42.71
C GLU C 393 -15.75 9.54 42.61
N ALA C 394 -14.91 10.56 42.57
CA ALA C 394 -15.38 11.95 42.48
C ALA C 394 -16.08 12.17 41.14
N MET C 395 -15.47 11.68 40.06
CA MET C 395 -16.09 11.77 38.74
C MET C 395 -17.48 11.14 38.72
N PHE C 396 -17.59 9.94 39.27
CA PHE C 396 -18.86 9.27 39.32
C PHE C 396 -19.89 10.00 40.19
N ASP C 397 -19.51 10.31 41.42
CA ASP C 397 -20.45 10.90 42.38
C ASP C 397 -20.95 12.27 41.92
N ASP C 398 -20.10 13.02 41.26
CA ASP C 398 -20.47 14.32 40.71
C ASP C 398 -21.57 14.17 39.65
N THR C 399 -21.39 13.22 38.73
CA THR C 399 -22.37 13.00 37.68
C THR C 399 -23.64 12.38 38.26
N ARG C 400 -23.49 11.51 39.25
CA ARG C 400 -24.64 10.91 39.91
C ARG C 400 -25.56 11.97 40.49
N ASP C 401 -24.99 12.94 41.20
CA ASP C 401 -25.78 14.01 41.78
C ASP C 401 -26.43 14.87 40.69
N PHE C 402 -25.67 15.20 39.65
CA PHE C 402 -26.20 16.02 38.55
C PHE C 402 -27.41 15.34 37.88
N ILE C 403 -27.33 14.03 37.70
CA ILE C 403 -28.44 13.29 37.13
C ILE C 403 -29.64 13.28 38.07
N GLN C 404 -29.42 13.05 39.37
CA GLN C 404 -30.56 13.08 40.29
C GLN C 404 -31.29 14.42 40.24
N ALA C 405 -30.52 15.49 40.04
CA ALA C 405 -31.09 16.83 40.00
C ALA C 405 -32.11 17.01 38.87
N HIS C 406 -31.98 16.24 37.79
CA HIS C 406 -32.96 16.27 36.70
C HIS C 406 -34.35 15.90 37.22
N PHE C 407 -34.40 14.89 38.07
CA PHE C 407 -35.67 14.41 38.59
C PHE C 407 -36.16 15.24 39.77
N TYR C 408 -35.23 15.67 40.60
CA TYR C 408 -35.56 16.46 41.78
C TYR C 408 -36.16 17.82 41.42
N VAL C 409 -35.57 18.49 40.44
CA VAL C 409 -35.97 19.85 40.08
C VAL C 409 -37.14 19.85 39.09
N SER C 410 -37.37 18.71 38.42
CA SER C 410 -38.57 18.54 37.61
C SER C 410 -39.82 18.95 38.37
N PRO C 411 -40.71 19.73 37.74
CA PRO C 411 -41.93 20.17 38.42
C PRO C 411 -43.03 19.13 38.43
N ARG C 412 -42.80 17.99 37.79
CA ARG C 412 -43.87 16.99 37.63
C ARG C 412 -44.21 16.24 38.92
N THR C 413 -45.51 16.13 39.19
CA THR C 413 -46.01 15.42 40.37
C THR C 413 -47.25 14.59 40.05
N ASP C 414 -47.46 14.29 38.77
CA ASP C 414 -48.69 13.64 38.33
C ASP C 414 -48.64 12.12 38.45
N THR C 415 -47.45 11.56 38.60
CA THR C 415 -47.32 10.12 38.83
C THR C 415 -46.60 9.86 40.14
N PRO C 416 -46.78 8.66 40.71
CA PRO C 416 -46.02 8.31 41.93
C PRO C 416 -44.50 8.37 41.75
N PHE C 417 -44.00 8.05 40.56
CA PHE C 417 -42.56 8.16 40.30
C PHE C 417 -42.08 9.60 40.44
N TRP C 418 -42.68 10.51 39.67
CA TRP C 418 -42.23 11.89 39.65
C TRP C 418 -42.42 12.54 41.02
N LYS C 419 -43.50 12.18 41.69
CA LYS C 419 -43.74 12.63 43.06
C LYS C 419 -42.61 12.18 44.00
N ALA C 420 -42.24 10.91 43.94
CA ALA C 420 -41.28 10.34 44.89
C ALA C 420 -39.89 10.95 44.79
N ASN C 421 -39.50 11.35 43.59
CA ASN C 421 -38.19 11.95 43.37
C ASN C 421 -38.03 13.25 44.13
N LYS C 422 -39.16 13.88 44.46
CA LYS C 422 -39.15 15.15 45.17
C LYS C 422 -38.75 14.96 46.63
N ASP C 423 -38.97 13.76 47.14
CA ASP C 423 -38.76 13.51 48.57
C ASP C 423 -37.59 12.57 48.85
N LEU C 424 -36.89 12.17 47.79
CA LEU C 424 -35.62 11.47 47.96
C LEU C 424 -34.66 12.42 48.67
N HIS C 425 -33.69 11.87 49.37
CA HIS C 425 -32.71 12.71 50.02
C HIS C 425 -31.84 13.43 48.99
N LEU C 426 -31.61 14.72 49.23
CA LEU C 426 -30.78 15.54 48.36
C LEU C 426 -29.42 15.77 48.99
N PRO C 427 -28.33 15.30 48.34
CA PRO C 427 -26.98 15.51 48.87
C PRO C 427 -26.68 16.98 49.14
N GLU C 428 -25.90 17.26 50.17
CA GLU C 428 -25.64 18.63 50.60
C GLU C 428 -25.01 19.49 49.51
N GLN C 429 -24.15 18.89 48.68
CA GLN C 429 -23.45 19.66 47.67
C GLN C 429 -24.41 20.13 46.59
N MET C 430 -25.44 19.34 46.32
CA MET C 430 -26.43 19.76 45.32
C MET C 430 -27.40 20.77 45.92
N ARG C 431 -27.74 20.59 47.19
CA ARG C 431 -28.56 21.57 47.90
C ARG C 431 -27.88 22.95 47.78
N GLU C 432 -26.59 22.99 48.07
CA GLU C 432 -25.84 24.24 48.03
C GLU C 432 -25.81 24.84 46.61
N LYS C 433 -25.65 23.99 45.60
CA LYS C 433 -25.66 24.43 44.21
C LYS C 433 -27.00 25.08 43.82
N ILE C 434 -28.10 24.43 44.15
CA ILE C 434 -29.42 24.99 43.87
C ILE C 434 -29.64 26.31 44.60
N ALA C 435 -29.15 26.39 45.84
CA ALA C 435 -29.27 27.63 46.61
C ALA C 435 -28.43 28.73 45.95
N MET C 436 -27.25 28.35 45.45
CA MET C 436 -26.36 29.29 44.77
C MET C 436 -27.01 29.77 43.47
N TYR C 437 -27.62 28.84 42.75
CA TYR C 437 -28.34 29.14 41.52
C TYR C 437 -29.44 30.18 41.74
N LYS C 438 -30.29 29.93 42.74
CA LYS C 438 -31.41 30.81 43.05
C LYS C 438 -30.98 32.20 43.48
N ALA C 439 -29.80 32.30 44.08
CA ALA C 439 -29.29 33.60 44.52
C ALA C 439 -28.63 34.36 43.38
N GLY C 440 -28.52 33.70 42.22
CA GLY C 440 -28.00 34.35 41.03
C GLY C 440 -26.56 34.02 40.69
N LEU C 441 -25.93 33.17 41.49
CA LEU C 441 -24.53 32.83 41.30
C LEU C 441 -24.32 31.86 40.15
N PRO C 442 -23.16 31.96 39.47
CA PRO C 442 -22.78 30.91 38.53
C PRO C 442 -22.42 29.64 39.30
N ILE C 443 -22.62 28.48 38.69
CA ILE C 443 -22.17 27.22 39.26
C ILE C 443 -21.09 26.61 38.37
N ASN C 444 -19.90 26.39 38.90
CA ASN C 444 -18.83 25.81 38.09
C ASN C 444 -18.60 26.58 36.79
N ALA C 445 -18.43 27.90 36.90
CA ALA C 445 -18.14 28.72 35.72
C ALA C 445 -16.82 28.29 35.10
N PRO C 446 -16.78 28.21 33.78
CA PRO C 446 -15.51 27.82 33.14
C PRO C 446 -14.51 28.97 33.16
N VAL C 447 -13.29 28.68 33.57
CA VAL C 447 -12.24 29.67 33.64
C VAL C 447 -11.52 29.82 32.29
N THR C 448 -11.50 28.74 31.52
CA THR C 448 -10.78 28.70 30.25
C THR C 448 -11.69 28.96 29.07
N ASP C 449 -11.13 29.23 27.90
CA ASP C 449 -11.95 29.32 26.70
C ASP C 449 -12.21 27.91 26.17
N GLU C 450 -13.00 27.83 25.12
CA GLU C 450 -13.48 26.56 24.59
C GLU C 450 -12.31 25.74 24.03
N SER C 451 -11.38 26.41 23.37
CA SER C 451 -10.26 25.74 22.74
C SER C 451 -9.40 24.99 23.77
N THR C 452 -9.11 25.65 24.88
CA THR C 452 -8.36 25.02 25.96
C THR C 452 -9.17 23.86 26.54
N TYR C 453 -10.45 24.10 26.76
CA TYR C 453 -11.34 23.16 27.45
C TYR C 453 -11.41 21.81 26.76
N TYR C 454 -11.62 21.82 25.44
CA TYR C 454 -11.71 20.59 24.66
C TYR C 454 -10.34 20.15 24.14
N GLY C 455 -9.35 21.03 24.27
CA GLY C 455 -8.02 20.73 23.81
C GLY C 455 -7.16 20.02 24.83
N ARG C 456 -7.50 20.14 26.10
CA ARG C 456 -6.76 19.44 27.15
C ARG C 456 -7.71 18.73 28.10
N PHE C 457 -7.68 17.40 28.09
CA PHE C 457 -8.68 16.62 28.80
C PHE C 457 -8.73 16.93 30.29
N GLU C 458 -7.57 17.09 30.91
CA GLU C 458 -7.53 17.37 32.34
C GLU C 458 -8.22 18.69 32.67
N ALA C 459 -8.28 19.61 31.72
CA ALA C 459 -9.00 20.87 31.95
C ALA C 459 -10.48 20.55 32.07
N GLU C 460 -11.00 19.78 31.12
CA GLU C 460 -12.41 19.40 31.15
C GLU C 460 -12.71 18.55 32.37
N PHE C 461 -11.80 17.62 32.67
CA PHE C 461 -12.02 16.66 33.76
C PHE C 461 -12.23 17.37 35.10
N ARG C 462 -11.54 18.49 35.29
CA ARG C 462 -11.65 19.30 36.52
C ARG C 462 -12.89 20.20 36.53
N ASN C 463 -13.49 20.40 35.37
CA ASN C 463 -14.69 21.23 35.29
C ASN C 463 -15.68 20.65 34.28
N PHE C 464 -16.18 19.46 34.56
CA PHE C 464 -16.96 18.70 33.56
C PHE C 464 -18.40 19.18 33.37
N TRP C 465 -19.13 19.40 34.46
CA TRP C 465 -20.46 19.98 34.33
C TRP C 465 -20.35 21.48 34.62
N THR C 466 -20.23 22.28 33.56
CA THR C 466 -20.03 23.72 33.74
C THR C 466 -21.35 24.43 34.01
N ASN C 467 -21.24 25.73 34.29
CA ASN C 467 -22.40 26.60 34.52
C ASN C 467 -23.45 26.49 33.45
N GLY C 468 -23.00 26.37 32.20
CA GLY C 468 -23.90 26.24 31.06
C GLY C 468 -24.81 25.02 31.21
N SER C 469 -24.24 23.91 31.64
CA SER C 469 -25.03 22.69 31.79
C SER C 469 -26.03 22.82 32.94
N TYR C 470 -25.61 23.44 34.03
CA TYR C 470 -26.52 23.65 35.13
C TYR C 470 -27.67 24.56 34.72
N TYR C 471 -27.38 25.59 33.91
CA TYR C 471 -28.48 26.41 33.43
C TYR C 471 -29.38 25.62 32.47
N CYS C 472 -28.78 24.87 31.54
CA CYS C 472 -29.59 24.09 30.60
C CYS C 472 -30.65 23.26 31.33
N ILE C 473 -30.23 22.59 32.40
CA ILE C 473 -31.11 21.67 33.10
C ILE C 473 -32.10 22.40 34.02
N PHE C 474 -31.60 23.24 34.93
CA PHE C 474 -32.48 23.97 35.84
C PHE C 474 -33.47 24.89 35.12
N ALA C 475 -32.95 25.78 34.28
CA ALA C 475 -33.81 26.68 33.50
C ALA C 475 -34.73 25.90 32.57
N GLY C 476 -34.19 24.87 31.92
CA GLY C 476 -34.99 24.04 31.04
C GLY C 476 -36.17 23.43 31.77
N LEU C 477 -35.95 23.06 33.03
CA LEU C 477 -37.01 22.50 33.87
C LEU C 477 -37.90 23.59 34.49
N GLY C 478 -37.59 24.84 34.20
CA GLY C 478 -38.43 25.96 34.62
C GLY C 478 -37.97 26.65 35.90
N LEU C 479 -36.79 26.27 36.38
CA LEU C 479 -36.23 26.87 37.58
C LEU C 479 -35.33 28.04 37.22
N ARG C 480 -35.73 29.22 37.67
CA ARG C 480 -35.00 30.45 37.45
C ARG C 480 -34.52 31.02 38.78
N PRO C 481 -33.44 31.81 38.75
CA PRO C 481 -32.96 32.44 39.99
C PRO C 481 -34.01 33.38 40.57
N ASP C 482 -34.02 33.55 41.89
CA ASP C 482 -34.99 34.42 42.55
C ASP C 482 -34.81 35.87 42.12
N ASN C 483 -33.63 36.17 41.62
CA ASN C 483 -33.27 37.53 41.22
C ASN C 483 -32.00 37.46 40.39
N PRO C 484 -31.63 38.57 39.73
CA PRO C 484 -30.33 38.56 39.04
C PRO C 484 -29.15 38.58 40.01
N LEU C 485 -27.98 38.24 39.51
CA LEU C 485 -26.73 38.42 40.24
C LEU C 485 -26.70 39.86 40.73
N PRO C 486 -26.67 40.07 42.07
CA PRO C 486 -26.86 41.44 42.57
C PRO C 486 -25.90 42.46 41.96
N MET C 487 -24.63 42.08 41.75
CA MET C 487 -23.64 43.00 41.18
C MET C 487 -24.13 43.63 39.86
N LEU C 488 -24.91 42.86 39.10
CA LEU C 488 -25.40 43.33 37.81
C LEU C 488 -26.26 44.59 37.90
N ARG C 489 -27.02 44.74 38.99
CA ARG C 489 -27.83 45.93 39.17
C ARG C 489 -26.98 47.20 39.32
N HIS C 490 -25.70 47.02 39.62
CA HIS C 490 -24.78 48.15 39.76
C HIS C 490 -24.06 48.44 38.45
N ARG C 491 -24.26 47.59 37.45
CA ARG C 491 -23.51 47.74 36.20
C ARG C 491 -24.45 47.82 34.99
N PRO C 492 -25.18 48.93 34.86
CA PRO C 492 -26.14 49.05 33.77
C PRO C 492 -25.46 49.07 32.39
N GLU C 493 -24.34 49.75 32.25
CA GLU C 493 -23.69 49.84 30.95
C GLU C 493 -23.13 48.47 30.54
N GLN C 494 -22.61 47.74 31.53
CA GLN C 494 -22.10 46.39 31.28
C GLN C 494 -23.23 45.51 30.74
N VAL C 495 -24.37 45.56 31.42
CA VAL C 495 -25.55 44.82 31.00
C VAL C 495 -26.00 45.25 29.60
N ARG C 496 -25.96 46.55 29.34
CA ARG C 496 -26.30 47.06 28.02
C ARG C 496 -25.36 46.52 26.96
N GLU C 497 -24.06 46.57 27.22
CA GLU C 497 -23.05 46.06 26.29
C GLU C 497 -23.24 44.57 25.98
N ALA C 498 -23.72 43.83 26.97
CA ALA C 498 -23.81 42.37 26.88
C ALA C 498 -24.92 41.88 25.95
N GLN C 499 -25.93 42.73 25.74
CA GLN C 499 -27.07 42.36 24.91
C GLN C 499 -26.63 42.00 23.50
N ALA C 500 -25.52 42.56 23.06
CA ALA C 500 -24.96 42.24 21.75
C ALA C 500 -24.67 40.73 21.62
N LEU C 501 -24.46 40.04 22.74
CA LEU C 501 -24.23 38.59 22.70
C LEU C 501 -25.51 37.83 22.28
N PHE C 502 -26.67 38.34 22.67
CA PHE C 502 -27.92 37.70 22.27
C PHE C 502 -28.16 37.90 20.77
N ALA C 503 -27.81 39.10 20.29
CA ALA C 503 -27.95 39.41 18.87
C ALA C 503 -26.99 38.58 18.03
N GLY C 504 -25.77 38.38 18.55
CA GLY C 504 -24.79 37.55 17.88
C GLY C 504 -25.26 36.12 17.73
N VAL C 505 -25.89 35.60 18.79
CA VAL C 505 -26.50 34.28 18.76
C VAL C 505 -27.59 34.19 17.69
N LYS C 506 -28.45 35.20 17.64
CA LYS C 506 -29.52 35.24 16.66
C LYS C 506 -28.98 35.28 15.24
N ASP C 507 -27.94 36.08 15.02
CA ASP C 507 -27.28 36.12 13.71
C ASP C 507 -26.83 34.73 13.33
N LYS C 508 -26.20 34.05 14.29
CA LYS C 508 -25.68 32.71 14.08
C LYS C 508 -26.81 31.71 13.84
N GLN C 509 -27.90 31.85 14.61
CA GLN C 509 -29.06 30.96 14.44
C GLN C 509 -29.58 31.07 13.02
N ARG C 510 -29.63 32.30 12.50
CA ARG C 510 -30.00 32.55 11.12
C ARG C 510 -29.03 31.89 10.14
N GLU C 511 -27.73 32.10 10.36
CA GLU C 511 -26.70 31.58 9.46
C GLU C 511 -26.66 30.05 9.38
N LEU C 512 -26.82 29.38 10.51
CA LEU C 512 -26.67 27.93 10.55
C LEU C 512 -27.84 27.22 9.85
N VAL C 513 -29.05 27.70 10.09
CA VAL C 513 -30.24 27.13 9.46
C VAL C 513 -30.17 27.27 7.93
N GLU C 514 -29.51 28.32 7.46
CA GLU C 514 -29.52 28.65 6.05
C GLU C 514 -28.33 28.12 5.25
N THR C 515 -27.18 27.90 5.89
CA THR C 515 -25.98 27.53 5.13
C THR C 515 -25.48 26.10 5.41
N LEU C 516 -25.90 25.52 6.53
CA LEU C 516 -25.50 24.16 6.85
C LEU C 516 -26.29 23.15 6.01
N PRO C 517 -25.63 22.04 5.61
CA PRO C 517 -26.38 20.96 4.97
C PRO C 517 -27.26 20.25 6.00
N SER C 518 -28.22 19.46 5.56
CA SER C 518 -29.02 18.68 6.51
C SER C 518 -28.14 17.61 7.14
N ASN C 519 -28.54 17.14 8.32
CA ASN C 519 -27.86 16.00 8.94
C ASN C 519 -27.90 14.80 8.01
N LEU C 520 -29.08 14.57 7.44
CA LEU C 520 -29.29 13.45 6.52
C LEU C 520 -28.31 13.47 5.34
N GLU C 521 -28.12 14.63 4.75
CA GLU C 521 -27.26 14.78 3.57
C GLU C 521 -25.79 14.52 3.88
N PHE C 522 -25.35 14.97 5.06
CA PHE C 522 -23.97 14.77 5.47
C PHE C 522 -23.72 13.29 5.69
N LEU C 523 -24.63 12.65 6.43
CA LEU C 523 -24.53 11.23 6.73
C LEU C 523 -24.45 10.38 5.46
N ARG C 524 -25.28 10.72 4.47
CA ARG C 524 -25.30 9.99 3.21
C ARG C 524 -23.97 10.10 2.48
N SER C 525 -23.42 11.31 2.45
CA SER C 525 -22.09 11.55 1.89
C SER C 525 -21.05 10.72 2.63
N LEU C 526 -21.13 10.74 3.95
CA LEU C 526 -20.15 10.07 4.79
C LEU C 526 -20.18 8.55 4.60
N HIS C 527 -21.38 7.98 4.63
CA HIS C 527 -21.55 6.54 4.52
C HIS C 527 -21.79 6.09 3.08
N ASN D 3 -27.33 -5.93 -27.77
CA ASN D 3 -28.26 -6.92 -27.23
C ASN D 3 -27.71 -7.71 -26.05
N ARG D 4 -26.58 -7.29 -25.49
CA ARG D 4 -26.00 -8.09 -24.43
C ARG D 4 -26.70 -7.86 -23.10
N ILE D 5 -26.59 -8.85 -22.22
CA ILE D 5 -27.09 -8.74 -20.85
C ILE D 5 -26.45 -7.52 -20.20
N ASN D 6 -27.26 -6.75 -19.48
CA ASN D 6 -26.79 -5.57 -18.78
C ASN D 6 -26.89 -5.75 -17.27
N ARG D 7 -27.91 -6.48 -16.84
CA ARG D 7 -28.22 -6.64 -15.43
C ARG D 7 -28.53 -8.09 -15.04
N ILE D 8 -27.88 -8.54 -13.97
CA ILE D 8 -28.10 -9.87 -13.41
C ILE D 8 -28.54 -9.73 -11.96
N VAL D 9 -29.63 -10.38 -11.58
CA VAL D 9 -29.89 -10.45 -10.15
C VAL D 9 -29.93 -11.91 -9.68
N ILE D 10 -29.35 -12.13 -8.51
CA ILE D 10 -29.24 -13.44 -7.90
C ILE D 10 -30.13 -13.51 -6.67
N LEU D 11 -30.94 -14.56 -6.57
CA LEU D 11 -31.73 -14.74 -5.35
C LEU D 11 -31.15 -15.84 -4.46
N GLY D 12 -30.57 -15.45 -3.34
CA GLY D 12 -29.92 -16.41 -2.46
C GLY D 12 -28.49 -16.00 -2.19
N GLY D 13 -28.10 -16.04 -0.92
CA GLY D 13 -26.80 -15.55 -0.51
C GLY D 13 -25.99 -16.55 0.30
N GLY D 14 -26.17 -17.84 0.01
CA GLY D 14 -25.37 -18.86 0.65
C GLY D 14 -24.13 -19.15 -0.16
N THR D 15 -23.67 -20.39 -0.13
CA THR D 15 -22.52 -20.77 -0.92
C THR D 15 -22.80 -20.57 -2.43
N ALA D 16 -23.94 -21.07 -2.89
CA ALA D 16 -24.27 -20.99 -4.32
C ALA D 16 -24.35 -19.54 -4.78
N GLY D 17 -25.05 -18.71 -4.01
CA GLY D 17 -25.23 -17.32 -4.35
C GLY D 17 -23.93 -16.54 -4.48
N TRP D 18 -23.03 -16.69 -3.51
CA TRP D 18 -21.81 -15.89 -3.52
C TRP D 18 -20.71 -16.46 -4.42
N MET D 19 -20.70 -17.76 -4.63
CA MET D 19 -19.83 -18.29 -5.68
C MET D 19 -20.29 -17.75 -7.04
N THR D 20 -21.58 -17.75 -7.29
CA THR D 20 -22.10 -17.27 -8.57
C THR D 20 -21.77 -15.79 -8.74
N ALA D 21 -22.18 -15.00 -7.74
CA ALA D 21 -21.93 -13.57 -7.76
C ALA D 21 -20.47 -13.23 -8.00
N SER D 22 -19.57 -13.88 -7.25
CA SER D 22 -18.14 -13.63 -7.36
C SER D 22 -17.59 -13.98 -8.75
N TYR D 23 -17.91 -15.19 -9.20
CA TYR D 23 -17.44 -15.67 -10.49
C TYR D 23 -17.96 -14.84 -11.65
N LEU D 24 -19.26 -14.59 -11.67
CA LEU D 24 -19.86 -13.84 -12.77
C LEU D 24 -19.32 -12.41 -12.80
N ALA D 25 -19.17 -11.79 -11.63
CA ALA D 25 -18.66 -10.43 -11.56
C ALA D 25 -17.23 -10.34 -12.09
N LYS D 26 -16.43 -11.37 -11.85
CA LYS D 26 -15.05 -11.39 -12.32
C LYS D 26 -14.98 -11.68 -13.82
N ALA D 27 -15.90 -12.49 -14.29
CA ALA D 27 -15.94 -12.85 -15.71
C ALA D 27 -16.40 -11.68 -16.58
N LEU D 28 -17.34 -10.90 -16.06
CA LEU D 28 -18.03 -9.88 -16.87
C LEU D 28 -17.55 -8.45 -16.59
N GLY D 29 -16.90 -8.26 -15.45
CA GLY D 29 -16.45 -6.93 -15.05
C GLY D 29 -17.58 -5.93 -14.98
N ASP D 30 -17.35 -4.74 -15.51
CA ASP D 30 -18.36 -3.69 -15.41
C ASP D 30 -19.26 -3.62 -16.64
N THR D 31 -19.24 -4.67 -17.47
CA THR D 31 -20.16 -4.73 -18.60
C THR D 31 -21.55 -5.10 -18.10
N VAL D 32 -21.62 -5.56 -16.85
CA VAL D 32 -22.88 -5.97 -16.24
C VAL D 32 -22.95 -5.53 -14.77
N THR D 33 -24.12 -5.11 -14.31
CA THR D 33 -24.31 -4.90 -12.88
C THR D 33 -24.87 -6.18 -12.25
N ILE D 34 -24.34 -6.56 -11.10
CA ILE D 34 -24.78 -7.76 -10.42
C ILE D 34 -25.36 -7.44 -9.04
N THR D 35 -26.57 -7.91 -8.81
CA THR D 35 -27.26 -7.68 -7.54
C THR D 35 -27.68 -9.00 -6.91
N LEU D 36 -27.40 -9.15 -5.62
CA LEU D 36 -27.80 -10.36 -4.92
C LEU D 36 -28.80 -10.02 -3.82
N LEU D 37 -29.97 -10.65 -3.87
CA LEU D 37 -30.96 -10.49 -2.82
C LEU D 37 -30.88 -11.65 -1.84
N GLU D 38 -30.71 -11.32 -0.56
CA GLU D 38 -30.42 -12.34 0.46
C GLU D 38 -31.28 -12.16 1.70
N GLY D 48 -19.63 -28.81 8.42
CA GLY D 48 -18.52 -28.73 7.49
C GLY D 48 -18.83 -29.41 6.16
N GLU D 49 -18.05 -29.09 5.14
CA GLU D 49 -18.28 -29.61 3.80
C GLU D 49 -17.00 -30.07 3.13
N ALA D 50 -17.11 -31.02 2.20
CA ALA D 50 -15.93 -31.46 1.46
C ALA D 50 -16.02 -31.03 0.01
N THR D 51 -14.87 -31.02 -0.67
CA THR D 51 -14.72 -30.53 -2.03
C THR D 51 -13.82 -31.42 -2.88
N VAL D 52 -13.69 -31.09 -4.16
CA VAL D 52 -12.79 -31.81 -5.07
C VAL D 52 -11.69 -30.85 -5.57
N PRO D 53 -10.57 -31.38 -6.08
CA PRO D 53 -9.40 -30.57 -6.43
C PRO D 53 -9.62 -29.38 -7.37
N ASN D 54 -10.46 -29.51 -8.39
CA ASN D 54 -10.64 -28.42 -9.36
C ASN D 54 -11.18 -27.13 -8.76
N LEU D 55 -11.62 -27.16 -7.50
CA LEU D 55 -12.18 -25.96 -6.88
C LEU D 55 -11.16 -24.82 -6.89
N GLN D 56 -9.91 -25.13 -6.63
CA GLN D 56 -8.88 -24.09 -6.65
C GLN D 56 -8.60 -23.58 -8.06
N ARG D 57 -8.41 -24.48 -9.02
CA ARG D 57 -8.02 -24.07 -10.37
C ARG D 57 -9.14 -23.39 -11.15
N VAL D 58 -10.37 -23.88 -11.00
CA VAL D 58 -11.49 -23.32 -11.75
C VAL D 58 -12.10 -22.08 -11.09
N PHE D 59 -12.25 -22.11 -9.76
CA PHE D 59 -12.92 -21.02 -9.07
C PHE D 59 -11.96 -20.03 -8.44
N PHE D 60 -11.21 -20.47 -7.43
CA PHE D 60 -10.40 -19.54 -6.65
C PHE D 60 -9.29 -18.90 -7.47
N ASP D 61 -8.66 -19.67 -8.35
CA ASP D 61 -7.61 -19.12 -9.23
C ASP D 61 -8.20 -18.04 -10.13
N PHE D 62 -9.41 -18.28 -10.64
CA PHE D 62 -10.08 -17.32 -11.49
C PHE D 62 -10.31 -16.01 -10.75
N LEU D 63 -10.54 -16.10 -9.44
CA LEU D 63 -10.74 -14.92 -8.60
C LEU D 63 -9.40 -14.33 -8.14
N GLY D 64 -8.32 -15.06 -8.39
CA GLY D 64 -6.99 -14.59 -8.03
C GLY D 64 -6.65 -14.78 -6.55
N LEU D 65 -7.32 -15.74 -5.92
CA LEU D 65 -7.12 -15.98 -4.49
C LEU D 65 -6.42 -17.31 -4.26
N ARG D 66 -5.22 -17.25 -3.67
CA ARG D 66 -4.47 -18.44 -3.34
C ARG D 66 -4.98 -19.04 -2.02
N GLU D 67 -4.82 -20.36 -1.85
CA GLU D 67 -5.22 -21.03 -0.62
C GLU D 67 -4.67 -20.34 0.62
N GLU D 68 -3.47 -19.80 0.48
CA GLU D 68 -2.78 -19.11 1.56
C GLU D 68 -3.59 -17.92 2.04
N GLU D 69 -4.45 -17.41 1.16
CA GLU D 69 -5.33 -16.28 1.48
C GLU D 69 -6.70 -16.71 1.97
N TRP D 70 -7.31 -17.71 1.32
CA TRP D 70 -8.70 -18.02 1.63
C TRP D 70 -8.88 -19.12 2.68
N MET D 71 -7.97 -20.09 2.73
CA MET D 71 -8.11 -21.17 3.70
C MET D 71 -8.12 -20.71 5.17
N PRO D 72 -7.22 -19.78 5.56
CA PRO D 72 -7.28 -19.40 6.97
C PRO D 72 -8.55 -18.62 7.32
N GLU D 73 -9.15 -17.99 6.31
CA GLU D 73 -10.36 -17.21 6.51
C GLU D 73 -11.60 -18.06 6.66
N CYS D 74 -11.47 -19.38 6.49
CA CYS D 74 -12.62 -20.26 6.59
CA CYS D 74 -12.61 -20.27 6.54
C CYS D 74 -12.31 -21.57 7.30
N ASN D 75 -11.31 -21.51 8.19
CA ASN D 75 -10.86 -22.68 8.96
C ASN D 75 -10.77 -23.94 8.09
N ALA D 76 -10.23 -23.80 6.90
CA ALA D 76 -10.16 -24.89 5.94
C ALA D 76 -9.07 -25.89 6.28
N ALA D 77 -9.34 -27.16 6.00
CA ALA D 77 -8.34 -28.22 6.15
C ALA D 77 -8.22 -29.00 4.84
N PHE D 78 -7.69 -30.21 4.91
CA PHE D 78 -7.39 -30.95 3.69
C PHE D 78 -8.14 -32.27 3.54
N LYS D 79 -8.42 -32.61 2.28
CA LYS D 79 -9.03 -33.86 1.91
C LYS D 79 -8.16 -34.55 0.84
N THR D 80 -7.58 -35.69 1.18
CA THR D 80 -6.78 -36.45 0.23
C THR D 80 -7.63 -37.55 -0.40
N ALA D 81 -8.72 -37.89 0.27
CA ALA D 81 -9.59 -38.97 -0.19
C ALA D 81 -10.89 -39.07 0.61
N VAL D 82 -11.75 -39.99 0.20
CA VAL D 82 -12.86 -40.43 1.04
C VAL D 82 -12.54 -41.82 1.59
N LYS D 83 -12.67 -41.98 2.91
CA LYS D 83 -12.44 -43.27 3.55
C LYS D 83 -13.75 -43.95 3.89
N PHE D 84 -14.00 -45.10 3.26
CA PHE D 84 -15.24 -45.83 3.47
C PHE D 84 -15.08 -46.88 4.56
N ILE D 85 -15.84 -46.73 5.62
CA ILE D 85 -15.69 -47.59 6.80
C ILE D 85 -16.92 -48.46 7.04
N ASN D 86 -16.68 -49.77 7.13
CA ASN D 86 -17.70 -50.77 7.47
C ASN D 86 -18.78 -50.97 6.41
N TRP D 87 -18.39 -50.87 5.14
CA TRP D 87 -19.35 -51.06 4.06
C TRP D 87 -19.46 -52.51 3.62
N ARG D 88 -18.64 -53.39 4.21
CA ARG D 88 -18.67 -54.80 3.85
C ARG D 88 -19.12 -55.68 5.02
N THR D 89 -19.10 -55.11 6.23
CA THR D 89 -19.39 -55.89 7.42
C THR D 89 -20.70 -55.50 8.09
N PRO D 90 -21.43 -56.48 8.63
CA PRO D 90 -22.68 -56.25 9.35
C PRO D 90 -22.45 -55.67 10.73
N GLY D 91 -23.50 -55.08 11.31
CA GLY D 91 -23.43 -54.53 12.64
C GLY D 91 -24.08 -53.16 12.76
N PRO D 92 -24.09 -52.60 13.97
CA PRO D 92 -24.61 -51.25 14.21
C PRO D 92 -23.64 -50.19 13.69
N GLY D 93 -24.04 -48.92 13.73
CA GLY D 93 -23.16 -47.85 13.30
C GLY D 93 -22.11 -47.54 14.36
N GLU D 94 -20.85 -47.80 14.03
CA GLU D 94 -19.75 -47.43 14.92
C GLU D 94 -18.62 -46.79 14.12
N ALA D 95 -17.95 -45.83 14.74
CA ALA D 95 -16.91 -45.05 14.07
C ALA D 95 -15.67 -45.87 13.77
N LYS D 96 -15.57 -47.02 14.43
CA LYS D 96 -14.37 -47.85 14.34
C LYS D 96 -14.54 -48.92 13.29
N ALA D 97 -13.49 -49.14 12.50
CA ALA D 97 -13.52 -50.21 11.51
C ALA D 97 -13.59 -51.59 12.18
N ARG D 98 -14.54 -52.41 11.74
CA ARG D 98 -14.56 -53.81 12.13
C ARG D 98 -13.46 -54.54 11.37
N THR D 99 -13.36 -55.85 11.54
CA THR D 99 -12.32 -56.63 10.88
C THR D 99 -12.90 -57.64 9.90
N ILE D 100 -12.29 -57.73 8.71
CA ILE D 100 -12.74 -58.65 7.68
C ILE D 100 -11.88 -59.90 7.66
N ASP D 101 -10.63 -59.76 7.25
CA ASP D 101 -9.69 -60.88 7.26
C ASP D 101 -8.33 -60.41 7.78
N GLY D 102 -8.25 -60.16 9.08
CA GLY D 102 -7.03 -59.68 9.70
C GLY D 102 -6.76 -58.23 9.35
N ARG D 103 -7.70 -57.61 8.65
CA ARG D 103 -7.57 -56.22 8.26
C ARG D 103 -8.87 -55.47 8.51
N PRO D 104 -8.76 -54.20 8.91
CA PRO D 104 -9.92 -53.32 9.12
C PRO D 104 -10.83 -53.23 7.88
N ASP D 105 -12.14 -53.16 8.09
CA ASP D 105 -13.08 -53.02 6.98
C ASP D 105 -13.13 -51.57 6.53
N HIS D 106 -12.08 -51.12 5.86
CA HIS D 106 -12.12 -49.82 5.21
C HIS D 106 -11.41 -49.84 3.87
N PHE D 107 -11.73 -48.83 3.03
CA PHE D 107 -11.00 -48.62 1.79
C PHE D 107 -11.02 -47.14 1.40
N TYR D 108 -10.08 -46.75 0.55
CA TYR D 108 -9.91 -45.35 0.19
C TYR D 108 -10.30 -45.05 -1.25
N HIS D 109 -10.84 -43.85 -1.46
CA HIS D 109 -11.14 -43.33 -2.77
C HIS D 109 -10.38 -42.01 -2.97
N PRO D 110 -9.12 -42.09 -3.39
CA PRO D 110 -8.30 -40.88 -3.53
C PRO D 110 -8.49 -40.18 -4.87
N PHE D 111 -7.84 -39.04 -5.03
CA PHE D 111 -7.90 -38.32 -6.29
C PHE D 111 -6.74 -38.77 -7.16
N GLY D 112 -6.54 -38.07 -8.28
CA GLY D 112 -5.42 -38.36 -9.16
C GLY D 112 -5.83 -39.40 -10.18
N LEU D 113 -4.95 -39.66 -11.15
CA LEU D 113 -5.17 -40.69 -12.16
C LEU D 113 -4.21 -41.85 -11.92
N LEU D 114 -4.67 -43.08 -12.09
CA LEU D 114 -3.78 -44.23 -11.95
C LEU D 114 -2.67 -44.23 -13.01
N PRO D 115 -1.44 -44.56 -12.61
CA PRO D 115 -0.38 -44.70 -13.62
C PRO D 115 -0.70 -45.81 -14.63
N GLU D 116 0.00 -45.81 -15.76
CA GLU D 116 -0.26 -46.79 -16.81
C GLU D 116 1.04 -47.39 -17.34
N HIS D 117 0.95 -48.63 -17.82
CA HIS D 117 2.05 -49.24 -18.55
C HIS D 117 1.53 -49.99 -19.77
N GLY D 118 2.14 -49.73 -20.91
CA GLY D 118 1.62 -50.26 -22.16
C GLY D 118 0.23 -49.73 -22.40
N GLN D 119 -0.02 -48.53 -21.86
CA GLN D 119 -1.31 -47.84 -21.91
C GLN D 119 -2.43 -48.66 -21.28
N VAL D 120 -2.07 -49.40 -20.23
CA VAL D 120 -3.03 -50.15 -19.42
C VAL D 120 -2.92 -49.68 -17.97
N PRO D 121 -4.04 -49.25 -17.36
CA PRO D 121 -4.06 -48.73 -15.99
C PRO D 121 -3.51 -49.74 -14.98
N LEU D 122 -2.87 -49.24 -13.92
CA LEU D 122 -2.32 -50.10 -12.88
C LEU D 122 -3.36 -51.06 -12.32
N SER D 123 -4.58 -50.55 -12.13
CA SER D 123 -5.73 -51.34 -11.70
C SER D 123 -5.84 -52.72 -12.37
N HIS D 124 -5.47 -52.79 -13.64
CA HIS D 124 -5.65 -54.02 -14.41
C HIS D 124 -4.53 -55.02 -14.13
N TYR D 125 -3.36 -54.52 -13.79
CA TYR D 125 -2.27 -55.41 -13.36
C TYR D 125 -2.50 -55.90 -11.93
N TRP D 126 -3.16 -55.07 -11.12
CA TRP D 126 -3.60 -55.51 -9.81
C TRP D 126 -4.61 -56.64 -9.96
N ALA D 127 -5.59 -56.43 -10.84
CA ALA D 127 -6.62 -57.42 -11.10
C ALA D 127 -6.01 -58.73 -11.58
N TYR D 128 -5.09 -58.62 -12.55
CA TYR D 128 -4.32 -59.76 -13.05
C TYR D 128 -3.69 -60.55 -11.89
N ASN D 129 -3.06 -59.84 -10.97
CA ASN D 129 -2.35 -60.50 -9.87
C ASN D 129 -3.27 -61.18 -8.90
N ARG D 130 -4.41 -60.54 -8.63
CA ARG D 130 -5.42 -61.10 -7.73
C ARG D 130 -6.05 -62.34 -8.37
N ALA D 131 -6.25 -62.28 -9.68
CA ALA D 131 -6.81 -63.42 -10.41
C ALA D 131 -5.85 -64.60 -10.40
N ALA D 132 -4.55 -64.31 -10.49
CA ALA D 132 -3.52 -65.34 -10.48
C ALA D 132 -3.29 -65.87 -9.06
N GLY D 133 -3.75 -65.09 -8.08
CA GLY D 133 -3.58 -65.44 -6.69
C GLY D 133 -2.17 -65.20 -6.19
N THR D 134 -1.41 -64.35 -6.88
CA THR D 134 -0.03 -64.10 -6.49
C THR D 134 0.11 -62.99 -5.45
N THR D 135 -1.02 -62.37 -5.11
CA THR D 135 -1.08 -61.39 -4.05
C THR D 135 -2.51 -61.33 -3.55
N ASP D 136 -2.69 -60.95 -2.28
CA ASP D 136 -4.04 -60.72 -1.76
C ASP D 136 -4.18 -59.29 -1.23
N GLU D 137 -3.25 -58.43 -1.64
CA GLU D 137 -3.26 -57.02 -1.23
C GLU D 137 -4.49 -56.28 -1.74
N PRO D 138 -5.10 -55.42 -0.90
CA PRO D 138 -6.21 -54.58 -1.36
C PRO D 138 -5.81 -53.66 -2.51
N PHE D 139 -6.75 -53.40 -3.41
CA PHE D 139 -6.50 -52.54 -4.56
C PHE D 139 -5.95 -51.17 -4.18
N ASP D 140 -6.54 -50.50 -3.20
CA ASP D 140 -6.12 -49.14 -2.89
C ASP D 140 -4.70 -49.09 -2.33
N TYR D 141 -4.32 -50.05 -1.49
CA TYR D 141 -2.97 -50.07 -0.93
C TYR D 141 -1.94 -50.45 -2.00
N ALA D 142 -2.33 -51.26 -2.97
CA ALA D 142 -1.40 -51.65 -4.02
C ALA D 142 -1.15 -50.51 -5.03
N CYS D 143 -2.19 -49.73 -5.33
CA CYS D 143 -2.11 -48.80 -6.46
C CYS D 143 -1.99 -47.31 -6.09
N PHE D 144 -2.30 -46.97 -4.84
CA PHE D 144 -2.28 -45.57 -4.39
C PHE D 144 -1.28 -45.35 -3.25
N ALA D 145 -0.29 -44.51 -3.49
CA ALA D 145 0.71 -44.18 -2.49
C ALA D 145 0.12 -43.38 -1.33
N GLU D 146 -1.04 -42.80 -1.55
CA GLU D 146 -1.66 -41.90 -0.57
C GLU D 146 -2.24 -42.64 0.62
N THR D 147 -2.50 -43.93 0.44
CA THR D 147 -3.05 -44.75 1.51
C THR D 147 -2.16 -44.69 2.76
N ALA D 148 -0.86 -44.84 2.54
CA ALA D 148 0.12 -44.84 3.63
C ALA D 148 0.19 -43.47 4.29
N ALA D 149 0.17 -42.42 3.49
CA ALA D 149 0.24 -41.06 4.02
C ALA D 149 -0.97 -40.76 4.88
N MET D 150 -2.14 -41.24 4.45
CA MET D 150 -3.38 -40.97 5.16
C MET D 150 -3.51 -41.81 6.44
N ASP D 151 -2.99 -43.02 6.42
CA ASP D 151 -2.94 -43.84 7.63
C ASP D 151 -2.00 -43.21 8.65
N ALA D 152 -1.01 -42.45 8.18
CA ALA D 152 -0.09 -41.73 9.07
C ALA D 152 -0.48 -40.26 9.26
N VAL D 153 -1.76 -39.97 9.00
CA VAL D 153 -2.34 -38.61 9.05
C VAL D 153 -1.39 -37.47 8.65
N ARG D 154 -0.74 -37.65 7.51
CA ARG D 154 0.20 -36.67 6.99
C ARG D 154 -0.46 -35.58 6.14
N ALA D 155 0.23 -34.46 5.99
CA ALA D 155 -0.25 -33.36 5.15
C ALA D 155 -0.14 -33.72 3.66
N PRO D 156 -1.00 -33.13 2.81
CA PRO D 156 -0.95 -33.36 1.36
C PRO D 156 0.28 -32.76 0.70
N LYS D 157 0.96 -31.87 1.42
CA LYS D 157 2.17 -31.23 0.92
C LYS D 157 3.20 -31.01 2.03
N TRP D 158 4.46 -30.86 1.64
CA TRP D 158 5.53 -30.55 2.57
C TRP D 158 5.42 -29.08 3.02
N LEU D 159 6.18 -28.71 4.04
CA LEU D 159 6.08 -27.39 4.65
C LEU D 159 6.45 -26.25 3.71
N ASP D 160 7.16 -26.57 2.63
CA ASP D 160 7.62 -25.56 1.67
C ASP D 160 6.60 -25.32 0.55
N GLY D 161 5.46 -25.98 0.63
CA GLY D 161 4.41 -25.80 -0.36
C GLY D 161 4.44 -26.79 -1.51
N ARG D 162 5.53 -27.55 -1.62
CA ARG D 162 5.70 -28.57 -2.65
C ARG D 162 4.59 -29.62 -2.54
N PRO D 163 3.77 -29.75 -3.60
CA PRO D 163 2.69 -30.74 -3.61
C PRO D 163 3.21 -32.18 -3.58
N ALA D 164 2.56 -33.04 -2.82
CA ALA D 164 2.92 -34.45 -2.77
C ALA D 164 1.87 -35.31 -3.46
N THR D 165 0.62 -34.90 -3.37
CA THR D 165 -0.48 -35.63 -3.99
C THR D 165 -1.47 -34.68 -4.65
N ARG D 166 -2.53 -35.22 -5.25
CA ARG D 166 -3.71 -34.44 -5.58
C ARG D 166 -4.57 -34.36 -4.33
N TYR D 167 -5.08 -33.17 -4.01
CA TYR D 167 -5.87 -33.01 -2.79
C TYR D 167 -6.96 -31.95 -2.93
N ALA D 168 -7.96 -32.00 -2.04
CA ALA D 168 -8.95 -30.93 -1.95
C ALA D 168 -9.10 -30.40 -0.52
N TRP D 169 -10.30 -29.92 -0.18
CA TRP D 169 -10.48 -29.17 1.06
C TRP D 169 -11.71 -29.58 1.88
N HIS D 170 -11.59 -29.39 3.18
CA HIS D 170 -12.69 -29.41 4.13
C HIS D 170 -12.87 -27.97 4.63
N PHE D 171 -14.11 -27.49 4.73
CA PHE D 171 -14.35 -26.18 5.36
C PHE D 171 -15.79 -26.04 5.85
N ASP D 172 -16.06 -25.03 6.68
CA ASP D 172 -17.44 -24.72 7.00
C ASP D 172 -17.96 -23.75 5.95
N ALA D 173 -18.98 -24.19 5.23
CA ALA D 173 -19.42 -23.49 4.02
C ALA D 173 -19.91 -22.09 4.32
N HIS D 174 -20.31 -21.84 5.56
CA HIS D 174 -20.79 -20.52 5.94
C HIS D 174 -19.66 -19.49 5.95
N LEU D 175 -18.51 -19.85 6.51
CA LEU D 175 -17.37 -18.94 6.48
C LEU D 175 -16.87 -18.72 5.06
N VAL D 176 -17.04 -19.73 4.19
CA VAL D 176 -16.70 -19.56 2.80
C VAL D 176 -17.66 -18.55 2.16
N ALA D 177 -18.95 -18.69 2.46
CA ALA D 177 -19.95 -17.77 1.95
C ALA D 177 -19.68 -16.33 2.42
N GLU D 178 -19.32 -16.16 3.69
CA GLU D 178 -19.05 -14.81 4.20
C GLU D 178 -17.81 -14.24 3.53
N PHE D 179 -16.80 -15.09 3.33
CA PHE D 179 -15.57 -14.67 2.68
C PHE D 179 -15.82 -14.15 1.26
N LEU D 180 -16.65 -14.88 0.52
CA LEU D 180 -16.96 -14.51 -0.84
C LEU D 180 -17.84 -13.27 -0.91
N ARG D 181 -18.78 -13.15 0.03
CA ARG D 181 -19.59 -11.95 0.13
C ARG D 181 -18.73 -10.70 0.31
N ARG D 182 -17.76 -10.76 1.22
CA ARG D 182 -16.88 -9.61 1.44
C ARG D 182 -16.06 -9.32 0.19
N HIS D 183 -15.50 -10.37 -0.41
CA HIS D 183 -14.69 -10.21 -1.60
C HIS D 183 -15.50 -9.59 -2.77
N ALA D 184 -16.66 -10.19 -3.05
CA ALA D 184 -17.50 -9.74 -4.16
C ALA D 184 -17.98 -8.29 -3.97
N THR D 185 -18.43 -7.94 -2.77
CA THR D 185 -18.99 -6.61 -2.54
C THR D 185 -17.90 -5.53 -2.50
N GLU D 186 -16.77 -5.83 -1.85
CA GLU D 186 -15.74 -4.83 -1.62
C GLU D 186 -14.72 -4.75 -2.74
N ARG D 187 -14.61 -5.81 -3.54
CA ARG D 187 -13.61 -5.83 -4.60
C ARG D 187 -14.18 -6.01 -6.01
N LEU D 188 -15.39 -6.54 -6.12
CA LEU D 188 -15.95 -6.85 -7.43
C LEU D 188 -17.21 -6.07 -7.76
N ASN D 189 -17.50 -5.06 -6.93
CA ASN D 189 -18.62 -4.13 -7.14
C ASN D 189 -20.02 -4.78 -7.21
N VAL D 190 -20.21 -5.90 -6.53
CA VAL D 190 -21.52 -6.55 -6.49
C VAL D 190 -22.39 -5.89 -5.42
N GLU D 191 -23.66 -5.61 -5.75
CA GLU D 191 -24.56 -5.03 -4.75
C GLU D 191 -25.22 -6.13 -3.91
N HIS D 192 -25.15 -5.96 -2.59
CA HIS D 192 -25.83 -6.86 -1.67
C HIS D 192 -27.09 -6.21 -1.15
N VAL D 193 -28.24 -6.83 -1.43
CA VAL D 193 -29.50 -6.31 -0.92
C VAL D 193 -30.10 -7.25 0.11
N GLN D 194 -30.38 -6.72 1.30
CA GLN D 194 -30.90 -7.54 2.37
C GLN D 194 -32.39 -7.29 2.53
N GLY D 195 -33.17 -8.36 2.54
CA GLY D 195 -34.61 -8.25 2.64
C GLY D 195 -35.31 -9.52 2.20
N GLU D 196 -36.64 -9.48 2.18
CA GLU D 196 -37.44 -10.62 1.76
C GLU D 196 -38.10 -10.34 0.41
N MET D 197 -38.00 -11.29 -0.51
CA MET D 197 -38.67 -11.12 -1.79
C MET D 197 -40.18 -11.27 -1.62
N GLN D 198 -40.92 -10.30 -2.12
CA GLN D 198 -42.36 -10.30 -2.01
C GLN D 198 -43.05 -10.90 -3.24
N GLN D 199 -42.52 -10.57 -4.42
CA GLN D 199 -43.15 -10.97 -5.67
C GLN D 199 -42.12 -11.07 -6.79
N VAL D 200 -42.34 -12.00 -7.71
CA VAL D 200 -41.51 -12.12 -8.91
C VAL D 200 -42.28 -11.54 -10.10
N LEU D 201 -41.79 -10.42 -10.65
CA LEU D 201 -42.46 -9.80 -11.79
C LEU D 201 -42.09 -10.50 -13.10
N ARG D 202 -43.09 -10.82 -13.91
CA ARG D 202 -42.84 -11.44 -15.22
C ARG D 202 -43.60 -10.75 -16.36
N ASP D 203 -42.99 -10.70 -17.56
CA ASP D 203 -43.65 -10.08 -18.70
C ASP D 203 -44.63 -11.05 -19.35
N GLU D 204 -45.22 -10.66 -20.47
CA GLU D 204 -46.24 -11.51 -21.08
C GLU D 204 -45.65 -12.79 -21.69
N ARG D 205 -44.33 -12.82 -21.91
CA ARG D 205 -43.63 -14.00 -22.39
C ARG D 205 -43.30 -14.97 -21.27
N GLY D 206 -43.48 -14.51 -20.04
CA GLY D 206 -43.18 -15.34 -18.88
C GLY D 206 -41.78 -15.09 -18.37
N PHE D 207 -41.02 -14.28 -19.09
CA PHE D 207 -39.67 -13.90 -18.64
C PHE D 207 -39.72 -13.02 -17.38
N ILE D 208 -38.79 -13.27 -16.45
CA ILE D 208 -38.69 -12.46 -15.25
C ILE D 208 -38.10 -11.09 -15.60
N THR D 209 -38.70 -10.03 -15.06
CA THR D 209 -38.21 -8.68 -15.30
C THR D 209 -37.62 -8.06 -14.04
N ALA D 210 -38.15 -8.46 -12.90
CA ALA D 210 -37.70 -7.90 -11.64
C ALA D 210 -38.13 -8.73 -10.44
N LEU D 211 -37.30 -8.64 -9.40
CA LEU D 211 -37.69 -9.15 -8.11
C LEU D 211 -38.15 -7.95 -7.29
N ARG D 212 -39.39 -8.00 -6.81
CA ARG D 212 -39.90 -6.93 -5.95
C ARG D 212 -39.74 -7.32 -4.48
N THR D 213 -39.09 -6.46 -3.70
CA THR D 213 -38.81 -6.76 -2.30
C THR D 213 -39.93 -6.28 -1.39
N VAL D 214 -40.04 -6.89 -0.21
CA VAL D 214 -41.02 -6.49 0.79
C VAL D 214 -40.86 -5.01 1.13
N GLU D 215 -39.62 -4.55 1.23
CA GLU D 215 -39.33 -3.14 1.53
C GLU D 215 -39.82 -2.20 0.43
N GLY D 216 -40.11 -2.77 -0.74
CA GLY D 216 -40.80 -2.03 -1.78
C GLY D 216 -40.02 -1.65 -3.03
N ARG D 217 -38.80 -2.15 -3.18
CA ARG D 217 -38.03 -1.78 -4.36
C ARG D 217 -37.90 -2.93 -5.37
N ASP D 218 -37.90 -2.58 -6.65
CA ASP D 218 -37.80 -3.57 -7.72
C ASP D 218 -36.35 -3.76 -8.16
N LEU D 219 -35.86 -4.98 -8.08
CA LEU D 219 -34.53 -5.26 -8.57
C LEU D 219 -34.61 -5.72 -10.03
N GLU D 220 -34.34 -4.79 -10.95
CA GLU D 220 -34.48 -5.06 -12.37
C GLU D 220 -33.33 -5.93 -12.91
N GLY D 221 -33.62 -6.78 -13.88
CA GLY D 221 -32.60 -7.61 -14.49
C GLY D 221 -33.00 -8.26 -15.79
N ASP D 222 -32.01 -8.68 -16.56
CA ASP D 222 -32.27 -9.40 -17.82
C ASP D 222 -32.14 -10.90 -17.59
N LEU D 223 -31.32 -11.23 -16.59
CA LEU D 223 -30.98 -12.61 -16.27
C LEU D 223 -31.05 -12.87 -14.77
N PHE D 224 -31.76 -13.91 -14.37
CA PHE D 224 -31.94 -14.19 -12.94
C PHE D 224 -31.41 -15.57 -12.55
N ILE D 225 -30.60 -15.58 -11.51
CA ILE D 225 -30.01 -16.82 -11.01
C ILE D 225 -30.73 -17.24 -9.71
N ASP D 226 -31.33 -18.42 -9.74
CA ASP D 226 -31.98 -18.95 -8.55
C ASP D 226 -30.97 -19.67 -7.68
N CYS D 227 -30.67 -19.08 -6.53
CA CYS D 227 -29.84 -19.74 -5.52
C CYS D 227 -30.60 -19.80 -4.19
N SER D 228 -31.91 -19.97 -4.28
CA SER D 228 -32.78 -19.92 -3.12
C SER D 228 -32.84 -21.24 -2.37
N GLY D 229 -32.02 -22.20 -2.79
CA GLY D 229 -32.00 -23.50 -2.13
C GLY D 229 -33.16 -24.38 -2.53
N PHE D 230 -33.49 -25.34 -1.68
CA PHE D 230 -34.46 -26.40 -1.97
C PHE D 230 -35.85 -25.91 -2.39
N ARG D 231 -36.25 -24.73 -1.93
CA ARG D 231 -37.56 -24.21 -2.31
C ARG D 231 -37.63 -23.83 -3.78
N GLY D 232 -36.50 -23.40 -4.35
CA GLY D 232 -36.47 -22.94 -5.73
C GLY D 232 -37.51 -21.88 -6.01
N LEU D 233 -37.40 -20.75 -5.32
CA LEU D 233 -38.41 -19.70 -5.39
C LEU D 233 -38.61 -19.16 -6.81
N LEU D 234 -37.57 -19.20 -7.62
CA LEU D 234 -37.68 -18.76 -8.99
C LEU D 234 -38.00 -19.93 -9.93
N ILE D 235 -37.05 -20.84 -10.07
CA ILE D 235 -37.13 -21.91 -11.06
C ILE D 235 -38.35 -22.80 -10.87
N ASN D 236 -38.70 -23.09 -9.62
CA ASN D 236 -39.81 -24.01 -9.34
C ASN D 236 -41.13 -23.29 -9.07
N LYS D 237 -41.11 -22.29 -8.20
CA LYS D 237 -42.35 -21.61 -7.83
C LYS D 237 -42.80 -20.64 -8.93
N ALA D 238 -41.98 -19.63 -9.22
CA ALA D 238 -42.36 -18.62 -10.20
C ALA D 238 -42.39 -19.14 -11.65
N MET D 239 -41.42 -19.96 -12.03
CA MET D 239 -41.33 -20.44 -13.41
C MET D 239 -42.09 -21.75 -13.64
N GLU D 240 -42.52 -22.39 -12.56
CA GLU D 240 -43.33 -23.60 -12.61
C GLU D 240 -42.63 -24.81 -13.27
N GLU D 241 -41.31 -24.88 -13.16
CA GLU D 241 -40.57 -26.03 -13.71
C GLU D 241 -40.63 -27.19 -12.72
N PRO D 242 -41.08 -28.36 -13.19
CA PRO D 242 -41.23 -29.54 -12.32
C PRO D 242 -39.89 -30.07 -11.81
N PHE D 243 -39.87 -30.55 -10.58
CA PHE D 243 -38.72 -31.23 -10.00
C PHE D 243 -38.93 -32.73 -10.17
N ILE D 244 -37.87 -33.45 -10.53
CA ILE D 244 -37.98 -34.89 -10.73
C ILE D 244 -37.40 -35.64 -9.53
N ASP D 245 -38.29 -36.21 -8.72
CA ASP D 245 -37.91 -36.95 -7.52
C ASP D 245 -37.20 -38.25 -7.93
N MET D 246 -36.04 -38.49 -7.37
CA MET D 246 -35.28 -39.68 -7.74
C MET D 246 -34.99 -40.58 -6.54
N ASN D 247 -35.91 -40.57 -5.58
CA ASN D 247 -35.77 -41.40 -4.38
C ASN D 247 -36.01 -42.88 -4.65
N ASP D 248 -36.39 -43.22 -5.87
CA ASP D 248 -36.53 -44.61 -6.28
C ASP D 248 -35.16 -45.23 -6.56
N GLN D 249 -34.15 -44.37 -6.66
CA GLN D 249 -32.78 -44.83 -6.89
C GLN D 249 -31.92 -44.69 -5.64
N LEU D 250 -32.20 -43.65 -4.87
CA LEU D 250 -31.44 -43.33 -3.67
C LEU D 250 -32.39 -43.05 -2.52
N LEU D 251 -32.41 -43.93 -1.53
CA LEU D 251 -33.45 -43.94 -0.52
C LEU D 251 -33.24 -42.94 0.62
N CYS D 252 -32.02 -42.44 0.78
CA CYS D 252 -31.75 -41.46 1.85
C CYS D 252 -32.42 -40.13 1.52
N ASN D 253 -32.96 -39.48 2.55
CA ASN D 253 -33.71 -38.25 2.36
C ASN D 253 -33.75 -37.41 3.63
N ARG D 254 -32.99 -37.84 4.63
CA ARG D 254 -32.91 -37.14 5.91
C ARG D 254 -31.46 -37.04 6.37
N ALA D 255 -31.19 -36.12 7.28
CA ALA D 255 -29.87 -36.02 7.90
C ALA D 255 -29.95 -35.40 9.29
N VAL D 256 -29.18 -35.94 10.23
CA VAL D 256 -29.01 -35.30 11.53
C VAL D 256 -27.51 -35.05 11.74
N ALA D 257 -27.15 -33.80 12.03
CA ALA D 257 -25.76 -33.41 12.03
C ALA D 257 -25.37 -32.53 13.22
N THR D 258 -24.06 -32.43 13.44
CA THR D 258 -23.50 -31.55 14.46
C THR D 258 -21.99 -31.48 14.27
N ALA D 259 -21.34 -30.60 15.03
CA ALA D 259 -19.90 -30.48 15.02
C ALA D 259 -19.36 -30.82 16.39
N ILE D 260 -18.21 -31.49 16.43
CA ILE D 260 -17.63 -31.94 17.69
C ILE D 260 -16.20 -31.44 17.85
N LYS D 261 -15.91 -30.80 18.98
CA LYS D 261 -14.55 -30.38 19.27
C LYS D 261 -13.66 -31.60 19.42
N HIS D 262 -12.38 -31.46 19.07
CA HIS D 262 -11.48 -32.60 18.98
C HIS D 262 -10.08 -32.26 19.50
N ASP D 263 -9.57 -33.09 20.40
CA ASP D 263 -8.19 -32.95 20.85
C ASP D 263 -7.27 -33.45 19.75
N ASP D 264 -6.87 -32.54 18.86
CA ASP D 264 -6.08 -32.88 17.70
C ASP D 264 -4.74 -33.50 18.07
N ASP D 265 -4.21 -33.15 19.24
CA ASP D 265 -2.91 -33.67 19.63
C ASP D 265 -3.02 -35.09 20.17
N ALA D 266 -4.25 -35.55 20.37
CA ALA D 266 -4.47 -36.91 20.87
C ALA D 266 -4.23 -37.93 19.75
N HIS D 267 -4.97 -37.79 18.65
CA HIS D 267 -4.83 -38.72 17.55
C HIS D 267 -4.85 -38.05 16.18
N GLY D 268 -4.39 -36.80 16.14
CA GLY D 268 -4.14 -36.10 14.88
C GLY D 268 -5.36 -35.57 14.17
N VAL D 269 -5.14 -35.05 12.97
CA VAL D 269 -6.22 -34.58 12.10
C VAL D 269 -6.25 -35.39 10.80
N GLU D 270 -7.24 -36.28 10.68
CA GLU D 270 -7.37 -37.13 9.51
C GLU D 270 -7.57 -36.31 8.24
N PRO D 271 -6.60 -36.39 7.31
CA PRO D 271 -6.65 -35.65 6.04
C PRO D 271 -7.59 -36.28 5.03
N TYR D 272 -8.80 -36.62 5.45
CA TYR D 272 -9.77 -37.24 4.56
C TYR D 272 -11.18 -37.19 5.10
N THR D 273 -12.15 -37.29 4.19
CA THR D 273 -13.55 -37.41 4.56
C THR D 273 -13.85 -38.86 4.87
N SER D 274 -14.54 -39.13 5.98
CA SER D 274 -14.95 -40.49 6.28
C SER D 274 -16.43 -40.69 5.94
N ALA D 275 -16.73 -41.85 5.39
CA ALA D 275 -18.10 -42.28 5.12
C ALA D 275 -18.36 -43.58 5.86
N ILE D 276 -19.03 -43.47 7.01
CA ILE D 276 -19.23 -44.60 7.91
C ILE D 276 -20.60 -45.24 7.73
N ALA D 277 -20.62 -46.47 7.23
CA ALA D 277 -21.87 -47.19 7.01
C ALA D 277 -22.66 -47.35 8.31
N MET D 278 -23.98 -47.21 8.21
CA MET D 278 -24.87 -47.28 9.36
C MET D 278 -25.95 -48.33 9.09
N ARG D 279 -26.86 -48.50 10.04
CA ARG D 279 -27.93 -49.49 9.87
C ARG D 279 -28.90 -49.11 8.75
N SER D 280 -29.20 -47.82 8.63
CA SER D 280 -30.17 -47.34 7.63
C SER D 280 -29.61 -46.15 6.86
N GLY D 281 -28.31 -46.17 6.62
CA GLY D 281 -27.66 -45.15 5.83
C GLY D 281 -26.17 -45.11 6.11
N TRP D 282 -25.62 -43.91 6.14
CA TRP D 282 -24.18 -43.72 6.36
C TRP D 282 -23.96 -42.38 7.04
N SER D 283 -22.80 -42.22 7.67
CA SER D 283 -22.46 -40.96 8.34
C SER D 283 -21.15 -40.41 7.82
N TRP D 284 -21.07 -39.09 7.69
CA TRP D 284 -19.84 -38.45 7.25
C TRP D 284 -18.99 -37.96 8.43
N LYS D 285 -17.67 -37.87 8.20
CA LYS D 285 -16.77 -37.22 9.14
C LYS D 285 -15.87 -36.27 8.37
N ILE D 286 -15.93 -34.98 8.72
CA ILE D 286 -15.17 -33.96 8.02
C ILE D 286 -14.23 -33.27 9.00
N PRO D 287 -13.00 -33.77 9.09
CA PRO D 287 -12.04 -33.22 10.05
C PRO D 287 -11.52 -31.84 9.68
N MET D 288 -11.43 -30.97 10.68
CA MET D 288 -10.83 -29.66 10.53
C MET D 288 -9.95 -29.40 11.76
N LEU D 289 -9.26 -28.26 11.80
CA LEU D 289 -8.46 -27.94 12.98
C LEU D 289 -9.36 -27.72 14.19
N GLY D 290 -9.13 -28.52 15.24
CA GLY D 290 -9.82 -28.35 16.51
C GLY D 290 -11.20 -28.98 16.60
N ARG D 291 -11.73 -29.42 15.46
CA ARG D 291 -13.09 -29.94 15.41
C ARG D 291 -13.35 -30.73 14.13
N PHE D 292 -14.49 -31.43 14.09
CA PHE D 292 -14.93 -32.09 12.86
C PHE D 292 -16.45 -32.12 12.76
N GLY D 293 -16.96 -31.86 11.56
CA GLY D 293 -18.38 -31.97 11.31
C GLY D 293 -18.76 -33.43 11.07
N THR D 294 -19.95 -33.82 11.48
CA THR D 294 -20.41 -35.18 11.26
C THR D 294 -21.93 -35.21 11.16
N GLY D 295 -22.45 -36.07 10.29
CA GLY D 295 -23.88 -36.18 10.12
C GLY D 295 -24.33 -37.58 9.73
N TYR D 296 -25.52 -37.95 10.16
CA TYR D 296 -26.10 -39.23 9.78
C TYR D 296 -27.12 -39.02 8.67
N VAL D 297 -26.74 -39.42 7.47
CA VAL D 297 -27.64 -39.44 6.33
C VAL D 297 -28.41 -40.77 6.34
N TYR D 298 -29.73 -40.69 6.44
CA TYR D 298 -30.53 -41.89 6.55
C TYR D 298 -31.81 -41.84 5.72
N SER D 299 -32.42 -43.01 5.55
CA SER D 299 -33.68 -43.11 4.83
C SER D 299 -34.84 -43.12 5.81
N SER D 300 -35.79 -42.21 5.59
CA SER D 300 -36.96 -42.08 6.46
C SER D 300 -37.82 -43.33 6.44
N ARG D 301 -37.71 -44.12 5.38
CA ARG D 301 -38.51 -45.34 5.26
C ARG D 301 -38.05 -46.42 6.23
N PHE D 302 -36.79 -46.36 6.66
CA PHE D 302 -36.19 -47.45 7.42
C PHE D 302 -35.67 -47.01 8.78
N ALA D 303 -35.84 -45.74 9.10
CA ALA D 303 -35.42 -45.22 10.40
C ALA D 303 -36.22 -43.97 10.76
N GLU D 304 -36.82 -43.98 11.94
CA GLU D 304 -37.50 -42.80 12.44
C GLU D 304 -36.48 -41.81 12.98
N LYS D 305 -36.83 -40.53 12.90
CA LYS D 305 -35.96 -39.43 13.32
C LYS D 305 -35.35 -39.66 14.70
N ASP D 306 -36.16 -40.07 15.66
CA ASP D 306 -35.68 -40.32 17.02
C ASP D 306 -34.69 -41.48 17.04
N GLU D 307 -34.98 -42.52 16.28
CA GLU D 307 -34.13 -43.71 16.18
C GLU D 307 -32.79 -43.34 15.57
N ALA D 308 -32.82 -42.55 14.51
CA ALA D 308 -31.61 -42.09 13.85
C ALA D 308 -30.77 -41.22 14.79
N THR D 309 -31.44 -40.33 15.51
CA THR D 309 -30.75 -39.46 16.46
C THR D 309 -30.01 -40.29 17.50
N LEU D 310 -30.68 -41.29 18.06
CA LEU D 310 -30.08 -42.14 19.08
C LEU D 310 -28.89 -42.92 18.52
N ASP D 311 -29.03 -43.40 17.29
CA ASP D 311 -27.94 -44.13 16.65
C ASP D 311 -26.75 -43.22 16.38
N PHE D 312 -27.03 -42.00 15.93
CA PHE D 312 -25.99 -41.01 15.63
C PHE D 312 -25.20 -40.63 16.88
N CYS D 313 -25.94 -40.31 17.94
CA CYS D 313 -25.33 -39.90 19.21
C CYS D 313 -24.53 -41.04 19.85
N ARG D 314 -25.08 -42.24 19.83
CA ARG D 314 -24.41 -43.40 20.42
C ARG D 314 -23.05 -43.63 19.80
N MET D 315 -22.94 -43.41 18.50
CA MET D 315 -21.69 -43.66 17.78
C MET D 315 -20.58 -42.73 18.22
N TRP D 316 -20.93 -41.48 18.52
CA TRP D 316 -19.95 -40.49 18.91
C TRP D 316 -19.92 -40.32 20.42
N GLY D 317 -20.73 -41.12 21.12
CA GLY D 317 -20.83 -41.05 22.56
C GLY D 317 -21.29 -39.68 23.03
N LEU D 318 -22.32 -39.14 22.38
CA LEU D 318 -22.86 -37.84 22.76
C LEU D 318 -24.12 -38.00 23.60
N ASP D 319 -24.33 -37.06 24.52
CA ASP D 319 -25.57 -37.00 25.28
C ASP D 319 -26.69 -36.57 24.32
N PRO D 320 -27.67 -37.45 24.11
CA PRO D 320 -28.76 -37.21 23.16
C PRO D 320 -29.60 -35.97 23.48
N GLU D 321 -29.86 -35.73 24.76
CA GLU D 321 -30.76 -34.64 25.15
C GLU D 321 -30.04 -33.36 25.52
N ASN D 322 -28.71 -33.37 25.41
CA ASN D 322 -27.91 -32.19 25.75
C ASN D 322 -27.06 -31.71 24.58
N THR D 323 -27.20 -32.37 23.43
CA THR D 323 -26.42 -32.04 22.25
C THR D 323 -27.20 -31.21 21.25
N PRO D 324 -26.59 -30.12 20.75
CA PRO D 324 -27.16 -29.38 19.64
C PRO D 324 -27.13 -30.19 18.34
N LEU D 325 -28.29 -30.36 17.71
CA LEU D 325 -28.37 -31.12 16.46
C LEU D 325 -29.29 -30.43 15.48
N ASN D 326 -28.86 -30.31 14.23
CA ASN D 326 -29.77 -29.84 13.19
C ASN D 326 -30.25 -31.01 12.34
N GLN D 327 -31.55 -31.03 12.10
CA GLN D 327 -32.20 -32.10 11.37
C GLN D 327 -32.78 -31.57 10.07
N VAL D 328 -32.35 -32.18 8.97
CA VAL D 328 -32.72 -31.71 7.63
C VAL D 328 -33.46 -32.80 6.87
N ALA D 329 -34.43 -32.41 6.05
CA ALA D 329 -35.06 -33.31 5.12
C ALA D 329 -34.67 -32.93 3.69
N PHE D 330 -34.25 -33.92 2.90
CA PHE D 330 -33.78 -33.71 1.53
C PHE D 330 -34.83 -34.03 0.48
N ARG D 331 -34.85 -33.25 -0.60
CA ARG D 331 -35.45 -33.71 -1.85
C ARG D 331 -34.31 -34.21 -2.74
N VAL D 332 -34.30 -35.50 -3.04
CA VAL D 332 -33.28 -36.05 -3.91
C VAL D 332 -33.76 -35.97 -5.38
N GLY D 333 -32.93 -35.40 -6.24
CA GLY D 333 -33.27 -35.31 -7.66
C GLY D 333 -32.80 -34.01 -8.29
N ARG D 334 -33.43 -33.65 -9.41
CA ARG D 334 -33.07 -32.44 -10.15
C ARG D 334 -34.29 -31.88 -10.85
N ASN D 335 -34.23 -30.61 -11.21
CA ASN D 335 -35.27 -30.02 -12.04
C ASN D 335 -35.30 -30.68 -13.40
N ARG D 336 -36.49 -30.75 -14.01
CA ARG D 336 -36.61 -31.21 -15.39
C ARG D 336 -35.63 -30.44 -16.28
N ARG D 337 -35.54 -29.13 -16.08
CA ARG D 337 -34.53 -28.30 -16.74
C ARG D 337 -33.89 -27.36 -15.72
N ALA D 338 -32.57 -27.19 -15.79
CA ALA D 338 -31.90 -26.31 -14.85
C ALA D 338 -32.08 -24.84 -15.23
N TRP D 339 -32.15 -24.57 -16.54
CA TRP D 339 -32.28 -23.22 -17.06
C TRP D 339 -33.55 -23.10 -17.88
N VAL D 340 -34.43 -22.19 -17.48
CA VAL D 340 -35.74 -22.01 -18.09
C VAL D 340 -35.98 -20.54 -18.38
N LYS D 341 -36.26 -20.22 -19.64
CA LYS D 341 -36.44 -18.84 -20.10
C LYS D 341 -35.23 -18.00 -19.69
N ASN D 342 -35.39 -17.07 -18.76
CA ASN D 342 -34.25 -16.27 -18.33
C ASN D 342 -33.90 -16.51 -16.86
N CYS D 343 -34.17 -17.74 -16.41
CA CYS D 343 -33.93 -18.13 -15.03
C CYS D 343 -33.02 -19.34 -14.98
N VAL D 344 -31.85 -19.17 -14.37
CA VAL D 344 -30.88 -20.24 -14.24
C VAL D 344 -30.77 -20.67 -12.78
N SER D 345 -31.00 -21.96 -12.51
CA SER D 345 -30.90 -22.46 -11.14
C SER D 345 -29.51 -23.00 -10.86
N ILE D 346 -28.98 -22.70 -9.68
CA ILE D 346 -27.66 -23.18 -9.28
C ILE D 346 -27.69 -23.60 -7.80
N GLY D 347 -27.07 -24.73 -7.48
CA GLY D 347 -27.04 -25.19 -6.11
C GLY D 347 -28.25 -26.06 -5.81
N LEU D 348 -28.74 -25.99 -4.58
CA LEU D 348 -29.85 -26.85 -4.15
C LEU D 348 -31.13 -26.54 -4.91
N ALA D 349 -31.26 -25.30 -5.39
CA ALA D 349 -32.39 -24.91 -6.24
C ALA D 349 -32.41 -25.73 -7.54
N SER D 350 -31.24 -26.19 -7.97
CA SER D 350 -31.13 -26.93 -9.24
C SER D 350 -31.23 -28.44 -9.06
N CYS D 351 -30.53 -28.98 -8.06
CA CYS D 351 -30.50 -30.41 -7.84
C CYS D 351 -29.84 -30.74 -6.50
N PHE D 352 -29.96 -31.99 -6.09
CA PHE D 352 -29.31 -32.44 -4.85
C PHE D 352 -29.14 -33.96 -4.83
N LEU D 353 -27.97 -34.38 -4.33
CA LEU D 353 -27.65 -35.77 -4.07
C LEU D 353 -27.01 -35.81 -2.69
N GLU D 354 -27.19 -36.90 -1.97
CA GLU D 354 -26.50 -37.06 -0.68
C GLU D 354 -25.00 -36.87 -0.92
N PRO D 355 -24.31 -36.22 0.05
CA PRO D 355 -22.90 -35.89 -0.13
C PRO D 355 -21.95 -37.08 0.02
N LEU D 356 -22.35 -38.26 -0.45
CA LEU D 356 -21.53 -39.46 -0.28
C LEU D 356 -20.16 -39.30 -0.93
N GLU D 357 -20.12 -38.69 -2.11
CA GLU D 357 -18.84 -38.42 -2.77
C GLU D 357 -18.51 -36.92 -2.79
N SER D 358 -19.23 -36.15 -1.98
CA SER D 358 -18.98 -34.70 -1.84
C SER D 358 -18.95 -33.99 -3.18
N THR D 359 -20.11 -33.81 -3.79
CA THR D 359 -20.18 -33.22 -5.12
C THR D 359 -21.01 -31.93 -5.12
N GLY D 360 -21.38 -31.46 -3.94
CA GLY D 360 -22.19 -30.27 -3.79
C GLY D 360 -21.58 -28.99 -4.37
N ILE D 361 -20.39 -28.67 -3.88
CA ILE D 361 -19.65 -27.50 -4.36
C ILE D 361 -19.24 -27.71 -5.80
N TYR D 362 -19.00 -28.96 -6.16
CA TYR D 362 -18.57 -29.24 -7.51
C TYR D 362 -19.67 -28.94 -8.55
N PHE D 363 -20.90 -29.34 -8.25
CA PHE D 363 -22.05 -29.08 -9.11
C PHE D 363 -22.28 -27.58 -9.27
N ILE D 364 -22.08 -26.83 -8.19
CA ILE D 364 -22.23 -25.38 -8.24
C ILE D 364 -21.16 -24.81 -9.15
N THR D 365 -19.92 -25.24 -8.92
CA THR D 365 -18.78 -24.86 -9.74
C THR D 365 -18.98 -25.22 -11.22
N ALA D 366 -19.48 -26.42 -11.48
CA ALA D 366 -19.72 -26.85 -12.85
C ALA D 366 -20.85 -26.04 -13.49
N ALA D 367 -21.90 -25.75 -12.73
CA ALA D 367 -23.04 -24.98 -13.26
C ALA D 367 -22.65 -23.55 -13.59
N ILE D 368 -21.85 -22.93 -12.71
CA ILE D 368 -21.37 -21.58 -12.94
C ILE D 368 -20.49 -21.54 -14.18
N TYR D 369 -19.55 -22.47 -14.27
CA TYR D 369 -18.64 -22.54 -15.41
C TYR D 369 -19.41 -22.75 -16.71
N GLN D 370 -20.38 -23.67 -16.68
CA GLN D 370 -21.16 -23.96 -17.88
C GLN D 370 -22.05 -22.80 -18.28
N LEU D 371 -22.47 -22.00 -17.30
CA LEU D 371 -23.27 -20.82 -17.62
C LEU D 371 -22.42 -19.84 -18.43
N THR D 372 -21.18 -19.59 -17.99
CA THR D 372 -20.30 -18.69 -18.74
C THR D 372 -20.02 -19.30 -20.13
N GLN D 373 -19.87 -20.61 -20.19
CA GLN D 373 -19.66 -21.28 -21.48
C GLN D 373 -20.86 -21.13 -22.43
N HIS D 374 -22.05 -20.97 -21.89
CA HIS D 374 -23.26 -20.82 -22.71
C HIS D 374 -23.98 -19.51 -22.42
N PHE D 375 -23.21 -18.48 -22.10
CA PHE D 375 -23.79 -17.21 -21.65
C PHE D 375 -24.65 -16.59 -22.76
N PRO D 376 -25.88 -16.18 -22.43
CA PRO D 376 -26.81 -15.73 -23.47
C PRO D 376 -26.73 -14.25 -23.82
N ASP D 377 -27.36 -13.91 -24.96
CA ASP D 377 -27.85 -12.56 -25.29
C ASP D 377 -29.19 -12.31 -24.62
N ARG D 378 -29.71 -11.11 -24.81
CA ARG D 378 -31.09 -10.83 -24.39
C ARG D 378 -32.10 -11.56 -25.27
N THR D 379 -31.65 -12.14 -26.39
CA THR D 379 -32.55 -12.93 -27.22
C THR D 379 -32.73 -14.34 -26.67
N PHE D 380 -31.81 -14.75 -25.77
CA PHE D 380 -31.88 -16.06 -25.15
C PHE D 380 -32.10 -17.19 -26.15
N ALA D 381 -31.15 -17.34 -27.07
CA ALA D 381 -31.20 -18.41 -28.06
C ALA D 381 -31.37 -19.75 -27.37
N LEU D 382 -32.37 -20.51 -27.81
CA LEU D 382 -32.74 -21.76 -27.16
C LEU D 382 -31.61 -22.78 -27.19
N ALA D 383 -30.76 -22.71 -28.21
CA ALA D 383 -29.66 -23.67 -28.31
C ALA D 383 -28.68 -23.55 -27.14
N LEU D 384 -28.48 -22.34 -26.63
CA LEU D 384 -27.58 -22.12 -25.50
C LEU D 384 -28.15 -22.75 -24.22
N SER D 385 -29.40 -22.48 -23.92
CA SER D 385 -30.01 -23.05 -22.71
C SER D 385 -30.22 -24.57 -22.86
N ASP D 386 -30.51 -25.03 -24.07
CA ASP D 386 -30.69 -26.46 -24.28
C ASP D 386 -29.37 -27.18 -24.03
N ALA D 387 -28.28 -26.63 -24.55
CA ALA D 387 -26.98 -27.23 -24.38
C ALA D 387 -26.61 -27.24 -22.89
N PHE D 388 -26.78 -26.09 -22.24
CA PHE D 388 -26.51 -25.98 -20.81
C PHE D 388 -27.29 -27.04 -20.05
N ASN D 389 -28.58 -27.16 -20.34
CA ASN D 389 -29.43 -28.11 -19.64
C ASN D 389 -28.98 -29.55 -19.86
N HIS D 390 -28.56 -29.86 -21.08
CA HIS D 390 -28.05 -31.18 -21.39
C HIS D 390 -26.81 -31.51 -20.55
N GLU D 391 -25.85 -30.58 -20.50
CA GLU D 391 -24.60 -30.78 -19.75
C GLU D 391 -24.84 -30.99 -18.26
N ILE D 392 -25.73 -30.19 -17.69
CA ILE D 392 -26.07 -30.31 -16.27
C ILE D 392 -26.80 -31.62 -15.96
N GLU D 393 -27.78 -31.93 -16.80
CA GLU D 393 -28.54 -33.16 -16.68
C GLU D 393 -27.62 -34.40 -16.66
N ALA D 394 -26.69 -34.46 -17.60
CA ALA D 394 -25.81 -35.63 -17.74
C ALA D 394 -24.82 -35.72 -16.59
N MET D 395 -24.28 -34.58 -16.17
CA MET D 395 -23.41 -34.52 -15.00
C MET D 395 -24.10 -35.12 -13.79
N PHE D 396 -25.30 -34.62 -13.51
CA PHE D 396 -26.06 -35.09 -12.35
C PHE D 396 -26.41 -36.57 -12.42
N ASP D 397 -26.96 -37.00 -13.55
CA ASP D 397 -27.44 -38.38 -13.67
C ASP D 397 -26.28 -39.38 -13.59
N ASP D 398 -25.13 -38.97 -14.12
CA ASP D 398 -23.91 -39.77 -14.11
C ASP D 398 -23.42 -40.02 -12.68
N THR D 399 -23.35 -38.93 -11.91
CA THR D 399 -22.98 -39.03 -10.50
C THR D 399 -24.04 -39.77 -9.69
N ARG D 400 -25.32 -39.50 -9.97
CA ARG D 400 -26.43 -40.19 -9.31
C ARG D 400 -26.27 -41.71 -9.42
N ASP D 401 -26.14 -42.20 -10.66
CA ASP D 401 -25.95 -43.64 -10.89
C ASP D 401 -24.72 -44.18 -10.17
N PHE D 402 -23.64 -43.41 -10.19
CA PHE D 402 -22.40 -43.79 -9.52
C PHE D 402 -22.58 -43.94 -8.02
N ILE D 403 -23.32 -43.00 -7.41
CA ILE D 403 -23.59 -43.08 -5.98
C ILE D 403 -24.50 -44.28 -5.66
N GLN D 404 -25.51 -44.51 -6.49
CA GLN D 404 -26.37 -45.67 -6.28
C GLN D 404 -25.53 -46.96 -6.23
N ALA D 405 -24.54 -47.02 -7.12
CA ALA D 405 -23.64 -48.18 -7.22
C ALA D 405 -22.94 -48.53 -5.90
N HIS D 406 -22.66 -47.53 -5.07
CA HIS D 406 -22.06 -47.78 -3.76
C HIS D 406 -22.94 -48.69 -2.92
N PHE D 407 -24.24 -48.42 -2.97
CA PHE D 407 -25.20 -49.17 -2.17
C PHE D 407 -25.51 -50.53 -2.83
N TYR D 408 -25.58 -50.53 -4.15
CA TYR D 408 -25.94 -51.73 -4.89
C TYR D 408 -24.85 -52.81 -4.84
N VAL D 409 -23.60 -52.41 -4.98
CA VAL D 409 -22.51 -53.38 -5.04
C VAL D 409 -22.08 -53.85 -3.64
N SER D 410 -22.31 -53.02 -2.61
CA SER D 410 -21.99 -53.42 -1.24
C SER D 410 -22.56 -54.79 -0.91
N PRO D 411 -21.75 -55.67 -0.30
CA PRO D 411 -22.24 -57.02 -0.01
C PRO D 411 -23.21 -57.05 1.18
N ARG D 412 -23.43 -55.91 1.83
CA ARG D 412 -24.19 -55.92 3.09
C ARG D 412 -25.68 -56.19 2.86
N THR D 413 -26.25 -57.02 3.73
CA THR D 413 -27.66 -57.40 3.65
C THR D 413 -28.28 -57.62 5.04
N ASP D 414 -27.71 -57.01 6.05
CA ASP D 414 -28.05 -57.35 7.44
C ASP D 414 -29.14 -56.49 8.10
N THR D 415 -29.61 -55.47 7.39
CA THR D 415 -30.72 -54.64 7.88
C THR D 415 -31.74 -54.43 6.75
N PRO D 416 -32.97 -54.02 7.10
CA PRO D 416 -33.98 -53.72 6.08
C PRO D 416 -33.49 -52.75 5.00
N PHE D 417 -32.66 -51.79 5.39
CA PHE D 417 -32.12 -50.79 4.46
C PHE D 417 -31.14 -51.36 3.44
N TRP D 418 -30.17 -52.16 3.91
CA TRP D 418 -29.15 -52.69 3.00
C TRP D 418 -29.73 -53.70 2.02
N LYS D 419 -30.69 -54.49 2.48
CA LYS D 419 -31.45 -55.37 1.60
C LYS D 419 -32.21 -54.57 0.55
N ALA D 420 -32.93 -53.55 1.01
CA ALA D 420 -33.81 -52.76 0.16
C ALA D 420 -33.07 -52.17 -1.02
N ASN D 421 -31.82 -51.80 -0.81
CA ASN D 421 -30.98 -51.27 -1.87
C ASN D 421 -30.76 -52.29 -2.98
N LYS D 422 -30.69 -53.57 -2.61
CA LYS D 422 -30.48 -54.64 -3.58
C LYS D 422 -31.70 -54.87 -4.45
N ASP D 423 -32.85 -54.39 -3.99
CA ASP D 423 -34.12 -54.62 -4.68
C ASP D 423 -34.43 -53.51 -5.68
N LEU D 424 -33.60 -52.47 -5.68
CA LEU D 424 -33.82 -51.32 -6.55
C LEU D 424 -33.41 -51.62 -7.98
N HIS D 425 -34.12 -51.02 -8.93
CA HIS D 425 -33.76 -51.15 -10.34
C HIS D 425 -32.41 -50.50 -10.57
N LEU D 426 -31.53 -51.23 -11.23
CA LEU D 426 -30.23 -50.72 -11.63
C LEU D 426 -30.30 -50.19 -13.06
N PRO D 427 -29.91 -48.91 -13.25
CA PRO D 427 -29.93 -48.28 -14.59
C PRO D 427 -29.07 -49.05 -15.59
N GLU D 428 -29.56 -49.13 -16.82
CA GLU D 428 -28.92 -49.91 -17.86
C GLU D 428 -27.44 -49.59 -18.03
N GLN D 429 -27.08 -48.32 -18.00
CA GLN D 429 -25.68 -47.96 -18.24
C GLN D 429 -24.76 -48.46 -17.11
N MET D 430 -25.25 -48.49 -15.87
CA MET D 430 -24.42 -49.04 -14.79
C MET D 430 -24.34 -50.58 -14.86
N ARG D 431 -25.44 -51.24 -15.18
CA ARG D 431 -25.41 -52.70 -15.39
C ARG D 431 -24.34 -53.08 -16.40
N GLU D 432 -24.32 -52.38 -17.52
CA GLU D 432 -23.31 -52.55 -18.57
C GLU D 432 -21.90 -52.30 -18.04
N LYS D 433 -21.72 -51.21 -17.29
CA LYS D 433 -20.43 -50.94 -16.65
C LYS D 433 -19.95 -52.09 -15.75
N ILE D 434 -20.84 -52.58 -14.90
CA ILE D 434 -20.54 -53.71 -14.02
C ILE D 434 -20.10 -54.94 -14.82
N ALA D 435 -20.81 -55.22 -15.91
CA ALA D 435 -20.45 -56.36 -16.76
C ALA D 435 -19.09 -56.13 -17.39
N MET D 436 -18.82 -54.90 -17.81
CA MET D 436 -17.51 -54.57 -18.39
C MET D 436 -16.38 -54.77 -17.38
N TYR D 437 -16.60 -54.30 -16.16
CA TYR D 437 -15.63 -54.40 -15.09
C TYR D 437 -15.32 -55.87 -14.81
N LYS D 438 -16.36 -56.67 -14.68
CA LYS D 438 -16.22 -58.09 -14.42
C LYS D 438 -15.44 -58.81 -15.54
N ALA D 439 -15.59 -58.33 -16.78
CA ALA D 439 -14.91 -58.95 -17.92
C ALA D 439 -13.46 -58.46 -18.07
N GLY D 440 -13.06 -57.52 -17.21
CA GLY D 440 -11.69 -57.05 -17.18
C GLY D 440 -11.42 -55.73 -17.90
N LEU D 441 -12.46 -55.16 -18.50
CA LEU D 441 -12.36 -53.90 -19.24
C LEU D 441 -12.17 -52.70 -18.32
N PRO D 442 -11.44 -51.68 -18.79
CA PRO D 442 -11.47 -50.42 -18.06
C PRO D 442 -12.84 -49.75 -18.21
N ILE D 443 -13.22 -48.93 -17.25
CA ILE D 443 -14.43 -48.13 -17.34
C ILE D 443 -13.98 -46.69 -17.35
N ASN D 444 -14.25 -45.94 -18.42
CA ASN D 444 -13.86 -44.52 -18.45
C ASN D 444 -12.37 -44.32 -18.19
N ALA D 445 -11.52 -45.08 -18.89
CA ALA D 445 -10.08 -44.90 -18.74
C ALA D 445 -9.69 -43.47 -19.15
N PRO D 446 -8.74 -42.86 -18.42
CA PRO D 446 -8.28 -41.51 -18.79
C PRO D 446 -7.43 -41.53 -20.05
N VAL D 447 -7.63 -40.55 -20.93
CA VAL D 447 -6.83 -40.42 -22.14
C VAL D 447 -5.64 -39.50 -21.89
N THR D 448 -5.85 -38.50 -21.03
CA THR D 448 -4.85 -37.47 -20.79
C THR D 448 -4.04 -37.77 -19.54
N ASP D 449 -2.90 -37.13 -19.41
CA ASP D 449 -2.14 -37.25 -18.16
C ASP D 449 -2.77 -36.35 -17.10
N GLU D 450 -2.24 -36.44 -15.89
CA GLU D 450 -2.84 -35.78 -14.75
C GLU D 450 -2.80 -34.26 -14.86
N SER D 451 -1.71 -33.73 -15.39
CA SER D 451 -1.53 -32.28 -15.46
C SER D 451 -2.57 -31.66 -16.40
N THR D 452 -2.85 -32.35 -17.50
CA THR D 452 -3.89 -31.91 -18.42
C THR D 452 -5.28 -32.04 -17.79
N TYR D 453 -5.53 -33.19 -17.16
CA TYR D 453 -6.82 -33.50 -16.55
C TYR D 453 -7.24 -32.45 -15.51
N TYR D 454 -6.30 -32.06 -14.65
CA TYR D 454 -6.57 -31.06 -13.63
C TYR D 454 -6.25 -29.64 -14.12
N GLY D 455 -5.64 -29.54 -15.30
CA GLY D 455 -5.30 -28.25 -15.85
C GLY D 455 -6.44 -27.66 -16.67
N ARG D 456 -7.27 -28.52 -17.23
CA ARG D 456 -8.37 -28.07 -18.09
C ARG D 456 -9.70 -28.63 -17.60
N PHE D 457 -10.57 -27.76 -17.10
CA PHE D 457 -11.80 -28.23 -16.46
C PHE D 457 -12.69 -29.04 -17.41
N GLU D 458 -12.78 -28.65 -18.67
CA GLU D 458 -13.63 -29.42 -19.57
C GLU D 458 -13.06 -30.81 -19.83
N ALA D 459 -11.75 -31.01 -19.69
CA ALA D 459 -11.18 -32.35 -19.85
C ALA D 459 -11.71 -33.29 -18.76
N GLU D 460 -11.69 -32.82 -17.52
CA GLU D 460 -12.24 -33.57 -16.41
C GLU D 460 -13.76 -33.71 -16.51
N PHE D 461 -14.42 -32.63 -16.95
CA PHE D 461 -15.89 -32.62 -17.05
C PHE D 461 -16.38 -33.70 -18.00
N ARG D 462 -15.57 -34.01 -19.01
CA ARG D 462 -15.89 -35.06 -19.98
C ARG D 462 -15.53 -36.46 -19.48
N ASN D 463 -14.83 -36.54 -18.36
CA ASN D 463 -14.39 -37.83 -17.85
C ASN D 463 -14.23 -37.75 -16.34
N PHE D 464 -15.33 -37.47 -15.65
CA PHE D 464 -15.25 -37.11 -14.24
C PHE D 464 -14.99 -38.35 -13.36
N TRP D 465 -15.80 -39.39 -13.49
CA TRP D 465 -15.54 -40.63 -12.75
C TRP D 465 -14.73 -41.56 -13.64
N THR D 466 -13.41 -41.59 -13.41
CA THR D 466 -12.51 -42.37 -14.24
C THR D 466 -12.42 -43.81 -13.77
N ASN D 467 -11.65 -44.60 -14.52
CA ASN D 467 -11.44 -45.98 -14.20
C ASN D 467 -10.94 -46.20 -12.79
N GLY D 468 -10.04 -45.32 -12.35
CA GLY D 468 -9.52 -45.39 -10.99
C GLY D 468 -10.65 -45.34 -9.97
N SER D 469 -11.59 -44.41 -10.14
CA SER D 469 -12.70 -44.30 -9.21
C SER D 469 -13.59 -45.53 -9.23
N TYR D 470 -13.81 -46.10 -10.40
CA TYR D 470 -14.65 -47.29 -10.48
C TYR D 470 -13.99 -48.48 -9.78
N TYR D 471 -12.67 -48.59 -9.89
CA TYR D 471 -11.98 -49.63 -9.15
C TYR D 471 -12.00 -49.35 -7.65
N CYS D 472 -11.84 -48.08 -7.26
CA CYS D 472 -11.86 -47.74 -5.84
C CYS D 472 -13.12 -48.24 -5.15
N ILE D 473 -14.25 -48.04 -5.81
CA ILE D 473 -15.53 -48.34 -5.20
C ILE D 473 -15.86 -49.82 -5.34
N PHE D 474 -15.79 -50.37 -6.55
CA PHE D 474 -16.12 -51.79 -6.75
C PHE D 474 -15.14 -52.70 -5.99
N ALA D 475 -13.84 -52.49 -6.19
CA ALA D 475 -12.86 -53.35 -5.54
C ALA D 475 -12.86 -53.12 -4.03
N GLY D 476 -13.13 -51.88 -3.64
CA GLY D 476 -13.24 -51.54 -2.23
C GLY D 476 -14.40 -52.29 -1.61
N LEU D 477 -15.48 -52.44 -2.37
CA LEU D 477 -16.65 -53.15 -1.85
C LEU D 477 -16.56 -54.67 -2.02
N GLY D 478 -15.43 -55.17 -2.54
CA GLY D 478 -15.21 -56.60 -2.66
C GLY D 478 -15.41 -57.18 -4.04
N LEU D 479 -15.92 -56.36 -4.96
CA LEU D 479 -16.20 -56.84 -6.30
C LEU D 479 -14.95 -56.74 -7.18
N ARG D 480 -14.46 -57.89 -7.63
CA ARG D 480 -13.29 -57.96 -8.51
C ARG D 480 -13.65 -58.53 -9.88
N PRO D 481 -12.84 -58.22 -10.92
CA PRO D 481 -13.09 -58.81 -12.25
C PRO D 481 -13.07 -60.33 -12.24
N ASP D 482 -13.88 -60.95 -13.09
CA ASP D 482 -13.98 -62.41 -13.18
C ASP D 482 -12.68 -63.04 -13.66
N ASN D 483 -11.87 -62.23 -14.30
CA ASN D 483 -10.64 -62.68 -14.92
C ASN D 483 -9.88 -61.45 -15.34
N PRO D 484 -8.56 -61.58 -15.57
CA PRO D 484 -7.84 -60.41 -16.08
C PRO D 484 -8.30 -60.03 -17.48
N LEU D 485 -7.97 -58.81 -17.88
CA LEU D 485 -8.13 -58.41 -19.27
C LEU D 485 -7.42 -59.46 -20.13
N PRO D 486 -8.18 -60.18 -20.98
CA PRO D 486 -7.64 -61.31 -21.74
C PRO D 486 -6.38 -61.00 -22.55
N MET D 487 -6.24 -59.80 -23.09
CA MET D 487 -5.03 -59.44 -23.83
C MET D 487 -3.77 -59.59 -22.98
N LEU D 488 -3.89 -59.31 -21.68
CA LEU D 488 -2.73 -59.41 -20.78
C LEU D 488 -2.11 -60.81 -20.71
N ARG D 489 -2.91 -61.85 -20.92
CA ARG D 489 -2.37 -63.21 -20.92
C ARG D 489 -1.41 -63.45 -22.10
N HIS D 490 -1.49 -62.56 -23.10
CA HIS D 490 -0.68 -62.67 -24.32
C HIS D 490 0.60 -61.83 -24.23
N ARG D 491 0.71 -61.03 -23.18
CA ARG D 491 1.82 -60.08 -23.06
C ARG D 491 2.58 -60.26 -21.75
N PRO D 492 3.25 -61.41 -21.57
CA PRO D 492 3.88 -61.69 -20.27
C PRO D 492 5.01 -60.74 -19.92
N GLU D 493 5.71 -60.25 -20.95
CA GLU D 493 6.82 -59.32 -20.76
C GLU D 493 6.31 -57.96 -20.31
N GLN D 494 5.16 -57.56 -20.87
CA GLN D 494 4.52 -56.31 -20.51
C GLN D 494 4.10 -56.35 -19.05
N VAL D 495 3.42 -57.42 -18.66
CA VAL D 495 3.00 -57.61 -17.28
C VAL D 495 4.20 -57.62 -16.33
N ARG D 496 5.29 -58.25 -16.79
CA ARG D 496 6.53 -58.28 -16.01
C ARG D 496 7.05 -56.86 -15.77
N GLU D 497 7.25 -56.12 -16.86
CA GLU D 497 7.74 -54.74 -16.79
C GLU D 497 6.87 -53.83 -15.92
N ALA D 498 5.56 -54.10 -15.90
CA ALA D 498 4.63 -53.24 -15.18
C ALA D 498 4.68 -53.44 -13.66
N GLN D 499 5.31 -54.52 -13.20
CA GLN D 499 5.38 -54.75 -11.76
C GLN D 499 6.19 -53.65 -11.10
N ALA D 500 7.05 -53.01 -11.89
CA ALA D 500 7.88 -51.92 -11.38
C ALA D 500 7.03 -50.78 -10.86
N LEU D 501 5.79 -50.65 -11.35
CA LEU D 501 4.89 -49.59 -10.91
C LEU D 501 4.49 -49.80 -9.45
N PHE D 502 4.22 -51.05 -9.08
CA PHE D 502 3.86 -51.36 -7.70
C PHE D 502 5.02 -51.08 -6.75
N ALA D 503 6.23 -51.33 -7.22
CA ALA D 503 7.45 -51.01 -6.48
C ALA D 503 7.56 -49.51 -6.26
N GLY D 504 7.24 -48.74 -7.29
CA GLY D 504 7.25 -47.30 -7.21
C GLY D 504 6.28 -46.77 -6.17
N VAL D 505 5.06 -47.30 -6.19
CA VAL D 505 4.06 -46.95 -5.18
C VAL D 505 4.54 -47.32 -3.78
N LYS D 506 5.18 -48.48 -3.64
CA LYS D 506 5.71 -48.89 -2.33
C LYS D 506 6.80 -47.95 -1.84
N ASP D 507 7.72 -47.58 -2.73
CA ASP D 507 8.80 -46.66 -2.38
C ASP D 507 8.25 -45.29 -2.04
N LYS D 508 7.19 -44.90 -2.75
CA LYS D 508 6.52 -43.63 -2.49
C LYS D 508 5.79 -43.67 -1.15
N GLN D 509 5.12 -44.79 -0.89
CA GLN D 509 4.40 -44.96 0.37
C GLN D 509 5.34 -44.79 1.54
N ARG D 510 6.56 -45.31 1.41
CA ARG D 510 7.58 -45.14 2.43
C ARG D 510 8.08 -43.70 2.51
N GLU D 511 8.48 -43.15 1.36
CA GLU D 511 9.01 -41.80 1.28
C GLU D 511 8.11 -40.78 1.94
N LEU D 512 6.81 -40.88 1.66
CA LEU D 512 5.84 -39.89 2.14
C LEU D 512 5.64 -39.92 3.67
N VAL D 513 5.50 -41.10 4.26
CA VAL D 513 5.28 -41.17 5.70
C VAL D 513 6.51 -40.68 6.47
N GLU D 514 7.66 -40.66 5.81
CA GLU D 514 8.92 -40.33 6.46
C GLU D 514 9.44 -38.91 6.20
N THR D 515 8.87 -38.21 5.21
CA THR D 515 9.33 -36.86 4.90
C THR D 515 8.23 -35.80 5.04
N LEU D 516 6.98 -36.20 4.85
CA LEU D 516 5.85 -35.27 4.96
C LEU D 516 5.59 -34.89 6.40
N PRO D 517 5.20 -33.61 6.64
CA PRO D 517 4.73 -33.17 7.94
C PRO D 517 3.37 -33.77 8.27
N SER D 518 3.01 -33.79 9.56
CA SER D 518 1.69 -34.23 9.94
C SER D 518 0.65 -33.24 9.42
N ASN D 519 -0.57 -33.71 9.21
CA ASN D 519 -1.67 -32.83 8.79
C ASN D 519 -1.85 -31.72 9.82
N LEU D 520 -1.73 -32.08 11.09
CA LEU D 520 -1.85 -31.15 12.20
C LEU D 520 -0.79 -30.05 12.15
N GLU D 521 0.46 -30.45 11.99
CA GLU D 521 1.59 -29.52 11.91
C GLU D 521 1.42 -28.47 10.81
N PHE D 522 0.93 -28.90 9.65
CA PHE D 522 0.71 -27.99 8.54
C PHE D 522 -0.45 -27.03 8.82
N LEU D 523 -1.54 -27.57 9.35
CA LEU D 523 -2.73 -26.78 9.65
C LEU D 523 -2.46 -25.71 10.70
N ARG D 524 -1.62 -26.02 11.68
CA ARG D 524 -1.31 -25.05 12.73
C ARG D 524 -0.41 -23.95 12.18
N SER D 525 0.52 -24.32 11.31
CA SER D 525 1.37 -23.32 10.65
C SER D 525 0.54 -22.40 9.77
N LEU D 526 -0.38 -22.98 9.00
CA LEU D 526 -1.25 -22.23 8.11
C LEU D 526 -2.18 -21.29 8.88
N HIS D 527 -2.91 -21.84 9.85
CA HIS D 527 -3.85 -21.05 10.65
C HIS D 527 -3.15 -20.33 11.80
N TRP E . 40.67 8.71 16.66
CA TRP E . 39.78 7.57 16.48
C TRP E . 38.82 7.46 17.67
O TRP E . 37.61 7.53 17.49
CB TRP E . 40.58 6.29 16.31
CG TRP E . 39.82 4.98 16.25
CD1 TRP E . 39.69 4.06 17.25
CD2 TRP E . 39.15 4.42 15.11
NE1 TRP E . 38.97 2.98 16.82
CE2 TRP E . 38.62 3.17 15.50
CE3 TRP E . 38.94 4.86 13.79
CZ2 TRP E . 37.91 2.35 14.62
CZ3 TRP E . 38.22 4.05 12.93
CH2 TRP E . 37.71 2.81 13.35
OXT TRP E . 39.21 7.28 18.83
S SO4 F . 59.86 5.72 3.30
O1 SO4 F . 59.22 6.48 4.36
O2 SO4 F . 60.34 4.43 3.80
O3 SO4 F . 58.92 5.49 2.22
O4 SO4 F . 61.01 6.46 2.79
S SO4 G . 35.83 -20.99 -2.62
O1 SO4 G . 34.46 -20.48 -2.61
O2 SO4 G . 35.82 -22.24 -1.87
O3 SO4 G . 36.73 -20.02 -2.00
O4 SO4 G . 36.28 -21.21 -4.01
S SO4 H . 17.39 -9.28 24.16
O1 SO4 H . 16.32 -8.72 23.34
O2 SO4 H . 17.00 -10.60 24.64
O3 SO4 H . 17.65 -8.38 25.29
O4 SO4 H . 18.61 -9.40 23.36
S SO4 I . 32.72 12.87 27.21
O1 SO4 I . 31.40 12.27 27.05
O2 SO4 I . 32.63 13.97 28.16
O3 SO4 I . 33.66 11.87 27.71
O4 SO4 I . 33.19 13.37 25.92
S SO4 J . 20.80 13.13 21.31
O1 SO4 J . 19.55 13.89 21.37
O2 SO4 J . 20.53 11.84 20.68
O3 SO4 J . 21.32 12.91 22.66
O4 SO4 J . 21.80 13.86 20.54
S SO4 K . 47.21 -15.32 20.41
O1 SO4 K . 47.91 -16.49 20.94
O2 SO4 K . 45.79 -15.63 20.26
O3 SO4 K . 47.79 -14.97 19.12
O4 SO4 K . 47.36 -14.20 21.33
S SO4 L . 61.25 -2.75 2.68
O1 SO4 L . 60.10 -1.93 3.01
O2 SO4 L . 61.00 -4.10 3.17
O3 SO4 L . 61.47 -2.79 1.24
O4 SO4 L . 62.44 -2.19 3.32
S SO4 M . 32.23 12.43 -2.28
O1 SO4 M . 31.07 13.15 -1.75
O2 SO4 M . 31.93 11.00 -2.22
O3 SO4 M . 32.46 12.84 -3.66
O4 SO4 M . 33.44 12.71 -1.53
N TRP N . 0.59 14.94 -41.65
CA TRP N . -0.17 15.14 -40.42
C TRP N . -1.24 14.06 -40.29
O TRP N . -1.23 13.28 -39.34
CB TRP N . -0.79 16.54 -40.39
CG TRP N . -1.68 16.89 -39.20
CD1 TRP N . -3.03 17.00 -39.22
CD2 TRP N . -1.26 17.25 -37.88
NE1 TRP N . -3.50 17.37 -37.98
CE2 TRP N . -2.43 17.52 -37.14
CE3 TRP N . -0.02 17.34 -37.24
CZ2 TRP N . -2.40 17.91 -35.79
CZ3 TRP N . 0.01 17.72 -35.90
CH2 TRP N . -1.17 18.00 -35.20
OXT TRP N . -2.13 13.94 -41.13
S SO4 O . 32.57 20.44 -43.02
O1 SO4 O . 31.83 19.40 -43.74
O2 SO4 O . 31.92 20.71 -41.74
O3 SO4 O . 33.93 19.98 -42.77
O4 SO4 O . 32.61 21.66 -43.82
S SO4 P . 11.50 35.23 -46.91
O1 SO4 P . 11.64 35.01 -45.48
O2 SO4 P . 11.22 33.97 -47.57
O3 SO4 P . 12.73 35.80 -47.44
O4 SO4 P . 10.41 36.17 -47.14
S SO4 Q . -20.54 7.41 -21.30
O1 SO4 Q . -20.84 6.01 -21.55
O2 SO4 Q . -21.55 7.98 -20.41
O3 SO4 Q . -20.55 8.14 -22.56
O4 SO4 Q . -19.22 7.54 -20.69
S SO4 R . -6.05 2.59 -43.02
O1 SO4 R . -6.68 1.29 -43.24
O2 SO4 R . -6.38 3.07 -41.67
O3 SO4 R . -6.56 3.56 -44.00
O4 SO4 R . -4.61 2.49 -43.14
S SO4 S . -3.05 -3.63 -31.12
O1 SO4 S . -4.34 -3.08 -30.75
O2 SO4 S . -3.12 -5.09 -31.08
O3 SO4 S . -2.67 -3.19 -32.46
O4 SO4 S . -2.03 -3.18 -30.18
S SO4 T . -17.61 30.62 -37.92
O1 SO4 T . -18.81 29.80 -37.83
O2 SO4 T . -16.71 30.26 -36.83
O3 SO4 T . -16.94 30.37 -39.20
O4 SO4 T . -17.98 32.03 -37.81
S SO4 U . 15.24 14.76 -26.70
O1 SO4 U . 14.97 15.57 -25.52
O2 SO4 U . 15.44 13.37 -26.30
O3 SO4 U . 14.10 14.88 -27.61
O4 SO4 U . 16.44 15.26 -27.37
S SO4 V . 6.51 41.55 -44.24
O1 SO4 V . 5.42 42.49 -44.49
O2 SO4 V . 6.01 40.42 -43.45
O3 SO4 V . 7.06 41.07 -45.51
O4 SO4 V . 7.58 42.23 -43.49
N TRP W . -18.05 18.22 29.63
CA TRP W . -19.18 18.15 28.69
C TRP W . -18.84 18.73 27.32
O TRP W . -18.85 18.02 26.31
CB TRP W . -20.39 18.85 29.28
CG TRP W . -21.68 18.71 28.49
CD1 TRP W . -22.37 19.71 27.86
CD2 TRP W . -22.42 17.50 28.25
NE1 TRP W . -23.50 19.21 27.26
CE2 TRP W . -23.55 17.86 27.48
CE3 TRP W . -22.24 16.15 28.60
CZ2 TRP W . -24.50 16.91 27.06
CZ3 TRP W . -23.18 15.23 28.19
CH2 TRP W . -24.30 15.61 27.42
OXT TRP W . -18.56 19.92 27.17
S SO4 X . -6.38 -3.91 50.38
O1 SO4 X . -7.72 -4.47 50.59
O2 SO4 X . -5.46 -4.42 51.39
O3 SO4 X . -5.91 -4.29 49.05
O4 SO4 X . -6.43 -2.45 50.48
S SO4 Y . -10.00 23.92 18.58
O1 SO4 Y . -11.17 24.77 18.80
O2 SO4 Y . -9.77 23.08 19.76
O3 SO4 Y . -8.83 24.75 18.35
O4 SO4 Y . -10.23 23.07 17.42
S SO4 Z . -32.25 20.89 2.43
O1 SO4 Z . -33.39 20.21 3.04
O2 SO4 Z . -31.88 22.04 3.24
O3 SO4 Z . -32.62 21.33 1.09
O4 SO4 Z . -31.13 19.96 2.37
S SO4 AA . -39.78 29.29 30.17
O1 SO4 AA . -40.06 28.07 29.41
O2 SO4 AA . -39.87 29.00 31.60
O3 SO4 AA . -40.77 30.30 29.84
O4 SO4 AA . -38.45 29.77 29.84
S SO4 BA . -18.86 -2.74 29.23
O1 SO4 BA . -20.28 -2.76 28.90
O2 SO4 BA . -18.51 -3.95 29.98
O3 SO4 BA . -18.09 -2.69 28.00
O4 SO4 BA . -18.57 -1.58 30.06
N TRP CA . -12.81 -35.92 -11.14
CA TRP CA . -12.51 -36.22 -9.73
C TRP CA . -11.06 -35.83 -9.42
O TRP CA . -10.81 -34.99 -8.56
CB TRP CA . -12.76 -37.70 -9.45
CG TRP CA . -12.52 -38.15 -8.03
CD1 TRP CA . -11.51 -38.96 -7.59
CD2 TRP CA . -13.33 -37.86 -6.88
NE1 TRP CA . -11.63 -39.17 -6.23
CE2 TRP CA . -12.75 -38.52 -5.78
CE3 TRP CA . -14.49 -37.11 -6.68
CZ2 TRP CA . -13.28 -38.44 -4.49
CZ3 TRP CA . -15.03 -37.04 -5.41
CH2 TRP CA . -14.42 -37.70 -4.33
OXT TRP CA . -10.12 -36.36 -10.00
S SO4 DA . -40.69 -23.16 -22.10
O1 SO4 DA . -41.85 -22.74 -22.89
O2 SO4 DA . -41.15 -23.84 -20.90
O3 SO4 DA . -39.86 -24.05 -22.89
O4 SO4 DA . -39.88 -21.99 -21.73
S SO4 EA . -32.73 -47.36 -17.34
O1 SO4 EA . -32.46 -48.78 -17.16
O2 SO4 EA . -32.97 -46.73 -16.04
O3 SO4 EA . -33.91 -47.19 -18.18
O4 SO4 EA . -31.58 -46.73 -18.00
S SO4 FA . 0.27 -29.60 -12.22
O1 SO4 FA . -0.90 -30.48 -12.09
O2 SO4 FA . 0.08 -28.42 -11.40
O3 SO4 FA . 0.42 -29.20 -13.62
O4 SO4 FA . 1.46 -30.32 -11.78
S SO4 GA . -11.35 -63.33 -2.57
O1 SO4 GA . -11.30 -62.83 -1.20
O2 SO4 GA . -11.63 -64.77 -2.54
O3 SO4 GA . -12.41 -62.66 -3.30
O4 SO4 GA . -10.06 -63.10 -3.23
S SO4 HA . -9.67 -57.67 0.05
O1 SO4 HA . -11.03 -57.90 -0.44
O2 SO4 HA . -9.71 -57.39 1.48
O3 SO4 HA . -9.08 -56.54 -0.66
O4 SO4 HA . -8.88 -58.88 -0.19
S SO4 IA . -27.37 -23.59 -1.79
O1 SO4 IA . -28.66 -23.07 -2.22
O2 SO4 IA . -27.53 -24.33 -0.56
O3 SO4 IA . -26.84 -24.44 -2.84
O4 SO4 IA . -26.44 -22.48 -1.54
#